data_2OYP
# 
_entry.id   2OYP 
# 
_audit_conform.dict_name       mmcif_pdbx.dic 
_audit_conform.dict_version    5.398 
_audit_conform.dict_location   http://mmcif.pdb.org/dictionaries/ascii/mmcif_pdbx.dic 
# 
loop_
_database_2.database_id 
_database_2.database_code 
_database_2.pdbx_database_accession 
_database_2.pdbx_DOI 
PDB   2OYP         pdb_00002oyp 10.2210/pdb2oyp/pdb 
RCSB  RCSB041749   ?            ?                   
WWPDB D_1000041749 ?            ?                   
# 
loop_
_pdbx_audit_revision_history.ordinal 
_pdbx_audit_revision_history.data_content_type 
_pdbx_audit_revision_history.major_revision 
_pdbx_audit_revision_history.minor_revision 
_pdbx_audit_revision_history.revision_date 
1 'Structure model' 1 0 2007-04-10 
2 'Structure model' 1 1 2008-05-01 
3 'Structure model' 1 2 2011-07-13 
4 'Structure model' 1 3 2013-11-13 
5 'Structure model' 1 4 2017-10-18 
6 'Structure model' 1 5 2023-08-30 
7 'Structure model' 1 6 2024-10-30 
# 
_pdbx_audit_revision_details.ordinal             1 
_pdbx_audit_revision_details.revision_ordinal    1 
_pdbx_audit_revision_details.data_content_type   'Structure model' 
_pdbx_audit_revision_details.provider            repository 
_pdbx_audit_revision_details.type                'Initial release' 
_pdbx_audit_revision_details.description         ? 
_pdbx_audit_revision_details.details             ? 
# 
loop_
_pdbx_audit_revision_group.ordinal 
_pdbx_audit_revision_group.revision_ordinal 
_pdbx_audit_revision_group.data_content_type 
_pdbx_audit_revision_group.group 
1 2 'Structure model' 'Version format compliance' 
2 3 'Structure model' 'Version format compliance' 
3 4 'Structure model' 'Database references'       
4 5 'Structure model' 'Refinement description'    
5 6 'Structure model' 'Data collection'           
6 6 'Structure model' 'Database references'       
7 6 'Structure model' 'Derived calculations'      
8 6 'Structure model' 'Refinement description'    
9 7 'Structure model' 'Structure summary'         
# 
loop_
_pdbx_audit_revision_category.ordinal 
_pdbx_audit_revision_category.revision_ordinal 
_pdbx_audit_revision_category.data_content_type 
_pdbx_audit_revision_category.category 
1 5 'Structure model' software                      
2 6 'Structure model' chem_comp_atom                
3 6 'Structure model' chem_comp_bond                
4 6 'Structure model' database_2                    
5 6 'Structure model' pdbx_initial_refinement_model 
6 6 'Structure model' struct_ref_seq_dif            
7 6 'Structure model' struct_site                   
8 7 'Structure model' pdbx_entry_details            
9 7 'Structure model' pdbx_modification_feature     
# 
loop_
_pdbx_audit_revision_item.ordinal 
_pdbx_audit_revision_item.revision_ordinal 
_pdbx_audit_revision_item.data_content_type 
_pdbx_audit_revision_item.item 
1  5 'Structure model' '_software.classification'            
2  5 'Structure model' '_software.contact_author'            
3  5 'Structure model' '_software.contact_author_email'      
4  5 'Structure model' '_software.date'                      
5  5 'Structure model' '_software.language'                  
6  5 'Structure model' '_software.location'                  
7  5 'Structure model' '_software.name'                      
8  5 'Structure model' '_software.type'                      
9  5 'Structure model' '_software.version'                   
10 6 'Structure model' '_database_2.pdbx_DOI'                
11 6 'Structure model' '_database_2.pdbx_database_accession' 
12 6 'Structure model' '_struct_ref_seq_dif.details'         
13 6 'Structure model' '_struct_site.pdbx_auth_asym_id'      
14 6 'Structure model' '_struct_site.pdbx_auth_comp_id'      
15 6 'Structure model' '_struct_site.pdbx_auth_seq_id'       
# 
_pdbx_database_status.entry_id                        2OYP 
_pdbx_database_status.status_code                     REL 
_pdbx_database_status.status_code_sf                  REL 
_pdbx_database_status.deposit_site                    RCSB 
_pdbx_database_status.process_site                    RCSB 
_pdbx_database_status.recvd_initial_deposition_date   2007-02-22 
_pdbx_database_status.SG_entry                        N 
_pdbx_database_status.status_code_mr                  ? 
_pdbx_database_status.status_code_cs                  ? 
_pdbx_database_status.pdb_format_compatible           Y 
_pdbx_database_status.methods_development_category    ? 
_pdbx_database_status.status_code_nmr_data            ? 
# 
loop_
_audit_author.name 
_audit_author.pdbx_ordinal 
'Cao, E.'         1 
'Ramagopal, U.A.' 2 
'Fedorov, A.A.'   3 
'Fedorov, E.V.'   4 
'Nathenson, S.G.' 5 
'Almo, S.C.'      6 
# 
_citation.id                        primary 
_citation.title                     
'T cell immunoglobulin mucin-3 crystal structure reveals a galectin-9-independent ligand-binding surface' 
_citation.journal_abbrev            Immunity 
_citation.journal_volume            26 
_citation.page_first                311 
_citation.page_last                 321 
_citation.year                      2007 
_citation.journal_id_ASTM           IUNIEH 
_citation.country                   US 
_citation.journal_id_ISSN           1074-7613 
_citation.journal_id_CSD            2048 
_citation.book_publisher            ? 
_citation.pdbx_database_id_PubMed   17363302 
_citation.pdbx_database_id_DOI      10.1016/j.immuni.2007.01.016 
# 
loop_
_citation_author.citation_id 
_citation_author.name 
_citation_author.ordinal 
_citation_author.identifier_ORCID 
primary 'Cao, E.'          1  ? 
primary 'Zang, X.'         2  ? 
primary 'Ramagopal, U.A.'  3  ? 
primary 'Mukhopadhaya, A.' 4  ? 
primary 'Fedorov, A.A.'    5  ? 
primary 'Fedorov, E.V.'    6  ? 
primary 'Zencheck, W.D.'   7  ? 
primary 'Lary, J.W.'       8  ? 
primary 'Cole, J.L.'       9  ? 
primary 'Deng, H.'         10 ? 
primary 'Xiao, H.'         11 ? 
primary 'Dilorenzo, T.P.'  12 ? 
primary 'Allison, J.P.'    13 ? 
primary 'Nathenson, S.G.'  14 ? 
primary 'Almo, S.C.'       15 ? 
# 
loop_
_entity.id 
_entity.type 
_entity.src_method 
_entity.pdbx_description 
_entity.formula_weight 
_entity.pdbx_number_of_molecules 
_entity.pdbx_ec 
_entity.pdbx_mutation 
_entity.pdbx_fragment 
_entity.details 
1 polymer     man 'Hepatitis A virus cellular receptor 2' 12418.342 1  ? ? 'Immunoglobulin V-set' ? 
2 non-polymer syn 'SULFATE ION'                           96.063    1  ? ? ?                      ? 
3 water       nat water                                   18.015    96 ? ? ?                      ? 
# 
_entity_poly.entity_id                      1 
_entity_poly.type                           'polypeptide(L)' 
_entity_poly.nstd_linkage                   no 
_entity_poly.nstd_monomer                   no 
_entity_poly.pdbx_seq_one_letter_code       
;MDGYKVEVGKNAYLPCSYTLPTSGTLVPMCWGKGFCPWSQCTNELLRTDERNVTYQKSSRYQLKGDLNKGDVSLIIKNVT
LDDHGTYCCRIQFPGLMNDKKLELKLDIK
;
_entity_poly.pdbx_seq_one_letter_code_can   
;MDGYKVEVGKNAYLPCSYTLPTSGTLVPMCWGKGFCPWSQCTNELLRTDERNVTYQKSSRYQLKGDLNKGDVSLIIKNVT
LDDHGTYCCRIQFPGLMNDKKLELKLDIK
;
_entity_poly.pdbx_strand_id                 A 
_entity_poly.pdbx_target_identifier         ? 
# 
loop_
_pdbx_entity_nonpoly.entity_id 
_pdbx_entity_nonpoly.name 
_pdbx_entity_nonpoly.comp_id 
2 'SULFATE ION' SO4 
3 water         HOH 
# 
loop_
_entity_poly_seq.entity_id 
_entity_poly_seq.num 
_entity_poly_seq.mon_id 
_entity_poly_seq.hetero 
1 1   MET n 
1 2   ASP n 
1 3   GLY n 
1 4   TYR n 
1 5   LYS n 
1 6   VAL n 
1 7   GLU n 
1 8   VAL n 
1 9   GLY n 
1 10  LYS n 
1 11  ASN n 
1 12  ALA n 
1 13  TYR n 
1 14  LEU n 
1 15  PRO n 
1 16  CYS n 
1 17  SER n 
1 18  TYR n 
1 19  THR n 
1 20  LEU n 
1 21  PRO n 
1 22  THR n 
1 23  SER n 
1 24  GLY n 
1 25  THR n 
1 26  LEU n 
1 27  VAL n 
1 28  PRO n 
1 29  MET n 
1 30  CYS n 
1 31  TRP n 
1 32  GLY n 
1 33  LYS n 
1 34  GLY n 
1 35  PHE n 
1 36  CYS n 
1 37  PRO n 
1 38  TRP n 
1 39  SER n 
1 40  GLN n 
1 41  CYS n 
1 42  THR n 
1 43  ASN n 
1 44  GLU n 
1 45  LEU n 
1 46  LEU n 
1 47  ARG n 
1 48  THR n 
1 49  ASP n 
1 50  GLU n 
1 51  ARG n 
1 52  ASN n 
1 53  VAL n 
1 54  THR n 
1 55  TYR n 
1 56  GLN n 
1 57  LYS n 
1 58  SER n 
1 59  SER n 
1 60  ARG n 
1 61  TYR n 
1 62  GLN n 
1 63  LEU n 
1 64  LYS n 
1 65  GLY n 
1 66  ASP n 
1 67  LEU n 
1 68  ASN n 
1 69  LYS n 
1 70  GLY n 
1 71  ASP n 
1 72  VAL n 
1 73  SER n 
1 74  LEU n 
1 75  ILE n 
1 76  ILE n 
1 77  LYS n 
1 78  ASN n 
1 79  VAL n 
1 80  THR n 
1 81  LEU n 
1 82  ASP n 
1 83  ASP n 
1 84  HIS n 
1 85  GLY n 
1 86  THR n 
1 87  TYR n 
1 88  CYS n 
1 89  CYS n 
1 90  ARG n 
1 91  ILE n 
1 92  GLN n 
1 93  PHE n 
1 94  PRO n 
1 95  GLY n 
1 96  LEU n 
1 97  MET n 
1 98  ASN n 
1 99  ASP n 
1 100 LYS n 
1 101 LYS n 
1 102 LEU n 
1 103 GLU n 
1 104 LEU n 
1 105 LYS n 
1 106 LEU n 
1 107 ASP n 
1 108 ILE n 
1 109 LYS n 
# 
_entity_src_gen.entity_id                          1 
_entity_src_gen.pdbx_src_id                        1 
_entity_src_gen.pdbx_alt_source_flag               sample 
_entity_src_gen.pdbx_seq_type                      ? 
_entity_src_gen.pdbx_beg_seq_num                   ? 
_entity_src_gen.pdbx_end_seq_num                   ? 
_entity_src_gen.gene_src_common_name               'house mouse' 
_entity_src_gen.gene_src_genus                     Mus 
_entity_src_gen.pdbx_gene_src_gene                 Havcr2 
_entity_src_gen.gene_src_species                   ? 
_entity_src_gen.gene_src_strain                    Balb/c 
_entity_src_gen.gene_src_tissue                    ? 
_entity_src_gen.gene_src_tissue_fraction           ? 
_entity_src_gen.gene_src_details                   ? 
_entity_src_gen.pdbx_gene_src_fragment             ? 
_entity_src_gen.pdbx_gene_src_scientific_name      'Mus musculus' 
_entity_src_gen.pdbx_gene_src_ncbi_taxonomy_id     10090 
_entity_src_gen.pdbx_gene_src_variant              ? 
_entity_src_gen.pdbx_gene_src_cell_line            ? 
_entity_src_gen.pdbx_gene_src_atcc                 ? 
_entity_src_gen.pdbx_gene_src_organ                ? 
_entity_src_gen.pdbx_gene_src_organelle            ? 
_entity_src_gen.pdbx_gene_src_cell                 ? 
_entity_src_gen.pdbx_gene_src_cellular_location    ? 
_entity_src_gen.host_org_common_name               ? 
_entity_src_gen.pdbx_host_org_scientific_name      'Escherichia coli' 
_entity_src_gen.pdbx_host_org_ncbi_taxonomy_id     562 
_entity_src_gen.host_org_genus                     Escherichia 
_entity_src_gen.pdbx_host_org_gene                 ? 
_entity_src_gen.pdbx_host_org_organ                ? 
_entity_src_gen.host_org_species                   ? 
_entity_src_gen.pdbx_host_org_tissue               ? 
_entity_src_gen.pdbx_host_org_tissue_fraction      ? 
_entity_src_gen.pdbx_host_org_strain               'Rosetta (DE3) pLysS' 
_entity_src_gen.pdbx_host_org_variant              ? 
_entity_src_gen.pdbx_host_org_cell_line            ? 
_entity_src_gen.pdbx_host_org_atcc                 ? 
_entity_src_gen.pdbx_host_org_culture_collection   ? 
_entity_src_gen.pdbx_host_org_cell                 ? 
_entity_src_gen.pdbx_host_org_organelle            ? 
_entity_src_gen.pdbx_host_org_cellular_location    ? 
_entity_src_gen.pdbx_host_org_vector_type          plasmid 
_entity_src_gen.pdbx_host_org_vector               ? 
_entity_src_gen.host_org_details                   ? 
_entity_src_gen.expression_system_id               ? 
_entity_src_gen.plasmid_name                       pET-3a 
_entity_src_gen.plasmid_details                    ? 
_entity_src_gen.pdbx_description                   ? 
# 
loop_
_chem_comp.id 
_chem_comp.type 
_chem_comp.mon_nstd_flag 
_chem_comp.name 
_chem_comp.pdbx_synonyms 
_chem_comp.formula 
_chem_comp.formula_weight 
ALA 'L-peptide linking' y ALANINE         ? 'C3 H7 N O2'     89.093  
ARG 'L-peptide linking' y ARGININE        ? 'C6 H15 N4 O2 1' 175.209 
ASN 'L-peptide linking' y ASPARAGINE      ? 'C4 H8 N2 O3'    132.118 
ASP 'L-peptide linking' y 'ASPARTIC ACID' ? 'C4 H7 N O4'     133.103 
CYS 'L-peptide linking' y CYSTEINE        ? 'C3 H7 N O2 S'   121.158 
GLN 'L-peptide linking' y GLUTAMINE       ? 'C5 H10 N2 O3'   146.144 
GLU 'L-peptide linking' y 'GLUTAMIC ACID' ? 'C5 H9 N O4'     147.129 
GLY 'peptide linking'   y GLYCINE         ? 'C2 H5 N O2'     75.067  
HIS 'L-peptide linking' y HISTIDINE       ? 'C6 H10 N3 O2 1' 156.162 
HOH non-polymer         . WATER           ? 'H2 O'           18.015  
ILE 'L-peptide linking' y ISOLEUCINE      ? 'C6 H13 N O2'    131.173 
LEU 'L-peptide linking' y LEUCINE         ? 'C6 H13 N O2'    131.173 
LYS 'L-peptide linking' y LYSINE          ? 'C6 H15 N2 O2 1' 147.195 
MET 'L-peptide linking' y METHIONINE      ? 'C5 H11 N O2 S'  149.211 
PHE 'L-peptide linking' y PHENYLALANINE   ? 'C9 H11 N O2'    165.189 
PRO 'L-peptide linking' y PROLINE         ? 'C5 H9 N O2'     115.130 
SER 'L-peptide linking' y SERINE          ? 'C3 H7 N O3'     105.093 
SO4 non-polymer         . 'SULFATE ION'   ? 'O4 S -2'        96.063  
THR 'L-peptide linking' y THREONINE       ? 'C4 H9 N O3'     119.119 
TRP 'L-peptide linking' y TRYPTOPHAN      ? 'C11 H12 N2 O2'  204.225 
TYR 'L-peptide linking' y TYROSINE        ? 'C9 H11 N O3'    181.189 
VAL 'L-peptide linking' y VALINE          ? 'C5 H11 N O2'    117.146 
# 
loop_
_pdbx_poly_seq_scheme.asym_id 
_pdbx_poly_seq_scheme.entity_id 
_pdbx_poly_seq_scheme.seq_id 
_pdbx_poly_seq_scheme.mon_id 
_pdbx_poly_seq_scheme.ndb_seq_num 
_pdbx_poly_seq_scheme.pdb_seq_num 
_pdbx_poly_seq_scheme.auth_seq_num 
_pdbx_poly_seq_scheme.pdb_mon_id 
_pdbx_poly_seq_scheme.auth_mon_id 
_pdbx_poly_seq_scheme.pdb_strand_id 
_pdbx_poly_seq_scheme.pdb_ins_code 
_pdbx_poly_seq_scheme.hetero 
A 1 1   MET 1   23  1   MET MET A . n 
A 1 2   ASP 2   24  2   ASP ASP A . n 
A 1 3   GLY 3   25  3   GLY GLY A . n 
A 1 4   TYR 4   26  4   TYR TYR A . n 
A 1 5   LYS 5   27  5   LYS LYS A . n 
A 1 6   VAL 6   28  6   VAL VAL A . n 
A 1 7   GLU 7   29  7   GLU GLU A . n 
A 1 8   VAL 8   30  8   VAL VAL A . n 
A 1 9   GLY 9   31  9   GLY GLY A . n 
A 1 10  LYS 10  32  10  LYS LYS A . n 
A 1 11  ASN 11  33  11  ASN ASN A . n 
A 1 12  ALA 12  34  12  ALA ALA A . n 
A 1 13  TYR 13  35  13  TYR TYR A . n 
A 1 14  LEU 14  36  14  LEU LEU A . n 
A 1 15  PRO 15  37  15  PRO PRO A . n 
A 1 16  CYS 16  38  16  CYS CYS A . n 
A 1 17  SER 17  39  17  SER SER A . n 
A 1 18  TYR 18  40  18  TYR TYR A . n 
A 1 19  THR 19  41  19  THR THR A . n 
A 1 20  LEU 20  42  20  LEU LEU A . n 
A 1 21  PRO 21  43  21  PRO PRO A . n 
A 1 22  THR 22  44  22  THR THR A . n 
A 1 23  SER 23  45  23  SER SER A . n 
A 1 24  GLY 24  46  24  GLY GLY A . n 
A 1 25  THR 25  47  25  THR THR A . n 
A 1 26  LEU 26  48  26  LEU LEU A . n 
A 1 27  VAL 27  49  27  VAL VAL A . n 
A 1 28  PRO 28  50  28  PRO PRO A . n 
A 1 29  MET 29  51  29  MET MET A . n 
A 1 30  CYS 30  52  30  CYS CYS A . n 
A 1 31  TRP 31  53  31  TRP TRP A . n 
A 1 32  GLY 32  54  32  GLY GLY A . n 
A 1 33  LYS 33  55  33  LYS LYS A . n 
A 1 34  GLY 34  56  34  GLY GLY A . n 
A 1 35  PHE 35  57  35  PHE PHE A . n 
A 1 36  CYS 36  58  36  CYS CYS A . n 
A 1 37  PRO 37  59  37  PRO PRO A . n 
A 1 38  TRP 38  60  38  TRP TRP A . n 
A 1 39  SER 39  61  39  SER SER A . n 
A 1 40  GLN 40  62  40  GLN GLN A . n 
A 1 41  CYS 41  63  41  CYS CYS A . n 
A 1 42  THR 42  64  42  THR THR A . n 
A 1 43  ASN 43  65  43  ASN ASN A . n 
A 1 44  GLU 44  66  44  GLU GLU A . n 
A 1 45  LEU 45  67  45  LEU LEU A . n 
A 1 46  LEU 46  68  46  LEU LEU A . n 
A 1 47  ARG 47  69  47  ARG ARG A . n 
A 1 48  THR 48  70  48  THR THR A . n 
A 1 49  ASP 49  71  49  ASP ASP A . n 
A 1 50  GLU 50  72  50  GLU GLU A . n 
A 1 51  ARG 51  73  51  ARG ARG A . n 
A 1 52  ASN 52  74  52  ASN ASN A . n 
A 1 53  VAL 53  75  53  VAL VAL A . n 
A 1 54  THR 54  76  54  THR THR A . n 
A 1 55  TYR 55  77  55  TYR TYR A . n 
A 1 56  GLN 56  78  56  GLN GLN A . n 
A 1 57  LYS 57  79  57  LYS LYS A . n 
A 1 58  SER 58  80  58  SER SER A . n 
A 1 59  SER 59  81  59  SER SER A . n 
A 1 60  ARG 60  82  60  ARG ARG A . n 
A 1 61  TYR 61  83  61  TYR TYR A . n 
A 1 62  GLN 62  84  62  GLN GLN A . n 
A 1 63  LEU 63  85  63  LEU LEU A . n 
A 1 64  LYS 64  86  64  LYS LYS A . n 
A 1 65  GLY 65  87  65  GLY GLY A . n 
A 1 66  ASP 66  88  66  ASP ASP A . n 
A 1 67  LEU 67  89  67  LEU LEU A . n 
A 1 68  ASN 68  90  68  ASN ASN A . n 
A 1 69  LYS 69  91  69  LYS LYS A . n 
A 1 70  GLY 70  92  70  GLY GLY A . n 
A 1 71  ASP 71  93  71  ASP ASP A . n 
A 1 72  VAL 72  94  72  VAL VAL A . n 
A 1 73  SER 73  95  73  SER SER A . n 
A 1 74  LEU 74  96  74  LEU LEU A . n 
A 1 75  ILE 75  97  75  ILE ILE A . n 
A 1 76  ILE 76  98  76  ILE ILE A . n 
A 1 77  LYS 77  99  77  LYS LYS A . n 
A 1 78  ASN 78  100 78  ASN ASN A . n 
A 1 79  VAL 79  101 79  VAL VAL A . n 
A 1 80  THR 80  102 80  THR THR A . n 
A 1 81  LEU 81  103 81  LEU LEU A . n 
A 1 82  ASP 82  104 82  ASP ASP A . n 
A 1 83  ASP 83  105 83  ASP ASP A . n 
A 1 84  HIS 84  106 84  HIS HIS A . n 
A 1 85  GLY 85  107 85  GLY GLY A . n 
A 1 86  THR 86  108 86  THR THR A . n 
A 1 87  TYR 87  109 87  TYR TYR A . n 
A 1 88  CYS 88  110 88  CYS CYS A . n 
A 1 89  CYS 89  111 89  CYS CYS A . n 
A 1 90  ARG 90  112 90  ARG ARG A . n 
A 1 91  ILE 91  113 91  ILE ILE A . n 
A 1 92  GLN 92  114 92  GLN GLN A . n 
A 1 93  PHE 93  115 93  PHE PHE A . n 
A 1 94  PRO 94  116 94  PRO PRO A . n 
A 1 95  GLY 95  117 95  GLY GLY A . n 
A 1 96  LEU 96  118 96  LEU LEU A . n 
A 1 97  MET 97  119 97  MET MET A . n 
A 1 98  ASN 98  120 98  ASN ASN A . n 
A 1 99  ASP 99  121 99  ASP ASP A . n 
A 1 100 LYS 100 122 100 LYS LYS A . n 
A 1 101 LYS 101 123 101 LYS LYS A . n 
A 1 102 LEU 102 124 102 LEU LEU A . n 
A 1 103 GLU 103 125 103 GLU GLU A . n 
A 1 104 LEU 104 126 104 LEU LEU A . n 
A 1 105 LYS 105 127 105 LYS LYS A . n 
A 1 106 LEU 106 128 106 LEU LEU A . n 
A 1 107 ASP 107 129 107 ASP ASP A . n 
A 1 108 ILE 108 130 108 ILE ILE A . n 
A 1 109 LYS 109 131 109 LYS LYS A . n 
# 
loop_
_pdbx_nonpoly_scheme.asym_id 
_pdbx_nonpoly_scheme.entity_id 
_pdbx_nonpoly_scheme.mon_id 
_pdbx_nonpoly_scheme.ndb_seq_num 
_pdbx_nonpoly_scheme.pdb_seq_num 
_pdbx_nonpoly_scheme.auth_seq_num 
_pdbx_nonpoly_scheme.pdb_mon_id 
_pdbx_nonpoly_scheme.auth_mon_id 
_pdbx_nonpoly_scheme.pdb_strand_id 
_pdbx_nonpoly_scheme.pdb_ins_code 
B 2 SO4 1  500 500 SO4 SO4 A . 
C 3 HOH 1  501 1   HOH HOH A . 
C 3 HOH 2  502 3   HOH HOH A . 
C 3 HOH 3  503 4   HOH HOH A . 
C 3 HOH 4  504 5   HOH HOH A . 
C 3 HOH 5  505 6   HOH HOH A . 
C 3 HOH 6  506 7   HOH HOH A . 
C 3 HOH 7  507 8   HOH HOH A . 
C 3 HOH 8  508 9   HOH HOH A . 
C 3 HOH 9  509 10  HOH HOH A . 
C 3 HOH 10 510 11  HOH HOH A . 
C 3 HOH 11 511 12  HOH HOH A . 
C 3 HOH 12 512 13  HOH HOH A . 
C 3 HOH 13 513 14  HOH HOH A . 
C 3 HOH 14 514 15  HOH HOH A . 
C 3 HOH 15 515 16  HOH HOH A . 
C 3 HOH 16 516 17  HOH HOH A . 
C 3 HOH 17 517 18  HOH HOH A . 
C 3 HOH 18 518 19  HOH HOH A . 
C 3 HOH 19 519 20  HOH HOH A . 
C 3 HOH 20 520 21  HOH HOH A . 
C 3 HOH 21 521 22  HOH HOH A . 
C 3 HOH 22 522 23  HOH HOH A . 
C 3 HOH 23 523 24  HOH HOH A . 
C 3 HOH 24 524 25  HOH HOH A . 
C 3 HOH 25 525 26  HOH HOH A . 
C 3 HOH 26 526 27  HOH HOH A . 
C 3 HOH 27 527 28  HOH HOH A . 
C 3 HOH 28 528 29  HOH HOH A . 
C 3 HOH 29 529 30  HOH HOH A . 
C 3 HOH 30 530 31  HOH HOH A . 
C 3 HOH 31 531 32  HOH HOH A . 
C 3 HOH 32 532 33  HOH HOH A . 
C 3 HOH 33 533 34  HOH HOH A . 
C 3 HOH 34 534 35  HOH HOH A . 
C 3 HOH 35 535 36  HOH HOH A . 
C 3 HOH 36 536 37  HOH HOH A . 
C 3 HOH 37 537 38  HOH HOH A . 
C 3 HOH 38 538 39  HOH HOH A . 
C 3 HOH 39 539 40  HOH HOH A . 
C 3 HOH 40 540 41  HOH HOH A . 
C 3 HOH 41 541 42  HOH HOH A . 
C 3 HOH 42 542 43  HOH HOH A . 
C 3 HOH 43 543 44  HOH HOH A . 
C 3 HOH 44 544 45  HOH HOH A . 
C 3 HOH 45 545 46  HOH HOH A . 
C 3 HOH 46 546 47  HOH HOH A . 
C 3 HOH 47 547 48  HOH HOH A . 
C 3 HOH 48 548 49  HOH HOH A . 
C 3 HOH 49 549 50  HOH HOH A . 
C 3 HOH 50 550 51  HOH HOH A . 
C 3 HOH 51 551 52  HOH HOH A . 
C 3 HOH 52 552 54  HOH HOH A . 
C 3 HOH 53 553 55  HOH HOH A . 
C 3 HOH 54 554 56  HOH HOH A . 
C 3 HOH 55 555 57  HOH HOH A . 
C 3 HOH 56 556 58  HOH HOH A . 
C 3 HOH 57 557 59  HOH HOH A . 
C 3 HOH 58 558 60  HOH HOH A . 
C 3 HOH 59 559 61  HOH HOH A . 
C 3 HOH 60 560 62  HOH HOH A . 
C 3 HOH 61 561 63  HOH HOH A . 
C 3 HOH 62 562 64  HOH HOH A . 
C 3 HOH 63 563 65  HOH HOH A . 
C 3 HOH 64 564 66  HOH HOH A . 
C 3 HOH 65 565 67  HOH HOH A . 
C 3 HOH 66 566 68  HOH HOH A . 
C 3 HOH 67 567 69  HOH HOH A . 
C 3 HOH 68 568 70  HOH HOH A . 
C 3 HOH 69 569 71  HOH HOH A . 
C 3 HOH 70 570 72  HOH HOH A . 
C 3 HOH 71 571 73  HOH HOH A . 
C 3 HOH 72 572 74  HOH HOH A . 
C 3 HOH 73 573 75  HOH HOH A . 
C 3 HOH 74 574 76  HOH HOH A . 
C 3 HOH 75 575 77  HOH HOH A . 
C 3 HOH 76 576 78  HOH HOH A . 
C 3 HOH 77 577 79  HOH HOH A . 
C 3 HOH 78 578 80  HOH HOH A . 
C 3 HOH 79 579 81  HOH HOH A . 
C 3 HOH 80 580 82  HOH HOH A . 
C 3 HOH 81 581 83  HOH HOH A . 
C 3 HOH 82 582 84  HOH HOH A . 
C 3 HOH 83 583 85  HOH HOH A . 
C 3 HOH 84 584 86  HOH HOH A . 
C 3 HOH 85 585 87  HOH HOH A . 
C 3 HOH 86 586 88  HOH HOH A . 
C 3 HOH 87 587 89  HOH HOH A . 
C 3 HOH 88 588 90  HOH HOH A . 
C 3 HOH 89 589 91  HOH HOH A . 
C 3 HOH 90 590 92  HOH HOH A . 
C 3 HOH 91 591 93  HOH HOH A . 
C 3 HOH 92 592 94  HOH HOH A . 
C 3 HOH 93 593 95  HOH HOH A . 
C 3 HOH 94 594 96  HOH HOH A . 
C 3 HOH 95 595 97  HOH HOH A . 
C 3 HOH 96 596 103 HOH HOH A . 
# 
loop_
_software.name 
_software.version 
_software.date 
_software.type 
_software.contact_author 
_software.contact_author_email 
_software.classification 
_software.location 
_software.language 
_software.citation_id 
_software.pdbx_ordinal 
DENZO       .     ?                package 'Zbyszek Otwinowski' zbyszek@mix.swmed.edu    'data reduction'  
http://www.lnls.br/infra/linhasluz/denzo-hkl.htm ?          ? 1 
SCALEPACK   .     ?                package 'Zbyszek Otwinowski' zbyszek@mix.swmed.edu    'data scaling'    
http://www.lnls.br/infra/linhasluz/denzo-hkl.htm ?          ? 2 
REFMAC      .     ?                program 'Murshudov, G.N.'    ccp4@dl.ac.uk            refinement        
http://www.ccp4.ac.uk/main.html                  Fortran_77 ? 3 
PDB_EXTRACT 2.000 'April. 3, 2006' package PDB                  sw-help@rcsb.rutgers.edu 'data extraction' 
http://pdb.rutgers.edu/software/                 C++        ? 4 
CBASS       .     ?                ?       ?                    ?                        'data collection' ? ?          ? 5 
HKL-2000    .     ?                ?       ?                    ?                        'data reduction'  ? ?          ? 6 
MOLREP      .     ?                ?       ?                    ?                        phasing           ? ?          ? 7 
# 
_cell.entry_id           2OYP 
_cell.length_a           23.000 
_cell.length_b           52.809 
_cell.length_c           38.941 
_cell.angle_alpha        90.00 
_cell.angle_beta         100.94 
_cell.angle_gamma        90.00 
_cell.Z_PDB              2 
_cell.pdbx_unique_axis   ? 
# 
_symmetry.entry_id                         2OYP 
_symmetry.space_group_name_H-M             'P 1 21 1' 
_symmetry.pdbx_full_space_group_name_H-M   ? 
_symmetry.cell_setting                     ? 
_symmetry.Int_Tables_number                4 
# 
_exptl.crystals_number   1 
_exptl.entry_id          2OYP 
_exptl.method            'X-RAY DIFFRACTION' 
# 
_exptl_crystal.id                    1 
_exptl_crystal.density_meas          ? 
_exptl_crystal.density_Matthews      1.87 
_exptl_crystal.density_percent_sol   34.19 
_exptl_crystal.description           ? 
_exptl_crystal.F_000                 ? 
_exptl_crystal.preparation           ? 
# 
_exptl_crystal_grow.crystal_id      1 
_exptl_crystal_grow.method          'VAPOR DIFFUSION, SITTING DROP' 
_exptl_crystal_grow.pH              5.0 
_exptl_crystal_grow.temp            291 
_exptl_crystal_grow.pdbx_details    
'1.8 M Ammonium Sulfate, 0.1 M Sodium Citrate pH 5.0, VAPOR DIFFUSION, SITTING DROP, temperature 291K' 
_exptl_crystal_grow.temp_details    ? 
_exptl_crystal_grow.pdbx_pH_range   . 
# 
_diffrn.id                     1 
_diffrn.ambient_temp           100 
_diffrn.ambient_temp_details   ? 
_diffrn.crystal_id             1 
# 
_diffrn_detector.diffrn_id              1 
_diffrn_detector.detector               CCD 
_diffrn_detector.type                   'ADSC QUANTUM 315' 
_diffrn_detector.pdbx_collection_date   ? 
_diffrn_detector.details                ? 
# 
_diffrn_radiation.diffrn_id                        1 
_diffrn_radiation.pdbx_diffrn_protocol             'SINGLE WAVELENGTH' 
_diffrn_radiation.monochromator                    ? 
_diffrn_radiation.wavelength_id                    1 
_diffrn_radiation.pdbx_monochromatic_or_laue_m_l   M 
_diffrn_radiation.pdbx_scattering_type             x-ray 
# 
_diffrn_radiation_wavelength.id           1 
_diffrn_radiation_wavelength.wavelength   1.4503 
_diffrn_radiation_wavelength.wt           1.0 
# 
_diffrn_source.diffrn_id                   1 
_diffrn_source.source                      SYNCHROTRON 
_diffrn_source.type                        'NSLS BEAMLINE X29A' 
_diffrn_source.pdbx_wavelength_list        1.4503 
_diffrn_source.pdbx_wavelength             ? 
_diffrn_source.pdbx_synchrotron_site       NSLS 
_diffrn_source.pdbx_synchrotron_beamline   X29A 
# 
_reflns.entry_id                     2OYP 
_reflns.d_resolution_high            1.950 
_reflns.d_resolution_low             30.000 
_reflns.number_obs                   6457 
_reflns.pdbx_Rmerge_I_obs            0.073 
_reflns.pdbx_netI_over_sigmaI        12.000 
_reflns.pdbx_chi_squared             1.067 
_reflns.pdbx_redundancy              3.600 
_reflns.percent_possible_obs         96.200 
_reflns.observed_criterion_sigma_F   0 
_reflns.observed_criterion_sigma_I   0 
_reflns.number_all                   6457 
_reflns.pdbx_Rsym_value              0.081 
_reflns.B_iso_Wilson_estimate        ? 
_reflns.R_free_details               ? 
_reflns.limit_h_max                  ? 
_reflns.limit_h_min                  ? 
_reflns.limit_k_max                  ? 
_reflns.limit_k_min                  ? 
_reflns.limit_l_max                  ? 
_reflns.limit_l_min                  ? 
_reflns.observed_criterion_F_max     ? 
_reflns.observed_criterion_F_min     ? 
_reflns.pdbx_scaling_rejects         ? 
_reflns.pdbx_ordinal                 1 
_reflns.pdbx_diffrn_id               1 
# 
_reflns_shell.d_res_high             1.95 
_reflns_shell.d_res_low              2.02 
_reflns_shell.number_measured_obs    ? 
_reflns_shell.number_measured_all    ? 
_reflns_shell.number_unique_obs      ? 
_reflns_shell.Rmerge_I_obs           0.136 
_reflns_shell.meanI_over_sigI_obs    6.8 
_reflns_shell.pdbx_Rsym_value        0.141 
_reflns_shell.pdbx_chi_squared       0.907 
_reflns_shell.pdbx_redundancy        2.90 
_reflns_shell.percent_possible_obs   ? 
_reflns_shell.number_unique_all      470 
_reflns_shell.percent_possible_all   72.60 
_reflns_shell.pdbx_ordinal           1 
_reflns_shell.pdbx_diffrn_id         1 
# 
_refine.entry_id                                 2OYP 
_refine.ls_d_res_high                            1.952 
_refine.ls_d_res_low                             30.000 
_refine.pdbx_ls_sigma_F                          0.00 
_refine.ls_percent_reflns_obs                    96.090 
_refine.ls_number_reflns_obs                     6442 
_refine.pdbx_ls_cross_valid_method               THROUGHOUT 
_refine.pdbx_R_Free_selection_details            RANDOM 
_refine.details                                  'HYDROGENS HAVE BEEN ADDED IN THE RIDING POSITIONS' 
_refine.ls_R_factor_obs                          0.158 
_refine.ls_R_factor_R_work                       0.156 
_refine.ls_R_factor_R_free                       0.2 
_refine.ls_percent_reflns_R_free                 4.700 
_refine.ls_number_reflns_R_free                  305 
_refine.B_iso_mean                               20.153 
_refine.aniso_B[1][1]                            -0.980 
_refine.aniso_B[2][2]                            -0.940 
_refine.aniso_B[3][3]                            2.070 
_refine.aniso_B[1][2]                            0.000 
_refine.aniso_B[1][3]                            0.380 
_refine.aniso_B[2][3]                            0.000 
_refine.correlation_coeff_Fo_to_Fc               0.965 
_refine.correlation_coeff_Fo_to_Fc_free          0.937 
_refine.pdbx_overall_ESU_R                       0.209 
_refine.pdbx_overall_ESU_R_Free                  0.161 
_refine.overall_SU_ML                            0.102 
_refine.overall_SU_B                             3.555 
_refine.solvent_model_details                    MASK 
_refine.pdbx_solvent_vdw_probe_radii             1.200 
_refine.pdbx_solvent_ion_probe_radii             0.800 
_refine.pdbx_solvent_shrinkage_radii             0.800 
_refine.pdbx_stereochemistry_target_values       'MAXIMUM LIKELIHOOD' 
_refine.pdbx_ls_sigma_I                          0 
_refine.ls_number_reflns_all                     6442 
_refine.ls_R_factor_all                          0.158 
_refine.ls_redundancy_reflns_obs                 ? 
_refine.pdbx_data_cutoff_high_absF               ? 
_refine.pdbx_data_cutoff_low_absF                ? 
_refine.ls_number_parameters                     ? 
_refine.ls_number_restraints                     ? 
_refine.ls_R_factor_R_free_error                 ? 
_refine.ls_R_factor_R_free_error_details         ? 
_refine.pdbx_method_to_determine_struct          'MOLECULAR REPLACEMENT' 
_refine.pdbx_starting_model                      1eaj 
_refine.pdbx_stereochem_target_val_spec_case     ? 
_refine.solvent_model_param_bsol                 ? 
_refine.solvent_model_param_ksol                 ? 
_refine.occupancy_max                            ? 
_refine.occupancy_min                            ? 
_refine.pdbx_isotropic_thermal_model             ? 
_refine.B_iso_min                                ? 
_refine.B_iso_max                                ? 
_refine.overall_SU_R_Cruickshank_DPI             ? 
_refine.overall_SU_R_free                        ? 
_refine.pdbx_data_cutoff_high_rms_absF           ? 
_refine.ls_wR_factor_R_free                      ? 
_refine.ls_wR_factor_R_work                      ? 
_refine.overall_FOM_free_R_set                   ? 
_refine.overall_FOM_work_R_set                   ? 
_refine.pdbx_refine_id                           'X-RAY DIFFRACTION' 
_refine.pdbx_diffrn_id                           1 
_refine.pdbx_TLS_residual_ADP_flag               ? 
_refine.pdbx_overall_phase_error                 ? 
_refine.pdbx_overall_SU_R_free_Cruickshank_DPI   ? 
_refine.pdbx_overall_SU_R_Blow_DPI               ? 
_refine.pdbx_overall_SU_R_free_Blow_DPI          ? 
# 
_refine_hist.pdbx_refine_id                   'X-RAY DIFFRACTION' 
_refine_hist.cycle_id                         LAST 
_refine_hist.pdbx_number_atoms_protein        866 
_refine_hist.pdbx_number_atoms_nucleic_acid   0 
_refine_hist.pdbx_number_atoms_ligand         5 
_refine_hist.number_atoms_solvent             96 
_refine_hist.number_atoms_total               967 
_refine_hist.d_res_high                       1.952 
_refine_hist.d_res_low                        30.000 
# 
loop_
_refine_ls_restr.type 
_refine_ls_restr.number 
_refine_ls_restr.dev_ideal 
_refine_ls_restr.dev_ideal_target 
_refine_ls_restr.weight 
_refine_ls_restr.pdbx_refine_id 
_refine_ls_restr.pdbx_restraint_function 
r_bond_refined_d         907  0.010  0.022  ? 'X-RAY DIFFRACTION' ? 
r_angle_refined_deg      1230 1.195  1.989  ? 'X-RAY DIFFRACTION' ? 
r_dihedral_angle_1_deg   112  6.154  5.000  ? 'X-RAY DIFFRACTION' ? 
r_dihedral_angle_2_deg   38   28.719 25.000 ? 'X-RAY DIFFRACTION' ? 
r_dihedral_angle_3_deg   169  15.006 15.000 ? 'X-RAY DIFFRACTION' ? 
r_dihedral_angle_4_deg   4    23.543 15.000 ? 'X-RAY DIFFRACTION' ? 
r_chiral_restr           133  0.077  0.200  ? 'X-RAY DIFFRACTION' ? 
r_gen_planes_refined     672  0.004  0.020  ? 'X-RAY DIFFRACTION' ? 
r_nbd_refined            366  0.193  0.200  ? 'X-RAY DIFFRACTION' ? 
r_nbtor_refined          607  0.303  0.200  ? 'X-RAY DIFFRACTION' ? 
r_xyhbond_nbd_refined    96   0.139  0.200  ? 'X-RAY DIFFRACTION' ? 
r_symmetry_vdw_refined   54   0.184  0.200  ? 'X-RAY DIFFRACTION' ? 
r_symmetry_hbond_refined 18   0.149  0.200  ? 'X-RAY DIFFRACTION' ? 
r_mcbond_it              570  0.638  1.500  ? 'X-RAY DIFFRACTION' ? 
r_mcangle_it             898  1.159  2.000  ? 'X-RAY DIFFRACTION' ? 
r_scbond_it              389  1.797  3.000  ? 'X-RAY DIFFRACTION' ? 
r_scangle_it             332  3.038  4.500  ? 'X-RAY DIFFRACTION' ? 
# 
_refine_ls_shell.d_res_high                       1.952 
_refine_ls_shell.d_res_low                        2.002 
_refine_ls_shell.pdbx_total_number_of_bins_used   20 
_refine_ls_shell.percent_reflns_obs               69.520 
_refine_ls_shell.number_reflns_R_work             314 
_refine_ls_shell.R_factor_all                     ? 
_refine_ls_shell.R_factor_R_work                  0.175 
_refine_ls_shell.R_factor_R_free                  0.263 
_refine_ls_shell.percent_reflns_R_free            ? 
_refine_ls_shell.number_reflns_R_free             19 
_refine_ls_shell.R_factor_R_free_error            ? 
_refine_ls_shell.number_reflns_all                ? 
_refine_ls_shell.number_reflns_obs                333 
_refine_ls_shell.redundancy_reflns_obs            ? 
_refine_ls_shell.pdbx_refine_id                   'X-RAY DIFFRACTION' 
# 
_struct.entry_id                  2OYP 
_struct.title                     
'T Cell Immunoglobulin Mucin-3 Crystal Structure Revealed a Galectin-9-independent Binding Surface' 
_struct.pdbx_model_details        ? 
_struct.pdbx_CASP_flag            ? 
_struct.pdbx_model_type_details   ? 
# 
_struct_keywords.entry_id        2OYP 
_struct_keywords.text            'TIM-3; T-cell Immunoglobulin Mucin, SIGNALING PROTEIN' 
_struct_keywords.pdbx_keywords   'SIGNALING PROTEIN' 
# 
loop_
_struct_asym.id 
_struct_asym.pdbx_blank_PDB_chainid_flag 
_struct_asym.pdbx_modified 
_struct_asym.entity_id 
_struct_asym.details 
A N N 1 ? 
B N N 2 ? 
C N N 3 ? 
# 
_struct_ref.id                         1 
_struct_ref.entity_id                  1 
_struct_ref.db_name                    UNP 
_struct_ref.db_code                    Q3KP82_MOUSE 
_struct_ref.pdbx_db_accession          Q3KP82 
_struct_ref.pdbx_align_begin           24 
_struct_ref.pdbx_seq_one_letter_code   
;DGYKVEVGKNAYLPCSYTLPTSGTLVPMCWGKGFCPWSQCTNELLRTDERNVTYQKSSRYQLKGDLNKGDVSLIIKNVTL
DDHGTYCCRIQFPGLMNDKKLELKLDIK
;
_struct_ref.pdbx_db_isoform            ? 
# 
_struct_ref_seq.align_id                      1 
_struct_ref_seq.ref_id                        1 
_struct_ref_seq.pdbx_PDB_id_code              2OYP 
_struct_ref_seq.pdbx_strand_id                A 
_struct_ref_seq.seq_align_beg                 2 
_struct_ref_seq.pdbx_seq_align_beg_ins_code   ? 
_struct_ref_seq.seq_align_end                 109 
_struct_ref_seq.pdbx_seq_align_end_ins_code   ? 
_struct_ref_seq.pdbx_db_accession             Q3KP82 
_struct_ref_seq.db_align_beg                  24 
_struct_ref_seq.pdbx_db_align_beg_ins_code    ? 
_struct_ref_seq.db_align_end                  131 
_struct_ref_seq.pdbx_db_align_end_ins_code    ? 
_struct_ref_seq.pdbx_auth_seq_align_beg       24 
_struct_ref_seq.pdbx_auth_seq_align_end       131 
# 
_struct_ref_seq_dif.align_id                     1 
_struct_ref_seq_dif.pdbx_pdb_id_code             2OYP 
_struct_ref_seq_dif.mon_id                       MET 
_struct_ref_seq_dif.pdbx_pdb_strand_id           A 
_struct_ref_seq_dif.seq_num                      1 
_struct_ref_seq_dif.pdbx_pdb_ins_code            ? 
_struct_ref_seq_dif.pdbx_seq_db_name             UNP 
_struct_ref_seq_dif.pdbx_seq_db_accession_code   Q3KP82 
_struct_ref_seq_dif.db_mon_id                    ? 
_struct_ref_seq_dif.pdbx_seq_db_seq_num          ? 
_struct_ref_seq_dif.details                      'expression tag' 
_struct_ref_seq_dif.pdbx_auth_seq_num            23 
_struct_ref_seq_dif.pdbx_ordinal                 1 
# 
_pdbx_struct_assembly.id                   1 
_pdbx_struct_assembly.details              author_defined_assembly 
_pdbx_struct_assembly.method_details       ? 
_pdbx_struct_assembly.oligomeric_details   monomeric 
_pdbx_struct_assembly.oligomeric_count     1 
# 
_pdbx_struct_assembly_gen.assembly_id       1 
_pdbx_struct_assembly_gen.oper_expression   1 
_pdbx_struct_assembly_gen.asym_id_list      A,B,C 
# 
_pdbx_struct_oper_list.id                   1 
_pdbx_struct_oper_list.type                 'identity operation' 
_pdbx_struct_oper_list.name                 1_555 
_pdbx_struct_oper_list.symmetry_operation   x,y,z 
_pdbx_struct_oper_list.matrix[1][1]         1.0000000000 
_pdbx_struct_oper_list.matrix[1][2]         0.0000000000 
_pdbx_struct_oper_list.matrix[1][3]         0.0000000000 
_pdbx_struct_oper_list.vector[1]            0.0000000000 
_pdbx_struct_oper_list.matrix[2][1]         0.0000000000 
_pdbx_struct_oper_list.matrix[2][2]         1.0000000000 
_pdbx_struct_oper_list.matrix[2][3]         0.0000000000 
_pdbx_struct_oper_list.vector[2]            0.0000000000 
_pdbx_struct_oper_list.matrix[3][1]         0.0000000000 
_pdbx_struct_oper_list.matrix[3][2]         0.0000000000 
_pdbx_struct_oper_list.matrix[3][3]         1.0000000000 
_pdbx_struct_oper_list.vector[3]            0.0000000000 
# 
_struct_biol.id                    1 
_struct_biol.details               'The biological unit is a monomer' 
_struct_biol.pdbx_parent_biol_id   ? 
# 
loop_
_struct_conf.conf_type_id 
_struct_conf.id 
_struct_conf.pdbx_PDB_helix_id 
_struct_conf.beg_label_comp_id 
_struct_conf.beg_label_asym_id 
_struct_conf.beg_label_seq_id 
_struct_conf.pdbx_beg_PDB_ins_code 
_struct_conf.end_label_comp_id 
_struct_conf.end_label_asym_id 
_struct_conf.end_label_seq_id 
_struct_conf.pdbx_end_PDB_ins_code 
_struct_conf.beg_auth_comp_id 
_struct_conf.beg_auth_asym_id 
_struct_conf.beg_auth_seq_id 
_struct_conf.end_auth_comp_id 
_struct_conf.end_auth_asym_id 
_struct_conf.end_auth_seq_id 
_struct_conf.pdbx_PDB_helix_class 
_struct_conf.details 
_struct_conf.pdbx_PDB_helix_length 
HELX_P HELX_P1 1 ASP A 66 ? GLY A 70 ? ASP A 88  GLY A 92  5 ? 5 
HELX_P HELX_P2 2 THR A 80 ? HIS A 84 ? THR A 102 HIS A 106 5 ? 5 
# 
_struct_conf_type.id          HELX_P 
_struct_conf_type.criteria    ? 
_struct_conf_type.reference   ? 
# 
loop_
_struct_conn.id 
_struct_conn.conn_type_id 
_struct_conn.pdbx_leaving_atom_flag 
_struct_conn.pdbx_PDB_id 
_struct_conn.ptnr1_label_asym_id 
_struct_conn.ptnr1_label_comp_id 
_struct_conn.ptnr1_label_seq_id 
_struct_conn.ptnr1_label_atom_id 
_struct_conn.pdbx_ptnr1_label_alt_id 
_struct_conn.pdbx_ptnr1_PDB_ins_code 
_struct_conn.pdbx_ptnr1_standard_comp_id 
_struct_conn.ptnr1_symmetry 
_struct_conn.ptnr2_label_asym_id 
_struct_conn.ptnr2_label_comp_id 
_struct_conn.ptnr2_label_seq_id 
_struct_conn.ptnr2_label_atom_id 
_struct_conn.pdbx_ptnr2_label_alt_id 
_struct_conn.pdbx_ptnr2_PDB_ins_code 
_struct_conn.ptnr1_auth_asym_id 
_struct_conn.ptnr1_auth_comp_id 
_struct_conn.ptnr1_auth_seq_id 
_struct_conn.ptnr2_auth_asym_id 
_struct_conn.ptnr2_auth_comp_id 
_struct_conn.ptnr2_auth_seq_id 
_struct_conn.ptnr2_symmetry 
_struct_conn.pdbx_ptnr3_label_atom_id 
_struct_conn.pdbx_ptnr3_label_seq_id 
_struct_conn.pdbx_ptnr3_label_comp_id 
_struct_conn.pdbx_ptnr3_label_asym_id 
_struct_conn.pdbx_ptnr3_label_alt_id 
_struct_conn.pdbx_ptnr3_PDB_ins_code 
_struct_conn.details 
_struct_conn.pdbx_dist_value 
_struct_conn.pdbx_value_order 
_struct_conn.pdbx_role 
disulf1 disulf ? ? A CYS 16 SG ? ? ? 1_555 A CYS 89 SG ? ? A CYS 38 A CYS 111 1_555 ? ? ? ? ? ? ? 2.035 ? ? 
disulf2 disulf ? ? A CYS 30 SG ? ? ? 1_555 A CYS 41 SG ? ? A CYS 52 A CYS 63  1_555 ? ? ? ? ? ? ? 2.086 ? ? 
disulf3 disulf ? ? A CYS 36 SG ? ? ? 1_555 A CYS 88 SG ? ? A CYS 58 A CYS 110 1_555 ? ? ? ? ? ? ? 2.024 ? ? 
# 
_struct_conn_type.id          disulf 
_struct_conn_type.criteria    ? 
_struct_conn_type.reference   ? 
# 
loop_
_pdbx_modification_feature.ordinal 
_pdbx_modification_feature.label_comp_id 
_pdbx_modification_feature.label_asym_id 
_pdbx_modification_feature.label_seq_id 
_pdbx_modification_feature.label_alt_id 
_pdbx_modification_feature.modified_residue_label_comp_id 
_pdbx_modification_feature.modified_residue_label_asym_id 
_pdbx_modification_feature.modified_residue_label_seq_id 
_pdbx_modification_feature.modified_residue_label_alt_id 
_pdbx_modification_feature.auth_comp_id 
_pdbx_modification_feature.auth_asym_id 
_pdbx_modification_feature.auth_seq_id 
_pdbx_modification_feature.PDB_ins_code 
_pdbx_modification_feature.symmetry 
_pdbx_modification_feature.modified_residue_auth_comp_id 
_pdbx_modification_feature.modified_residue_auth_asym_id 
_pdbx_modification_feature.modified_residue_auth_seq_id 
_pdbx_modification_feature.modified_residue_PDB_ins_code 
_pdbx_modification_feature.modified_residue_symmetry 
_pdbx_modification_feature.comp_id_linking_atom 
_pdbx_modification_feature.modified_residue_id_linking_atom 
_pdbx_modification_feature.modified_residue_id 
_pdbx_modification_feature.ref_pcm_id 
_pdbx_modification_feature.ref_comp_id 
_pdbx_modification_feature.type 
_pdbx_modification_feature.category 
1 CYS A 16 ? CYS A 89 ? CYS A 38 ? 1_555 CYS A 111 ? 1_555 SG SG . . . None 'Disulfide bridge' 
2 CYS A 30 ? CYS A 41 ? CYS A 52 ? 1_555 CYS A 63  ? 1_555 SG SG . . . None 'Disulfide bridge' 
3 CYS A 36 ? CYS A 88 ? CYS A 58 ? 1_555 CYS A 110 ? 1_555 SG SG . . . None 'Disulfide bridge' 
# 
loop_
_struct_sheet.id 
_struct_sheet.type 
_struct_sheet.number_strands 
_struct_sheet.details 
A ? 6 ? 
B ? 3 ? 
# 
loop_
_struct_sheet_order.sheet_id 
_struct_sheet_order.range_id_1 
_struct_sheet_order.range_id_2 
_struct_sheet_order.offset 
_struct_sheet_order.sense 
A 1 2 ? parallel      
A 2 3 ? anti-parallel 
A 3 4 ? anti-parallel 
A 4 5 ? anti-parallel 
A 5 6 ? anti-parallel 
B 1 2 ? anti-parallel 
B 2 3 ? anti-parallel 
# 
loop_
_struct_sheet_range.sheet_id 
_struct_sheet_range.id 
_struct_sheet_range.beg_label_comp_id 
_struct_sheet_range.beg_label_asym_id 
_struct_sheet_range.beg_label_seq_id 
_struct_sheet_range.pdbx_beg_PDB_ins_code 
_struct_sheet_range.end_label_comp_id 
_struct_sheet_range.end_label_asym_id 
_struct_sheet_range.end_label_seq_id 
_struct_sheet_range.pdbx_end_PDB_ins_code 
_struct_sheet_range.beg_auth_comp_id 
_struct_sheet_range.beg_auth_asym_id 
_struct_sheet_range.beg_auth_seq_id 
_struct_sheet_range.end_auth_comp_id 
_struct_sheet_range.end_auth_asym_id 
_struct_sheet_range.end_auth_seq_id 
A 1 ASP A 2   ? GLU A 7   ? ASP A 24  GLU A 29  
A 2 LYS A 100 ? LYS A 109 ? LYS A 122 LYS A 131 
A 3 GLY A 85  ? ILE A 91  ? GLY A 107 ILE A 113 
A 4 MET A 29  ? GLY A 32  ? MET A 51  GLY A 54  
A 5 GLU A 44  ? THR A 48  ? GLU A 66  THR A 70  
A 6 VAL A 53  ? GLN A 56  ? VAL A 75  GLN A 78  
B 1 ALA A 12  ? LEU A 14  ? ALA A 34  LEU A 36  
B 2 LEU A 74  ? ILE A 76  ? LEU A 96  ILE A 98  
B 3 TYR A 61  ? LEU A 63  ? TYR A 83  LEU A 85  
# 
loop_
_pdbx_struct_sheet_hbond.sheet_id 
_pdbx_struct_sheet_hbond.range_id_1 
_pdbx_struct_sheet_hbond.range_id_2 
_pdbx_struct_sheet_hbond.range_1_label_atom_id 
_pdbx_struct_sheet_hbond.range_1_label_comp_id 
_pdbx_struct_sheet_hbond.range_1_label_asym_id 
_pdbx_struct_sheet_hbond.range_1_label_seq_id 
_pdbx_struct_sheet_hbond.range_1_PDB_ins_code 
_pdbx_struct_sheet_hbond.range_1_auth_atom_id 
_pdbx_struct_sheet_hbond.range_1_auth_comp_id 
_pdbx_struct_sheet_hbond.range_1_auth_asym_id 
_pdbx_struct_sheet_hbond.range_1_auth_seq_id 
_pdbx_struct_sheet_hbond.range_2_label_atom_id 
_pdbx_struct_sheet_hbond.range_2_label_comp_id 
_pdbx_struct_sheet_hbond.range_2_label_asym_id 
_pdbx_struct_sheet_hbond.range_2_label_seq_id 
_pdbx_struct_sheet_hbond.range_2_PDB_ins_code 
_pdbx_struct_sheet_hbond.range_2_auth_atom_id 
_pdbx_struct_sheet_hbond.range_2_auth_comp_id 
_pdbx_struct_sheet_hbond.range_2_auth_asym_id 
_pdbx_struct_sheet_hbond.range_2_auth_seq_id 
A 1 2 N TYR A 4   ? N TYR A 26  O ASP A 107 ? O ASP A 129 
A 2 3 O LEU A 106 ? O LEU A 128 N GLY A 85  ? N GLY A 107 
A 3 4 O CYS A 88  ? O CYS A 110 N GLY A 32  ? N GLY A 54  
A 4 5 N TRP A 31  ? N TRP A 53  O LEU A 45  ? O LEU A 67  
A 5 6 N ARG A 47  ? N ARG A 69  O THR A 54  ? O THR A 76  
B 1 2 N LEU A 14  ? N LEU A 36  O LEU A 74  ? O LEU A 96  
B 2 3 O ILE A 75  ? O ILE A 97  N GLN A 62  ? N GLN A 84  
# 
_struct_site.id                   AC1 
_struct_site.pdbx_evidence_code   Software 
_struct_site.pdbx_auth_asym_id    A 
_struct_site.pdbx_auth_comp_id    SO4 
_struct_site.pdbx_auth_seq_id     500 
_struct_site.pdbx_auth_ins_code   ? 
_struct_site.pdbx_num_residues    6 
_struct_site.details              'BINDING SITE FOR RESIDUE SO4 A 500' 
# 
loop_
_struct_site_gen.id 
_struct_site_gen.site_id 
_struct_site_gen.pdbx_num_res 
_struct_site_gen.label_comp_id 
_struct_site_gen.label_asym_id 
_struct_site_gen.label_seq_id 
_struct_site_gen.pdbx_auth_ins_code 
_struct_site_gen.auth_comp_id 
_struct_site_gen.auth_asym_id 
_struct_site_gen.auth_seq_id 
_struct_site_gen.label_atom_id 
_struct_site_gen.label_alt_id 
_struct_site_gen.symmetry 
_struct_site_gen.details 
1 AC1 6 THR A 22 ? THR A 44 . ? 1_556 ? 
2 AC1 6 SER A 23 ? SER A 45 . ? 1_556 ? 
3 AC1 6 LYS A 57 ? LYS A 79 . ? 1_555 ? 
4 AC1 6 SER A 58 ? SER A 80 . ? 1_555 ? 
5 AC1 6 ARG A 60 ? ARG A 82 . ? 1_555 ? 
6 AC1 6 TYR A 61 ? TYR A 83 . ? 1_555 ? 
# 
_pdbx_entry_details.entry_id                   2OYP 
_pdbx_entry_details.compound_details           ? 
_pdbx_entry_details.source_details             ? 
_pdbx_entry_details.nonpolymer_details         ? 
_pdbx_entry_details.sequence_details           ? 
_pdbx_entry_details.has_ligand_of_interest     ? 
_pdbx_entry_details.has_protein_modification   Y 
# 
loop_
_pdbx_validate_torsion.id 
_pdbx_validate_torsion.PDB_model_num 
_pdbx_validate_torsion.auth_comp_id 
_pdbx_validate_torsion.auth_asym_id 
_pdbx_validate_torsion.auth_seq_id 
_pdbx_validate_torsion.PDB_ins_code 
_pdbx_validate_torsion.label_alt_id 
_pdbx_validate_torsion.phi 
_pdbx_validate_torsion.psi 
1 1 GLN A 62 ? ? 55.15   -140.17 
2 1 ASP A 71 ? ? -122.32 -154.18 
3 1 ASN A 74 ? ? -172.69 -179.14 
# 
loop_
_chem_comp_atom.comp_id 
_chem_comp_atom.atom_id 
_chem_comp_atom.type_symbol 
_chem_comp_atom.pdbx_aromatic_flag 
_chem_comp_atom.pdbx_stereo_config 
_chem_comp_atom.pdbx_ordinal 
ALA N    N N N 1   
ALA CA   C N S 2   
ALA C    C N N 3   
ALA O    O N N 4   
ALA CB   C N N 5   
ALA OXT  O N N 6   
ALA H    H N N 7   
ALA H2   H N N 8   
ALA HA   H N N 9   
ALA HB1  H N N 10  
ALA HB2  H N N 11  
ALA HB3  H N N 12  
ALA HXT  H N N 13  
ARG N    N N N 14  
ARG CA   C N S 15  
ARG C    C N N 16  
ARG O    O N N 17  
ARG CB   C N N 18  
ARG CG   C N N 19  
ARG CD   C N N 20  
ARG NE   N N N 21  
ARG CZ   C N N 22  
ARG NH1  N N N 23  
ARG NH2  N N N 24  
ARG OXT  O N N 25  
ARG H    H N N 26  
ARG H2   H N N 27  
ARG HA   H N N 28  
ARG HB2  H N N 29  
ARG HB3  H N N 30  
ARG HG2  H N N 31  
ARG HG3  H N N 32  
ARG HD2  H N N 33  
ARG HD3  H N N 34  
ARG HE   H N N 35  
ARG HH11 H N N 36  
ARG HH12 H N N 37  
ARG HH21 H N N 38  
ARG HH22 H N N 39  
ARG HXT  H N N 40  
ASN N    N N N 41  
ASN CA   C N S 42  
ASN C    C N N 43  
ASN O    O N N 44  
ASN CB   C N N 45  
ASN CG   C N N 46  
ASN OD1  O N N 47  
ASN ND2  N N N 48  
ASN OXT  O N N 49  
ASN H    H N N 50  
ASN H2   H N N 51  
ASN HA   H N N 52  
ASN HB2  H N N 53  
ASN HB3  H N N 54  
ASN HD21 H N N 55  
ASN HD22 H N N 56  
ASN HXT  H N N 57  
ASP N    N N N 58  
ASP CA   C N S 59  
ASP C    C N N 60  
ASP O    O N N 61  
ASP CB   C N N 62  
ASP CG   C N N 63  
ASP OD1  O N N 64  
ASP OD2  O N N 65  
ASP OXT  O N N 66  
ASP H    H N N 67  
ASP H2   H N N 68  
ASP HA   H N N 69  
ASP HB2  H N N 70  
ASP HB3  H N N 71  
ASP HD2  H N N 72  
ASP HXT  H N N 73  
CYS N    N N N 74  
CYS CA   C N R 75  
CYS C    C N N 76  
CYS O    O N N 77  
CYS CB   C N N 78  
CYS SG   S N N 79  
CYS OXT  O N N 80  
CYS H    H N N 81  
CYS H2   H N N 82  
CYS HA   H N N 83  
CYS HB2  H N N 84  
CYS HB3  H N N 85  
CYS HG   H N N 86  
CYS HXT  H N N 87  
GLN N    N N N 88  
GLN CA   C N S 89  
GLN C    C N N 90  
GLN O    O N N 91  
GLN CB   C N N 92  
GLN CG   C N N 93  
GLN CD   C N N 94  
GLN OE1  O N N 95  
GLN NE2  N N N 96  
GLN OXT  O N N 97  
GLN H    H N N 98  
GLN H2   H N N 99  
GLN HA   H N N 100 
GLN HB2  H N N 101 
GLN HB3  H N N 102 
GLN HG2  H N N 103 
GLN HG3  H N N 104 
GLN HE21 H N N 105 
GLN HE22 H N N 106 
GLN HXT  H N N 107 
GLU N    N N N 108 
GLU CA   C N S 109 
GLU C    C N N 110 
GLU O    O N N 111 
GLU CB   C N N 112 
GLU CG   C N N 113 
GLU CD   C N N 114 
GLU OE1  O N N 115 
GLU OE2  O N N 116 
GLU OXT  O N N 117 
GLU H    H N N 118 
GLU H2   H N N 119 
GLU HA   H N N 120 
GLU HB2  H N N 121 
GLU HB3  H N N 122 
GLU HG2  H N N 123 
GLU HG3  H N N 124 
GLU HE2  H N N 125 
GLU HXT  H N N 126 
GLY N    N N N 127 
GLY CA   C N N 128 
GLY C    C N N 129 
GLY O    O N N 130 
GLY OXT  O N N 131 
GLY H    H N N 132 
GLY H2   H N N 133 
GLY HA2  H N N 134 
GLY HA3  H N N 135 
GLY HXT  H N N 136 
HIS N    N N N 137 
HIS CA   C N S 138 
HIS C    C N N 139 
HIS O    O N N 140 
HIS CB   C N N 141 
HIS CG   C Y N 142 
HIS ND1  N Y N 143 
HIS CD2  C Y N 144 
HIS CE1  C Y N 145 
HIS NE2  N Y N 146 
HIS OXT  O N N 147 
HIS H    H N N 148 
HIS H2   H N N 149 
HIS HA   H N N 150 
HIS HB2  H N N 151 
HIS HB3  H N N 152 
HIS HD1  H N N 153 
HIS HD2  H N N 154 
HIS HE1  H N N 155 
HIS HE2  H N N 156 
HIS HXT  H N N 157 
HOH O    O N N 158 
HOH H1   H N N 159 
HOH H2   H N N 160 
ILE N    N N N 161 
ILE CA   C N S 162 
ILE C    C N N 163 
ILE O    O N N 164 
ILE CB   C N S 165 
ILE CG1  C N N 166 
ILE CG2  C N N 167 
ILE CD1  C N N 168 
ILE OXT  O N N 169 
ILE H    H N N 170 
ILE H2   H N N 171 
ILE HA   H N N 172 
ILE HB   H N N 173 
ILE HG12 H N N 174 
ILE HG13 H N N 175 
ILE HG21 H N N 176 
ILE HG22 H N N 177 
ILE HG23 H N N 178 
ILE HD11 H N N 179 
ILE HD12 H N N 180 
ILE HD13 H N N 181 
ILE HXT  H N N 182 
LEU N    N N N 183 
LEU CA   C N S 184 
LEU C    C N N 185 
LEU O    O N N 186 
LEU CB   C N N 187 
LEU CG   C N N 188 
LEU CD1  C N N 189 
LEU CD2  C N N 190 
LEU OXT  O N N 191 
LEU H    H N N 192 
LEU H2   H N N 193 
LEU HA   H N N 194 
LEU HB2  H N N 195 
LEU HB3  H N N 196 
LEU HG   H N N 197 
LEU HD11 H N N 198 
LEU HD12 H N N 199 
LEU HD13 H N N 200 
LEU HD21 H N N 201 
LEU HD22 H N N 202 
LEU HD23 H N N 203 
LEU HXT  H N N 204 
LYS N    N N N 205 
LYS CA   C N S 206 
LYS C    C N N 207 
LYS O    O N N 208 
LYS CB   C N N 209 
LYS CG   C N N 210 
LYS CD   C N N 211 
LYS CE   C N N 212 
LYS NZ   N N N 213 
LYS OXT  O N N 214 
LYS H    H N N 215 
LYS H2   H N N 216 
LYS HA   H N N 217 
LYS HB2  H N N 218 
LYS HB3  H N N 219 
LYS HG2  H N N 220 
LYS HG3  H N N 221 
LYS HD2  H N N 222 
LYS HD3  H N N 223 
LYS HE2  H N N 224 
LYS HE3  H N N 225 
LYS HZ1  H N N 226 
LYS HZ2  H N N 227 
LYS HZ3  H N N 228 
LYS HXT  H N N 229 
MET N    N N N 230 
MET CA   C N S 231 
MET C    C N N 232 
MET O    O N N 233 
MET CB   C N N 234 
MET CG   C N N 235 
MET SD   S N N 236 
MET CE   C N N 237 
MET OXT  O N N 238 
MET H    H N N 239 
MET H2   H N N 240 
MET HA   H N N 241 
MET HB2  H N N 242 
MET HB3  H N N 243 
MET HG2  H N N 244 
MET HG3  H N N 245 
MET HE1  H N N 246 
MET HE2  H N N 247 
MET HE3  H N N 248 
MET HXT  H N N 249 
PHE N    N N N 250 
PHE CA   C N S 251 
PHE C    C N N 252 
PHE O    O N N 253 
PHE CB   C N N 254 
PHE CG   C Y N 255 
PHE CD1  C Y N 256 
PHE CD2  C Y N 257 
PHE CE1  C Y N 258 
PHE CE2  C Y N 259 
PHE CZ   C Y N 260 
PHE OXT  O N N 261 
PHE H    H N N 262 
PHE H2   H N N 263 
PHE HA   H N N 264 
PHE HB2  H N N 265 
PHE HB3  H N N 266 
PHE HD1  H N N 267 
PHE HD2  H N N 268 
PHE HE1  H N N 269 
PHE HE2  H N N 270 
PHE HZ   H N N 271 
PHE HXT  H N N 272 
PRO N    N N N 273 
PRO CA   C N S 274 
PRO C    C N N 275 
PRO O    O N N 276 
PRO CB   C N N 277 
PRO CG   C N N 278 
PRO CD   C N N 279 
PRO OXT  O N N 280 
PRO H    H N N 281 
PRO HA   H N N 282 
PRO HB2  H N N 283 
PRO HB3  H N N 284 
PRO HG2  H N N 285 
PRO HG3  H N N 286 
PRO HD2  H N N 287 
PRO HD3  H N N 288 
PRO HXT  H N N 289 
SER N    N N N 290 
SER CA   C N S 291 
SER C    C N N 292 
SER O    O N N 293 
SER CB   C N N 294 
SER OG   O N N 295 
SER OXT  O N N 296 
SER H    H N N 297 
SER H2   H N N 298 
SER HA   H N N 299 
SER HB2  H N N 300 
SER HB3  H N N 301 
SER HG   H N N 302 
SER HXT  H N N 303 
SO4 S    S N N 304 
SO4 O1   O N N 305 
SO4 O2   O N N 306 
SO4 O3   O N N 307 
SO4 O4   O N N 308 
THR N    N N N 309 
THR CA   C N S 310 
THR C    C N N 311 
THR O    O N N 312 
THR CB   C N R 313 
THR OG1  O N N 314 
THR CG2  C N N 315 
THR OXT  O N N 316 
THR H    H N N 317 
THR H2   H N N 318 
THR HA   H N N 319 
THR HB   H N N 320 
THR HG1  H N N 321 
THR HG21 H N N 322 
THR HG22 H N N 323 
THR HG23 H N N 324 
THR HXT  H N N 325 
TRP N    N N N 326 
TRP CA   C N S 327 
TRP C    C N N 328 
TRP O    O N N 329 
TRP CB   C N N 330 
TRP CG   C Y N 331 
TRP CD1  C Y N 332 
TRP CD2  C Y N 333 
TRP NE1  N Y N 334 
TRP CE2  C Y N 335 
TRP CE3  C Y N 336 
TRP CZ2  C Y N 337 
TRP CZ3  C Y N 338 
TRP CH2  C Y N 339 
TRP OXT  O N N 340 
TRP H    H N N 341 
TRP H2   H N N 342 
TRP HA   H N N 343 
TRP HB2  H N N 344 
TRP HB3  H N N 345 
TRP HD1  H N N 346 
TRP HE1  H N N 347 
TRP HE3  H N N 348 
TRP HZ2  H N N 349 
TRP HZ3  H N N 350 
TRP HH2  H N N 351 
TRP HXT  H N N 352 
TYR N    N N N 353 
TYR CA   C N S 354 
TYR C    C N N 355 
TYR O    O N N 356 
TYR CB   C N N 357 
TYR CG   C Y N 358 
TYR CD1  C Y N 359 
TYR CD2  C Y N 360 
TYR CE1  C Y N 361 
TYR CE2  C Y N 362 
TYR CZ   C Y N 363 
TYR OH   O N N 364 
TYR OXT  O N N 365 
TYR H    H N N 366 
TYR H2   H N N 367 
TYR HA   H N N 368 
TYR HB2  H N N 369 
TYR HB3  H N N 370 
TYR HD1  H N N 371 
TYR HD2  H N N 372 
TYR HE1  H N N 373 
TYR HE2  H N N 374 
TYR HH   H N N 375 
TYR HXT  H N N 376 
VAL N    N N N 377 
VAL CA   C N S 378 
VAL C    C N N 379 
VAL O    O N N 380 
VAL CB   C N N 381 
VAL CG1  C N N 382 
VAL CG2  C N N 383 
VAL OXT  O N N 384 
VAL H    H N N 385 
VAL H2   H N N 386 
VAL HA   H N N 387 
VAL HB   H N N 388 
VAL HG11 H N N 389 
VAL HG12 H N N 390 
VAL HG13 H N N 391 
VAL HG21 H N N 392 
VAL HG22 H N N 393 
VAL HG23 H N N 394 
VAL HXT  H N N 395 
# 
loop_
_chem_comp_bond.comp_id 
_chem_comp_bond.atom_id_1 
_chem_comp_bond.atom_id_2 
_chem_comp_bond.value_order 
_chem_comp_bond.pdbx_aromatic_flag 
_chem_comp_bond.pdbx_stereo_config 
_chem_comp_bond.pdbx_ordinal 
ALA N   CA   sing N N 1   
ALA N   H    sing N N 2   
ALA N   H2   sing N N 3   
ALA CA  C    sing N N 4   
ALA CA  CB   sing N N 5   
ALA CA  HA   sing N N 6   
ALA C   O    doub N N 7   
ALA C   OXT  sing N N 8   
ALA CB  HB1  sing N N 9   
ALA CB  HB2  sing N N 10  
ALA CB  HB3  sing N N 11  
ALA OXT HXT  sing N N 12  
ARG N   CA   sing N N 13  
ARG N   H    sing N N 14  
ARG N   H2   sing N N 15  
ARG CA  C    sing N N 16  
ARG CA  CB   sing N N 17  
ARG CA  HA   sing N N 18  
ARG C   O    doub N N 19  
ARG C   OXT  sing N N 20  
ARG CB  CG   sing N N 21  
ARG CB  HB2  sing N N 22  
ARG CB  HB3  sing N N 23  
ARG CG  CD   sing N N 24  
ARG CG  HG2  sing N N 25  
ARG CG  HG3  sing N N 26  
ARG CD  NE   sing N N 27  
ARG CD  HD2  sing N N 28  
ARG CD  HD3  sing N N 29  
ARG NE  CZ   sing N N 30  
ARG NE  HE   sing N N 31  
ARG CZ  NH1  sing N N 32  
ARG CZ  NH2  doub N N 33  
ARG NH1 HH11 sing N N 34  
ARG NH1 HH12 sing N N 35  
ARG NH2 HH21 sing N N 36  
ARG NH2 HH22 sing N N 37  
ARG OXT HXT  sing N N 38  
ASN N   CA   sing N N 39  
ASN N   H    sing N N 40  
ASN N   H2   sing N N 41  
ASN CA  C    sing N N 42  
ASN CA  CB   sing N N 43  
ASN CA  HA   sing N N 44  
ASN C   O    doub N N 45  
ASN C   OXT  sing N N 46  
ASN CB  CG   sing N N 47  
ASN CB  HB2  sing N N 48  
ASN CB  HB3  sing N N 49  
ASN CG  OD1  doub N N 50  
ASN CG  ND2  sing N N 51  
ASN ND2 HD21 sing N N 52  
ASN ND2 HD22 sing N N 53  
ASN OXT HXT  sing N N 54  
ASP N   CA   sing N N 55  
ASP N   H    sing N N 56  
ASP N   H2   sing N N 57  
ASP CA  C    sing N N 58  
ASP CA  CB   sing N N 59  
ASP CA  HA   sing N N 60  
ASP C   O    doub N N 61  
ASP C   OXT  sing N N 62  
ASP CB  CG   sing N N 63  
ASP CB  HB2  sing N N 64  
ASP CB  HB3  sing N N 65  
ASP CG  OD1  doub N N 66  
ASP CG  OD2  sing N N 67  
ASP OD2 HD2  sing N N 68  
ASP OXT HXT  sing N N 69  
CYS N   CA   sing N N 70  
CYS N   H    sing N N 71  
CYS N   H2   sing N N 72  
CYS CA  C    sing N N 73  
CYS CA  CB   sing N N 74  
CYS CA  HA   sing N N 75  
CYS C   O    doub N N 76  
CYS C   OXT  sing N N 77  
CYS CB  SG   sing N N 78  
CYS CB  HB2  sing N N 79  
CYS CB  HB3  sing N N 80  
CYS SG  HG   sing N N 81  
CYS OXT HXT  sing N N 82  
GLN N   CA   sing N N 83  
GLN N   H    sing N N 84  
GLN N   H2   sing N N 85  
GLN CA  C    sing N N 86  
GLN CA  CB   sing N N 87  
GLN CA  HA   sing N N 88  
GLN C   O    doub N N 89  
GLN C   OXT  sing N N 90  
GLN CB  CG   sing N N 91  
GLN CB  HB2  sing N N 92  
GLN CB  HB3  sing N N 93  
GLN CG  CD   sing N N 94  
GLN CG  HG2  sing N N 95  
GLN CG  HG3  sing N N 96  
GLN CD  OE1  doub N N 97  
GLN CD  NE2  sing N N 98  
GLN NE2 HE21 sing N N 99  
GLN NE2 HE22 sing N N 100 
GLN OXT HXT  sing N N 101 
GLU N   CA   sing N N 102 
GLU N   H    sing N N 103 
GLU N   H2   sing N N 104 
GLU CA  C    sing N N 105 
GLU CA  CB   sing N N 106 
GLU CA  HA   sing N N 107 
GLU C   O    doub N N 108 
GLU C   OXT  sing N N 109 
GLU CB  CG   sing N N 110 
GLU CB  HB2  sing N N 111 
GLU CB  HB3  sing N N 112 
GLU CG  CD   sing N N 113 
GLU CG  HG2  sing N N 114 
GLU CG  HG3  sing N N 115 
GLU CD  OE1  doub N N 116 
GLU CD  OE2  sing N N 117 
GLU OE2 HE2  sing N N 118 
GLU OXT HXT  sing N N 119 
GLY N   CA   sing N N 120 
GLY N   H    sing N N 121 
GLY N   H2   sing N N 122 
GLY CA  C    sing N N 123 
GLY CA  HA2  sing N N 124 
GLY CA  HA3  sing N N 125 
GLY C   O    doub N N 126 
GLY C   OXT  sing N N 127 
GLY OXT HXT  sing N N 128 
HIS N   CA   sing N N 129 
HIS N   H    sing N N 130 
HIS N   H2   sing N N 131 
HIS CA  C    sing N N 132 
HIS CA  CB   sing N N 133 
HIS CA  HA   sing N N 134 
HIS C   O    doub N N 135 
HIS C   OXT  sing N N 136 
HIS CB  CG   sing N N 137 
HIS CB  HB2  sing N N 138 
HIS CB  HB3  sing N N 139 
HIS CG  ND1  sing Y N 140 
HIS CG  CD2  doub Y N 141 
HIS ND1 CE1  doub Y N 142 
HIS ND1 HD1  sing N N 143 
HIS CD2 NE2  sing Y N 144 
HIS CD2 HD2  sing N N 145 
HIS CE1 NE2  sing Y N 146 
HIS CE1 HE1  sing N N 147 
HIS NE2 HE2  sing N N 148 
HIS OXT HXT  sing N N 149 
HOH O   H1   sing N N 150 
HOH O   H2   sing N N 151 
ILE N   CA   sing N N 152 
ILE N   H    sing N N 153 
ILE N   H2   sing N N 154 
ILE CA  C    sing N N 155 
ILE CA  CB   sing N N 156 
ILE CA  HA   sing N N 157 
ILE C   O    doub N N 158 
ILE C   OXT  sing N N 159 
ILE CB  CG1  sing N N 160 
ILE CB  CG2  sing N N 161 
ILE CB  HB   sing N N 162 
ILE CG1 CD1  sing N N 163 
ILE CG1 HG12 sing N N 164 
ILE CG1 HG13 sing N N 165 
ILE CG2 HG21 sing N N 166 
ILE CG2 HG22 sing N N 167 
ILE CG2 HG23 sing N N 168 
ILE CD1 HD11 sing N N 169 
ILE CD1 HD12 sing N N 170 
ILE CD1 HD13 sing N N 171 
ILE OXT HXT  sing N N 172 
LEU N   CA   sing N N 173 
LEU N   H    sing N N 174 
LEU N   H2   sing N N 175 
LEU CA  C    sing N N 176 
LEU CA  CB   sing N N 177 
LEU CA  HA   sing N N 178 
LEU C   O    doub N N 179 
LEU C   OXT  sing N N 180 
LEU CB  CG   sing N N 181 
LEU CB  HB2  sing N N 182 
LEU CB  HB3  sing N N 183 
LEU CG  CD1  sing N N 184 
LEU CG  CD2  sing N N 185 
LEU CG  HG   sing N N 186 
LEU CD1 HD11 sing N N 187 
LEU CD1 HD12 sing N N 188 
LEU CD1 HD13 sing N N 189 
LEU CD2 HD21 sing N N 190 
LEU CD2 HD22 sing N N 191 
LEU CD2 HD23 sing N N 192 
LEU OXT HXT  sing N N 193 
LYS N   CA   sing N N 194 
LYS N   H    sing N N 195 
LYS N   H2   sing N N 196 
LYS CA  C    sing N N 197 
LYS CA  CB   sing N N 198 
LYS CA  HA   sing N N 199 
LYS C   O    doub N N 200 
LYS C   OXT  sing N N 201 
LYS CB  CG   sing N N 202 
LYS CB  HB2  sing N N 203 
LYS CB  HB3  sing N N 204 
LYS CG  CD   sing N N 205 
LYS CG  HG2  sing N N 206 
LYS CG  HG3  sing N N 207 
LYS CD  CE   sing N N 208 
LYS CD  HD2  sing N N 209 
LYS CD  HD3  sing N N 210 
LYS CE  NZ   sing N N 211 
LYS CE  HE2  sing N N 212 
LYS CE  HE3  sing N N 213 
LYS NZ  HZ1  sing N N 214 
LYS NZ  HZ2  sing N N 215 
LYS NZ  HZ3  sing N N 216 
LYS OXT HXT  sing N N 217 
MET N   CA   sing N N 218 
MET N   H    sing N N 219 
MET N   H2   sing N N 220 
MET CA  C    sing N N 221 
MET CA  CB   sing N N 222 
MET CA  HA   sing N N 223 
MET C   O    doub N N 224 
MET C   OXT  sing N N 225 
MET CB  CG   sing N N 226 
MET CB  HB2  sing N N 227 
MET CB  HB3  sing N N 228 
MET CG  SD   sing N N 229 
MET CG  HG2  sing N N 230 
MET CG  HG3  sing N N 231 
MET SD  CE   sing N N 232 
MET CE  HE1  sing N N 233 
MET CE  HE2  sing N N 234 
MET CE  HE3  sing N N 235 
MET OXT HXT  sing N N 236 
PHE N   CA   sing N N 237 
PHE N   H    sing N N 238 
PHE N   H2   sing N N 239 
PHE CA  C    sing N N 240 
PHE CA  CB   sing N N 241 
PHE CA  HA   sing N N 242 
PHE C   O    doub N N 243 
PHE C   OXT  sing N N 244 
PHE CB  CG   sing N N 245 
PHE CB  HB2  sing N N 246 
PHE CB  HB3  sing N N 247 
PHE CG  CD1  doub Y N 248 
PHE CG  CD2  sing Y N 249 
PHE CD1 CE1  sing Y N 250 
PHE CD1 HD1  sing N N 251 
PHE CD2 CE2  doub Y N 252 
PHE CD2 HD2  sing N N 253 
PHE CE1 CZ   doub Y N 254 
PHE CE1 HE1  sing N N 255 
PHE CE2 CZ   sing Y N 256 
PHE CE2 HE2  sing N N 257 
PHE CZ  HZ   sing N N 258 
PHE OXT HXT  sing N N 259 
PRO N   CA   sing N N 260 
PRO N   CD   sing N N 261 
PRO N   H    sing N N 262 
PRO CA  C    sing N N 263 
PRO CA  CB   sing N N 264 
PRO CA  HA   sing N N 265 
PRO C   O    doub N N 266 
PRO C   OXT  sing N N 267 
PRO CB  CG   sing N N 268 
PRO CB  HB2  sing N N 269 
PRO CB  HB3  sing N N 270 
PRO CG  CD   sing N N 271 
PRO CG  HG2  sing N N 272 
PRO CG  HG3  sing N N 273 
PRO CD  HD2  sing N N 274 
PRO CD  HD3  sing N N 275 
PRO OXT HXT  sing N N 276 
SER N   CA   sing N N 277 
SER N   H    sing N N 278 
SER N   H2   sing N N 279 
SER CA  C    sing N N 280 
SER CA  CB   sing N N 281 
SER CA  HA   sing N N 282 
SER C   O    doub N N 283 
SER C   OXT  sing N N 284 
SER CB  OG   sing N N 285 
SER CB  HB2  sing N N 286 
SER CB  HB3  sing N N 287 
SER OG  HG   sing N N 288 
SER OXT HXT  sing N N 289 
SO4 S   O1   doub N N 290 
SO4 S   O2   doub N N 291 
SO4 S   O3   sing N N 292 
SO4 S   O4   sing N N 293 
THR N   CA   sing N N 294 
THR N   H    sing N N 295 
THR N   H2   sing N N 296 
THR CA  C    sing N N 297 
THR CA  CB   sing N N 298 
THR CA  HA   sing N N 299 
THR C   O    doub N N 300 
THR C   OXT  sing N N 301 
THR CB  OG1  sing N N 302 
THR CB  CG2  sing N N 303 
THR CB  HB   sing N N 304 
THR OG1 HG1  sing N N 305 
THR CG2 HG21 sing N N 306 
THR CG2 HG22 sing N N 307 
THR CG2 HG23 sing N N 308 
THR OXT HXT  sing N N 309 
TRP N   CA   sing N N 310 
TRP N   H    sing N N 311 
TRP N   H2   sing N N 312 
TRP CA  C    sing N N 313 
TRP CA  CB   sing N N 314 
TRP CA  HA   sing N N 315 
TRP C   O    doub N N 316 
TRP C   OXT  sing N N 317 
TRP CB  CG   sing N N 318 
TRP CB  HB2  sing N N 319 
TRP CB  HB3  sing N N 320 
TRP CG  CD1  doub Y N 321 
TRP CG  CD2  sing Y N 322 
TRP CD1 NE1  sing Y N 323 
TRP CD1 HD1  sing N N 324 
TRP CD2 CE2  doub Y N 325 
TRP CD2 CE3  sing Y N 326 
TRP NE1 CE2  sing Y N 327 
TRP NE1 HE1  sing N N 328 
TRP CE2 CZ2  sing Y N 329 
TRP CE3 CZ3  doub Y N 330 
TRP CE3 HE3  sing N N 331 
TRP CZ2 CH2  doub Y N 332 
TRP CZ2 HZ2  sing N N 333 
TRP CZ3 CH2  sing Y N 334 
TRP CZ3 HZ3  sing N N 335 
TRP CH2 HH2  sing N N 336 
TRP OXT HXT  sing N N 337 
TYR N   CA   sing N N 338 
TYR N   H    sing N N 339 
TYR N   H2   sing N N 340 
TYR CA  C    sing N N 341 
TYR CA  CB   sing N N 342 
TYR CA  HA   sing N N 343 
TYR C   O    doub N N 344 
TYR C   OXT  sing N N 345 
TYR CB  CG   sing N N 346 
TYR CB  HB2  sing N N 347 
TYR CB  HB3  sing N N 348 
TYR CG  CD1  doub Y N 349 
TYR CG  CD2  sing Y N 350 
TYR CD1 CE1  sing Y N 351 
TYR CD1 HD1  sing N N 352 
TYR CD2 CE2  doub Y N 353 
TYR CD2 HD2  sing N N 354 
TYR CE1 CZ   doub Y N 355 
TYR CE1 HE1  sing N N 356 
TYR CE2 CZ   sing Y N 357 
TYR CE2 HE2  sing N N 358 
TYR CZ  OH   sing N N 359 
TYR OH  HH   sing N N 360 
TYR OXT HXT  sing N N 361 
VAL N   CA   sing N N 362 
VAL N   H    sing N N 363 
VAL N   H2   sing N N 364 
VAL CA  C    sing N N 365 
VAL CA  CB   sing N N 366 
VAL CA  HA   sing N N 367 
VAL C   O    doub N N 368 
VAL C   OXT  sing N N 369 
VAL CB  CG1  sing N N 370 
VAL CB  CG2  sing N N 371 
VAL CB  HB   sing N N 372 
VAL CG1 HG11 sing N N 373 
VAL CG1 HG12 sing N N 374 
VAL CG1 HG13 sing N N 375 
VAL CG2 HG21 sing N N 376 
VAL CG2 HG22 sing N N 377 
VAL CG2 HG23 sing N N 378 
VAL OXT HXT  sing N N 379 
# 
_pdbx_initial_refinement_model.id               1 
_pdbx_initial_refinement_model.entity_id_list   ? 
_pdbx_initial_refinement_model.type             'experimental model' 
_pdbx_initial_refinement_model.source_name      PDB 
_pdbx_initial_refinement_model.accession_code   1EAJ 
_pdbx_initial_refinement_model.details          ? 
# 
_atom_sites.entry_id                    2OYP 
_atom_sites.fract_transf_matrix[1][1]   -0.02714351 
_atom_sites.fract_transf_matrix[1][2]   -0.02019406 
_atom_sites.fract_transf_matrix[1][3]   -0.02857260 
_atom_sites.fract_transf_matrix[2][1]   0.01178167 
_atom_sites.fract_transf_matrix[2][2]   -0.01480658 
_atom_sites.fract_transf_matrix[2][3]   -0.00072765 
_atom_sites.fract_transf_matrix[3][1]   -0.01554855 
_atom_sites.fract_transf_matrix[3][2]   -0.01317759 
_atom_sites.fract_transf_matrix[3][3]   0.01639139 
_atom_sites.fract_transf_vector[1]      0.956219 
_atom_sites.fract_transf_vector[2]      0.502813 
_atom_sites.fract_transf_vector[3]      0.608963 
# 
loop_
_atom_type.symbol 
C 
N 
O 
S 
# 
loop_
_atom_site.group_PDB 
_atom_site.id 
_atom_site.type_symbol 
_atom_site.label_atom_id 
_atom_site.label_alt_id 
_atom_site.label_comp_id 
_atom_site.label_asym_id 
_atom_site.label_entity_id 
_atom_site.label_seq_id 
_atom_site.pdbx_PDB_ins_code 
_atom_site.Cartn_x 
_atom_site.Cartn_y 
_atom_site.Cartn_z 
_atom_site.occupancy 
_atom_site.B_iso_or_equiv 
_atom_site.pdbx_formal_charge 
_atom_site.auth_seq_id 
_atom_site.auth_comp_id 
_atom_site.auth_asym_id 
_atom_site.auth_atom_id 
_atom_site.pdbx_PDB_model_num 
ATOM   1   N N   . MET A 1 1   ? -14.181 7.488   -1.604  1.00 14.14 ? 23  MET A N   1 
ATOM   2   C CA  . MET A 1 1   ? -13.072 6.599   -2.048  1.00 15.88 ? 23  MET A CA  1 
ATOM   3   C C   . MET A 1 1   ? -13.644 5.343   -2.694  1.00 16.17 ? 23  MET A C   1 
ATOM   4   O O   . MET A 1 1   ? -14.796 5.003   -2.481  1.00 15.83 ? 23  MET A O   1 
ATOM   5   C CB  . MET A 1 1   ? -12.134 6.239   -0.881  1.00 15.58 ? 23  MET A CB  1 
ATOM   6   C CG  . MET A 1 1   ? -12.756 5.378   0.226   1.00 14.54 ? 23  MET A CG  1 
ATOM   7   S SD  . MET A 1 1   ? -11.566 5.124   1.583   1.00 16.68 ? 23  MET A SD  1 
ATOM   8   C CE  . MET A 1 1   ? -11.502 6.733   2.375   1.00 14.31 ? 23  MET A CE  1 
ATOM   9   N N   . ASP A 1 2   ? -12.836 4.658   -3.488  1.00 16.91 ? 24  ASP A N   1 
ATOM   10  C CA  . ASP A 1 2   ? -13.300 3.424   -4.086  1.00 17.82 ? 24  ASP A CA  1 
ATOM   11  C C   . ASP A 1 2   ? -13.189 2.282   -3.092  1.00 18.16 ? 24  ASP A C   1 
ATOM   12  O O   . ASP A 1 2   ? -12.276 2.247   -2.260  1.00 17.42 ? 24  ASP A O   1 
ATOM   13  C CB  . ASP A 1 2   ? -12.568 3.158   -5.390  1.00 17.47 ? 24  ASP A CB  1 
ATOM   14  C CG  . ASP A 1 2   ? -12.936 4.180   -6.464  1.00 19.03 ? 24  ASP A CG  1 
ATOM   15  O OD1 . ASP A 1 2   ? -14.146 4.378   -6.688  1.00 20.16 ? 24  ASP A OD1 1 
ATOM   16  O OD2 . ASP A 1 2   ? -12.031 4.788   -7.076  1.00 18.89 ? 24  ASP A OD2 1 
ATOM   17  N N   . GLY A 1 3   ? -14.136 1.354   -3.191  1.00 18.81 ? 25  GLY A N   1 
ATOM   18  C CA  . GLY A 1 3   ? -14.285 0.274   -2.204  1.00 19.13 ? 25  GLY A CA  1 
ATOM   19  C C   . GLY A 1 3   ? -14.048 -1.124  -2.743  1.00 19.20 ? 25  GLY A C   1 
ATOM   20  O O   . GLY A 1 3   ? -14.333 -1.411  -3.914  1.00 19.75 ? 25  GLY A O   1 
ATOM   21  N N   . TYR A 1 4   ? -13.508 -1.974  -1.871  1.00 18.69 ? 26  TYR A N   1 
ATOM   22  C CA  . TYR A 1 4   ? -13.160 -3.365  -2.163  1.00 18.80 ? 26  TYR A CA  1 
ATOM   23  C C   . TYR A 1 4   ? -13.898 -4.285  -1.202  1.00 18.76 ? 26  TYR A C   1 
ATOM   24  O O   . TYR A 1 4   ? -14.102 -3.929  -0.046  1.00 19.50 ? 26  TYR A O   1 
ATOM   25  C CB  . TYR A 1 4   ? -11.645 -3.568  -2.042  1.00 17.95 ? 26  TYR A CB  1 
ATOM   26  C CG  . TYR A 1 4   ? -10.912 -2.818  -3.117  1.00 17.70 ? 26  TYR A CG  1 
ATOM   27  C CD1 . TYR A 1 4   ? -10.350 -3.493  -4.186  1.00 18.01 ? 26  TYR A CD1 1 
ATOM   28  C CD2 . TYR A 1 4   ? -10.833 -1.418  -3.097  1.00 16.69 ? 26  TYR A CD2 1 
ATOM   29  C CE1 . TYR A 1 4   ? -9.696  -2.807  -5.207  1.00 17.70 ? 26  TYR A CE1 1 
ATOM   30  C CE2 . TYR A 1 4   ? -10.193 -0.724  -4.123  1.00 18.46 ? 26  TYR A CE2 1 
ATOM   31  C CZ  . TYR A 1 4   ? -9.625  -1.435  -5.171  1.00 16.99 ? 26  TYR A CZ  1 
ATOM   32  O OH  . TYR A 1 4   ? -8.993  -0.779  -6.200  1.00 19.21 ? 26  TYR A OH  1 
ATOM   33  N N   . LYS A 1 5   ? -14.315 -5.452  -1.688  1.00 18.78 ? 27  LYS A N   1 
ATOM   34  C CA  . LYS A 1 5   ? -15.033 -6.428  -0.856  1.00 19.10 ? 27  LYS A CA  1 
ATOM   35  C C   . LYS A 1 5   ? -14.351 -7.774  -0.995  1.00 19.09 ? 27  LYS A C   1 
ATOM   36  O O   . LYS A 1 5   ? -14.175 -8.292  -2.115  1.00 19.05 ? 27  LYS A O   1 
ATOM   37  C CB  . LYS A 1 5   ? -16.490 -6.578  -1.277  1.00 19.52 ? 27  LYS A CB  1 
ATOM   38  C CG  . LYS A 1 5   ? -17.351 -5.330  -1.186  1.00 22.48 ? 27  LYS A CG  1 
ATOM   39  C CD  . LYS A 1 5   ? -18.816 -5.733  -1.339  1.00 26.98 ? 27  LYS A CD  1 
ATOM   40  C CE  . LYS A 1 5   ? -19.716 -4.534  -1.579  1.00 32.08 ? 27  LYS A CE  1 
ATOM   41  N NZ  . LYS A 1 5   ? -19.556 -4.001  -2.975  1.00 36.01 ? 27  LYS A NZ  1 
ATOM   42  N N   . VAL A 1 6   ? -13.971 -8.330  0.148   1.00 18.61 ? 28  VAL A N   1 
ATOM   43  C CA  . VAL A 1 6   ? -13.181 -9.537  0.204   1.00 18.16 ? 28  VAL A CA  1 
ATOM   44  C C   . VAL A 1 6   ? -13.846 -10.472 1.219   1.00 18.98 ? 28  VAL A C   1 
ATOM   45  O O   . VAL A 1 6   ? -14.271 -10.030 2.293   1.00 18.18 ? 28  VAL A O   1 
ATOM   46  C CB  . VAL A 1 6   ? -11.713 -9.211  0.610   1.00 17.89 ? 28  VAL A CB  1 
ATOM   47  C CG1 . VAL A 1 6   ? -10.854 -10.465 0.617   1.00 16.87 ? 28  VAL A CG1 1 
ATOM   48  C CG2 . VAL A 1 6   ? -11.099 -8.184  -0.365  1.00 17.62 ? 28  VAL A CG2 1 
ATOM   49  N N   A GLU A 1 7   ? -13.949 -11.753 0.875   0.50 19.12 ? 29  GLU A N   1 
ATOM   50  N N   B GLU A 1 7   ? -13.932 -11.752 0.859   0.50 19.05 ? 29  GLU A N   1 
ATOM   51  C CA  A GLU A 1 7   ? -14.580 -12.719 1.766   0.50 20.05 ? 29  GLU A CA  1 
ATOM   52  C CA  B GLU A 1 7   ? -14.470 -12.797 1.728   0.50 19.89 ? 29  GLU A CA  1 
ATOM   53  C C   A GLU A 1 7   ? -13.608 -13.111 2.888   0.50 20.11 ? 29  GLU A C   1 
ATOM   54  C C   B GLU A 1 7   ? -13.557 -13.040 2.926   0.50 20.02 ? 29  GLU A C   1 
ATOM   55  O O   A GLU A 1 7   ? -12.392 -13.181 2.672   0.50 19.60 ? 29  GLU A O   1 
ATOM   56  O O   B GLU A 1 7   ? -12.330 -12.982 2.795   0.50 19.49 ? 29  GLU A O   1 
ATOM   57  C CB  A GLU A 1 7   ? -15.131 -13.926 0.979   0.50 20.05 ? 29  GLU A CB  1 
ATOM   58  C CB  B GLU A 1 7   ? -14.609 -14.107 0.949   0.50 19.86 ? 29  GLU A CB  1 
ATOM   59  C CG  A GLU A 1 7   ? -14.566 -15.299 1.341   0.50 21.40 ? 29  GLU A CG  1 
ATOM   60  C CG  B GLU A 1 7   ? -15.781 -14.185 -0.024  0.50 20.68 ? 29  GLU A CG  1 
ATOM   61  C CD  A GLU A 1 7   ? -15.238 -16.440 0.593   0.50 21.43 ? 29  GLU A CD  1 
ATOM   62  C CD  B GLU A 1 7   ? -15.856 -15.525 -0.761  0.50 21.29 ? 29  GLU A CD  1 
ATOM   63  O OE1 A GLU A 1 7   ? -16.122 -17.099 1.181   0.50 23.88 ? 29  GLU A OE1 1 
ATOM   64  O OE1 B GLU A 1 7   ? -15.330 -16.538 -0.245  0.50 24.09 ? 29  GLU A OE1 1 
ATOM   65  O OE2 A GLU A 1 7   ? -14.886 -16.686 -0.582  0.50 23.84 ? 29  GLU A OE2 1 
ATOM   66  O OE2 B GLU A 1 7   ? -16.442 -15.570 -1.863  0.50 23.61 ? 29  GLU A OE2 1 
ATOM   67  N N   . VAL A 1 8   ? -14.160 -13.322 4.086   1.00 20.13 ? 30  VAL A N   1 
ATOM   68  C CA  . VAL A 1 8   ? -13.412 -13.784 5.258   1.00 20.30 ? 30  VAL A CA  1 
ATOM   69  C C   . VAL A 1 8   ? -12.573 -14.990 4.837   1.00 20.53 ? 30  VAL A C   1 
ATOM   70  O O   . VAL A 1 8   ? -13.048 -15.855 4.097   1.00 20.11 ? 30  VAL A O   1 
ATOM   71  C CB  . VAL A 1 8   ? -14.362 -14.171 6.449   1.00 20.76 ? 30  VAL A CB  1 
ATOM   72  C CG1 . VAL A 1 8   ? -13.625 -15.004 7.522   1.00 20.15 ? 30  VAL A CG1 1 
ATOM   73  C CG2 . VAL A 1 8   ? -14.964 -12.934 7.086   1.00 20.60 ? 30  VAL A CG2 1 
ATOM   74  N N   . GLY A 1 9   ? -11.313 -15.008 5.260   1.00 20.62 ? 31  GLY A N   1 
ATOM   75  C CA  . GLY A 1 9   ? -10.409 -16.112 4.939   1.00 21.21 ? 31  GLY A CA  1 
ATOM   76  C C   . GLY A 1 9   ? -9.675  -15.957 3.627   1.00 21.49 ? 31  GLY A C   1 
ATOM   77  O O   . GLY A 1 9   ? -8.725  -16.691 3.345   1.00 21.65 ? 31  GLY A O   1 
ATOM   78  N N   . LYS A 1 10  ? -10.110 -15.020 2.801   1.00 21.33 ? 32  LYS A N   1 
ATOM   79  C CA  . LYS A 1 10  ? -9.471  -14.852 1.504   1.00 21.35 ? 32  LYS A CA  1 
ATOM   80  C C   . LYS A 1 10  ? -8.434  -13.738 1.549   1.00 20.36 ? 32  LYS A C   1 
ATOM   81  O O   . LYS A 1 10  ? -8.255  -13.098 2.571   1.00 20.58 ? 32  LYS A O   1 
ATOM   82  C CB  . LYS A 1 10  ? -10.508 -14.621 0.399   1.00 21.93 ? 32  LYS A CB  1 
ATOM   83  C CG  . LYS A 1 10  ? -11.481 -15.779 0.153   1.00 23.46 ? 32  LYS A CG  1 
ATOM   84  C CD  . LYS A 1 10  ? -10.797 -17.132 -0.081  1.00 26.15 ? 32  LYS A CD  1 
ATOM   85  C CE  . LYS A 1 10  ? -11.829 -18.177 -0.534  1.00 27.14 ? 32  LYS A CE  1 
ATOM   86  N NZ  . LYS A 1 10  ? -11.286 -19.560 -0.523  1.00 29.14 ? 32  LYS A NZ  1 
ATOM   87  N N   . ASN A 1 11  ? -7.768  -13.502 0.425   1.00 20.40 ? 33  ASN A N   1 
ATOM   88  C CA  . ASN A 1 11  ? -6.692  -12.523 0.355   1.00 20.01 ? 33  ASN A CA  1 
ATOM   89  C C   . ASN A 1 11  ? -7.146  -11.220 -0.301  1.00 19.51 ? 33  ASN A C   1 
ATOM   90  O O   . ASN A 1 11  ? -7.703  -11.231 -1.398  1.00 19.83 ? 33  ASN A O   1 
ATOM   91  C CB  . ASN A 1 11  ? -5.484  -13.132 -0.364  1.00 20.35 ? 33  ASN A CB  1 
ATOM   92  C CG  . ASN A 1 11  ? -4.898  -14.355 0.372   1.00 21.39 ? 33  ASN A CG  1 
ATOM   93  O OD1 . ASN A 1 11  ? -5.174  -14.598 1.556   1.00 20.83 ? 33  ASN A OD1 1 
ATOM   94  N ND2 . ASN A 1 11  ? -4.065  -15.121 -0.339  1.00 22.28 ? 33  ASN A ND2 1 
ATOM   95  N N   . ALA A 1 12  ? -6.935  -10.091 0.377   1.00 18.50 ? 34  ALA A N   1 
ATOM   96  C CA  . ALA A 1 12  ? -7.326  -8.813  -0.198  1.00 17.65 ? 34  ALA A CA  1 
ATOM   97  C C   . ALA A 1 12  ? -6.208  -8.291  -1.112  1.00 17.48 ? 34  ALA A C   1 
ATOM   98  O O   . ALA A 1 12  ? -5.039  -8.305  -0.732  1.00 17.75 ? 34  ALA A O   1 
ATOM   99  C CB  . ALA A 1 12  ? -7.635  -7.812  0.895   1.00 17.30 ? 34  ALA A CB  1 
ATOM   100 N N   . TYR A 1 13  ? -6.577  -7.842  -2.310  1.00 16.65 ? 35  TYR A N   1 
ATOM   101 C CA  . TYR A 1 13  ? -5.617  -7.251  -3.252  1.00 16.26 ? 35  TYR A CA  1 
ATOM   102 C C   . TYR A 1 13  ? -5.972  -5.781  -3.416  1.00 16.26 ? 35  TYR A C   1 
ATOM   103 O O   . TYR A 1 13  ? -7.086  -5.453  -3.856  1.00 16.44 ? 35  TYR A O   1 
ATOM   104 C CB  . TYR A 1 13  ? -5.649  -7.990  -4.600  1.00 16.28 ? 35  TYR A CB  1 
ATOM   105 C CG  . TYR A 1 13  ? -4.767  -7.382  -5.689  1.00 15.51 ? 35  TYR A CG  1 
ATOM   106 C CD1 . TYR A 1 13  ? -3.440  -7.769  -5.836  1.00 16.70 ? 35  TYR A CD1 1 
ATOM   107 C CD2 . TYR A 1 13  ? -5.257  -6.405  -6.547  1.00 15.59 ? 35  TYR A CD2 1 
ATOM   108 C CE1 . TYR A 1 13  ? -2.625  -7.212  -6.833  1.00 15.15 ? 35  TYR A CE1 1 
ATOM   109 C CE2 . TYR A 1 13  ? -4.454  -5.834  -7.541  1.00 15.52 ? 35  TYR A CE2 1 
ATOM   110 C CZ  . TYR A 1 13  ? -3.145  -6.252  -7.684  1.00 16.54 ? 35  TYR A CZ  1 
ATOM   111 O OH  . TYR A 1 13  ? -2.338  -5.696  -8.667  1.00 16.67 ? 35  TYR A OH  1 
ATOM   112 N N   . LEU A 1 14  ? -5.054  -4.899  -3.012  1.00 15.48 ? 36  LEU A N   1 
ATOM   113 C CA  . LEU A 1 14  ? -5.281  -3.457  -3.098  1.00 15.16 ? 36  LEU A CA  1 
ATOM   114 C C   . LEU A 1 14  ? -4.274  -2.850  -4.084  1.00 14.63 ? 36  LEU A C   1 
ATOM   115 O O   . LEU A 1 14  ? -3.092  -2.781  -3.790  1.00 14.00 ? 36  LEU A O   1 
ATOM   116 C CB  . LEU A 1 14  ? -5.177  -2.786  -1.708  1.00 15.32 ? 36  LEU A CB  1 
ATOM   117 C CG  . LEU A 1 14  ? -6.123  -3.287  -0.593  1.00 15.60 ? 36  LEU A CG  1 
ATOM   118 C CD1 . LEU A 1 14  ? -5.861  -2.559  0.745   1.00 16.74 ? 36  LEU A CD1 1 
ATOM   119 C CD2 . LEU A 1 14  ? -7.603  -3.158  -1.015  1.00 13.24 ? 36  LEU A CD2 1 
ATOM   120 N N   . PRO A 1 15  ? -4.745  -2.427  -5.263  1.00 15.06 ? 37  PRO A N   1 
ATOM   121 C CA  . PRO A 1 15  ? -3.815  -1.936  -6.288  1.00 15.28 ? 37  PRO A CA  1 
ATOM   122 C C   . PRO A 1 15  ? -3.246  -0.546  -6.013  1.00 15.34 ? 37  PRO A C   1 
ATOM   123 O O   . PRO A 1 15  ? -3.963  0.363   -5.591  1.00 15.11 ? 37  PRO A O   1 
ATOM   124 C CB  . PRO A 1 15  ? -4.677  -1.910  -7.552  1.00 15.99 ? 37  PRO A CB  1 
ATOM   125 C CG  . PRO A 1 15  ? -6.065  -1.618  -7.052  1.00 16.11 ? 37  PRO A CG  1 
ATOM   126 C CD  . PRO A 1 15  ? -6.147  -2.384  -5.721  1.00 15.53 ? 37  PRO A CD  1 
ATOM   127 N N   . CYS A 1 16  ? -1.957  -0.380  -6.267  1.00 15.49 ? 38  CYS A N   1 
ATOM   128 C CA  . CYS A 1 16  ? -1.322  0.934   -6.182  1.00 15.35 ? 38  CYS A CA  1 
ATOM   129 C C   . CYS A 1 16  ? -0.059  0.882   -7.031  1.00 15.07 ? 38  CYS A C   1 
ATOM   130 O O   . CYS A 1 16  ? 0.731   -0.059  -6.901  1.00 14.42 ? 38  CYS A O   1 
ATOM   131 C CB  . CYS A 1 16  ? -0.964  1.266   -4.728  1.00 15.26 ? 38  CYS A CB  1 
ATOM   132 S SG  . CYS A 1 16  ? -0.403  2.949   -4.483  1.00 16.55 ? 38  CYS A SG  1 
ATOM   133 N N   A SER A 1 17  ? 0.127   1.889   -7.885  0.50 14.84 ? 39  SER A N   1 
ATOM   134 N N   B SER A 1 17  ? 0.114   1.881   -7.895  0.50 15.04 ? 39  SER A N   1 
ATOM   135 C CA  A SER A 1 17  ? 1.263   1.922   -8.815  0.50 15.07 ? 39  SER A CA  1 
ATOM   136 C CA  B SER A 1 17  ? 1.245   1.926   -8.829  0.50 15.53 ? 39  SER A CA  1 
ATOM   137 C C   A SER A 1 17  ? 1.624   3.338   -9.265  0.50 15.69 ? 39  SER A C   1 
ATOM   138 C C   B SER A 1 17  ? 1.699   3.363   -9.107  0.50 15.90 ? 39  SER A C   1 
ATOM   139 O O   A SER A 1 17  ? 0.805   4.258   -9.183  0.50 15.41 ? 39  SER A O   1 
ATOM   140 O O   B SER A 1 17  ? 1.021   4.323   -8.738  0.50 15.61 ? 39  SER A O   1 
ATOM   141 C CB  A SER A 1 17  ? 0.962   1.062   -10.046 0.50 15.19 ? 39  SER A CB  1 
ATOM   142 C CB  B SER A 1 17  ? 0.872   1.245   -10.155 0.50 15.71 ? 39  SER A CB  1 
ATOM   143 O OG  A SER A 1 17  ? -0.144  1.576   -10.763 0.50 13.74 ? 39  SER A OG  1 
ATOM   144 O OG  B SER A 1 17  ? 0.586   -0.135  -9.979  0.50 16.08 ? 39  SER A OG  1 
ATOM   145 N N   . TYR A 1 18  ? 2.851   3.498   -9.762  1.00 16.14 ? 40  TYR A N   1 
ATOM   146 C CA  . TYR A 1 18  ? 3.332   4.800   -10.238 1.00 17.19 ? 40  TYR A CA  1 
ATOM   147 C C   . TYR A 1 18  ? 4.257   4.575   -11.415 1.00 18.35 ? 40  TYR A C   1 
ATOM   148 O O   . TYR A 1 18  ? 4.757   3.462   -11.615 1.00 17.66 ? 40  TYR A O   1 
ATOM   149 C CB  . TYR A 1 18  ? 4.043   5.600   -9.137  1.00 16.86 ? 40  TYR A CB  1 
ATOM   150 C CG  . TYR A 1 18  ? 5.361   5.018   -8.677  1.00 16.66 ? 40  TYR A CG  1 
ATOM   151 C CD1 . TYR A 1 18  ? 6.586   5.518   -9.168  1.00 16.40 ? 40  TYR A CD1 1 
ATOM   152 C CD2 . TYR A 1 18  ? 5.396   3.984   -7.737  1.00 14.30 ? 40  TYR A CD2 1 
ATOM   153 C CE1 . TYR A 1 18  ? 7.813   4.981   -8.730  1.00 14.24 ? 40  TYR A CE1 1 
ATOM   154 C CE2 . TYR A 1 18  ? 6.604   3.447   -7.304  1.00 15.61 ? 40  TYR A CE2 1 
ATOM   155 C CZ  . TYR A 1 18  ? 7.808   3.951   -7.804  1.00 14.79 ? 40  TYR A CZ  1 
ATOM   156 O OH  . TYR A 1 18  ? 8.988   3.412   -7.357  1.00 16.94 ? 40  TYR A OH  1 
ATOM   157 N N   . THR A 1 19  ? 4.464   5.629   -12.199 1.00 20.74 ? 41  THR A N   1 
ATOM   158 C CA  . THR A 1 19  ? 5.314   5.540   -13.380 1.00 23.18 ? 41  THR A CA  1 
ATOM   159 C C   . THR A 1 19  ? 6.757   5.610   -12.932 1.00 24.51 ? 41  THR A C   1 
ATOM   160 O O   . THR A 1 19  ? 7.215   6.644   -12.421 1.00 25.31 ? 41  THR A O   1 
ATOM   161 C CB  . THR A 1 19  ? 5.011   6.671   -14.402 1.00 23.15 ? 41  THR A CB  1 
ATOM   162 O OG1 . THR A 1 19  ? 3.632   6.604   -14.781 1.00 25.73 ? 41  THR A OG1 1 
ATOM   163 C CG2 . THR A 1 19  ? 5.867   6.514   -15.645 1.00 23.80 ? 41  THR A CG2 1 
ATOM   164 N N   . LEU A 1 20  ? 7.458   4.497   -13.109 1.00 26.18 ? 42  LEU A N   1 
ATOM   165 C CA  . LEU A 1 20  ? 8.875   4.412   -12.830 1.00 27.80 ? 42  LEU A CA  1 
ATOM   166 C C   . LEU A 1 20  ? 9.669   4.559   -14.126 1.00 29.26 ? 42  LEU A C   1 
ATOM   167 O O   . LEU A 1 20  ? 9.587   3.694   -15.001 1.00 29.37 ? 42  LEU A O   1 
ATOM   168 C CB  . LEU A 1 20  ? 9.206   3.074   -12.170 1.00 27.75 ? 42  LEU A CB  1 
ATOM   169 C CG  . LEU A 1 20  ? 10.662  2.827   -11.782 1.00 28.03 ? 42  LEU A CG  1 
ATOM   170 C CD1 . LEU A 1 20  ? 11.059  3.607   -10.529 1.00 27.89 ? 42  LEU A CD1 1 
ATOM   171 C CD2 . LEU A 1 20  ? 10.862  1.354   -11.567 1.00 28.65 ? 42  LEU A CD2 1 
ATOM   172 N N   . PRO A 1 21  ? 10.444  5.655   -14.251 1.00 30.58 ? 43  PRO A N   1 
ATOM   173 C CA  . PRO A 1 21  ? 11.298  5.896   -15.415 1.00 31.51 ? 43  PRO A CA  1 
ATOM   174 C C   . PRO A 1 21  ? 12.208  4.715   -15.725 1.00 32.52 ? 43  PRO A C   1 
ATOM   175 O O   . PRO A 1 21  ? 12.578  3.959   -14.812 1.00 32.90 ? 43  PRO A O   1 
ATOM   176 C CB  . PRO A 1 21  ? 12.147  7.100   -14.987 1.00 31.53 ? 43  PRO A CB  1 
ATOM   177 C CG  . PRO A 1 21  ? 11.321  7.817   -13.987 1.00 31.10 ? 43  PRO A CG  1 
ATOM   178 C CD  . PRO A 1 21  ? 10.529  6.754   -13.264 1.00 30.60 ? 43  PRO A CD  1 
ATOM   179 N N   . THR A 1 22  ? 12.561  4.562   -17.002 1.00 33.60 ? 44  THR A N   1 
ATOM   180 C CA  . THR A 1 22  ? 13.544  3.564   -17.426 1.00 34.29 ? 44  THR A CA  1 
ATOM   181 C C   . THR A 1 22  ? 14.837  3.734   -16.624 1.00 34.55 ? 44  THR A C   1 
ATOM   182 O O   . THR A 1 22  ? 15.409  4.831   -16.602 1.00 34.96 ? 44  THR A O   1 
ATOM   183 C CB  . THR A 1 22  ? 13.870  3.671   -18.935 1.00 34.50 ? 44  THR A CB  1 
ATOM   184 O OG1 . THR A 1 22  ? 12.704  3.378   -19.713 1.00 35.11 ? 44  THR A OG1 1 
ATOM   185 C CG2 . THR A 1 22  ? 14.958  2.669   -19.310 1.00 34.39 ? 44  THR A CG2 1 
ATOM   186 N N   . SER A 1 23  ? 15.285  2.644   -15.984 1.00 34.30 ? 45  SER A N   1 
ATOM   187 C CA  . SER A 1 23  ? 16.433  2.649   -15.064 1.00 33.99 ? 45  SER A CA  1 
ATOM   188 C C   . SER A 1 23  ? 16.323  3.743   -13.992 1.00 33.40 ? 45  SER A C   1 
ATOM   189 O O   . SER A 1 23  ? 17.320  4.352   -13.596 1.00 33.68 ? 45  SER A O   1 
ATOM   190 C CB  . SER A 1 23  ? 17.779  2.714   -15.815 1.00 34.18 ? 45  SER A CB  1 
ATOM   191 O OG  . SER A 1 23  ? 17.692  3.510   -16.988 1.00 36.05 ? 45  SER A OG  1 
ATOM   192 N N   . GLY A 1 24  ? 15.097  3.972   -13.525 1.00 32.28 ? 46  GLY A N   1 
ATOM   193 C CA  . GLY A 1 24  ? 14.828  4.977   -12.512 1.00 30.51 ? 46  GLY A CA  1 
ATOM   194 C C   . GLY A 1 24  ? 15.132  4.487   -11.113 1.00 29.33 ? 46  GLY A C   1 
ATOM   195 O O   . GLY A 1 24  ? 15.050  3.285   -10.818 1.00 29.80 ? 46  GLY A O   1 
ATOM   196 N N   . THR A 1 25  ? 15.491  5.430   -10.249 1.00 27.78 ? 47  THR A N   1 
ATOM   197 C CA  . THR A 1 25  ? 15.589  5.176   -8.825  1.00 26.05 ? 47  THR A CA  1 
ATOM   198 C C   . THR A 1 25  ? 14.159  4.947   -8.332  1.00 24.14 ? 47  THR A C   1 
ATOM   199 O O   . THR A 1 25  ? 13.236  5.633   -8.771  1.00 24.61 ? 47  THR A O   1 
ATOM   200 C CB  . THR A 1 25  ? 16.212  6.396   -8.118  1.00 26.50 ? 47  THR A CB  1 
ATOM   201 O OG1 . THR A 1 25  ? 17.499  6.677   -8.693  1.00 27.15 ? 47  THR A OG1 1 
ATOM   202 C CG2 . THR A 1 25  ? 16.352  6.172   -6.618  1.00 26.38 ? 47  THR A CG2 1 
ATOM   203 N N   . LEU A 1 26  ? 13.971  3.969   -7.453  1.00 21.73 ? 48  LEU A N   1 
ATOM   204 C CA  . LEU A 1 26  ? 12.661  3.729   -6.860  1.00 19.72 ? 48  LEU A CA  1 
ATOM   205 C C   . LEU A 1 26  ? 12.231  4.905   -5.983  1.00 18.23 ? 48  LEU A C   1 
ATOM   206 O O   . LEU A 1 26  ? 13.056  5.519   -5.326  1.00 17.54 ? 48  LEU A O   1 
ATOM   207 C CB  . LEU A 1 26  ? 12.658  2.443   -6.026  1.00 19.37 ? 48  LEU A CB  1 
ATOM   208 C CG  . LEU A 1 26  ? 13.023  1.106   -6.663  1.00 20.53 ? 48  LEU A CG  1 
ATOM   209 C CD1 . LEU A 1 26  ? 12.542  0.000   -5.730  1.00 19.61 ? 48  LEU A CD1 1 
ATOM   210 C CD2 . LEU A 1 26  ? 12.382  0.974   -8.027  1.00 19.95 ? 48  LEU A CD2 1 
ATOM   211 N N   . VAL A 1 27  ? 10.935  5.204   -5.976  1.00 16.72 ? 49  VAL A N   1 
ATOM   212 C CA  . VAL A 1 27  ? 10.396  6.239   -5.096  1.00 15.40 ? 49  VAL A CA  1 
ATOM   213 C C   . VAL A 1 27  ? 9.909   5.532   -3.809  1.00 14.88 ? 49  VAL A C   1 
ATOM   214 O O   . VAL A 1 27  ? 9.172   4.554   -3.902  1.00 14.25 ? 49  VAL A O   1 
ATOM   215 C CB  . VAL A 1 27  ? 9.255   7.037   -5.804  1.00 15.67 ? 49  VAL A CB  1 
ATOM   216 C CG1 . VAL A 1 27  ? 8.706   8.117   -4.898  1.00 14.72 ? 49  VAL A CG1 1 
ATOM   217 C CG2 . VAL A 1 27  ? 9.773   7.685   -7.129  1.00 13.90 ? 49  VAL A CG2 1 
ATOM   218 N N   . PRO A 1 28  ? 10.343  6.009   -2.612  1.00 14.27 ? 50  PRO A N   1 
ATOM   219 C CA  . PRO A 1 28  ? 9.894   5.371   -1.365  1.00 13.63 ? 50  PRO A CA  1 
ATOM   220 C C   . PRO A 1 28  ? 8.383   5.449   -1.252  1.00 13.49 ? 50  PRO A C   1 
ATOM   221 O O   . PRO A 1 28  ? 7.772   6.401   -1.759  1.00 13.60 ? 50  PRO A O   1 
ATOM   222 C CB  . PRO A 1 28  ? 10.526  6.241   -0.263  1.00 13.81 ? 50  PRO A CB  1 
ATOM   223 C CG  . PRO A 1 28  ? 11.706  6.912   -0.947  1.00 14.01 ? 50  PRO A CG  1 
ATOM   224 C CD  . PRO A 1 28  ? 11.250  7.146   -2.351  1.00 14.21 ? 50  PRO A CD  1 
ATOM   225 N N   . MET A 1 29  ? 7.782   4.475   -0.572  1.00 12.48 ? 51  MET A N   1 
ATOM   226 C CA  . MET A 1 29  ? 6.335   4.458   -0.408  1.00 12.24 ? 51  MET A CA  1 
ATOM   227 C C   . MET A 1 29  ? 5.970   3.751   0.899   1.00 12.28 ? 51  MET A C   1 
ATOM   228 O O   . MET A 1 29  ? 6.804   3.052   1.492   1.00 11.04 ? 51  MET A O   1 
ATOM   229 C CB  . MET A 1 29  ? 5.662   3.777   -1.634  1.00 12.10 ? 51  MET A CB  1 
ATOM   230 C CG  . MET A 1 29  ? 5.920   2.251   -1.788  1.00 13.06 ? 51  MET A CG  1 
ATOM   231 S SD  . MET A 1 29  ? 4.888   1.223   -0.673  1.00 17.82 ? 51  MET A SD  1 
ATOM   232 C CE  . MET A 1 29  ? 3.246   1.721   -1.161  1.00 15.19 ? 51  MET A CE  1 
ATOM   233 N N   . CYS A 1 30  ? 4.736   3.944   1.355   1.00 12.16 ? 52  CYS A N   1 
ATOM   234 C CA  . CYS A 1 30  ? 4.227   3.166   2.484   1.00 12.77 ? 52  CYS A CA  1 
ATOM   235 C C   . CYS A 1 30  ? 2.776   2.793   2.277   1.00 12.85 ? 52  CYS A C   1 
ATOM   236 O O   . CYS A 1 30  ? 2.046   3.492   1.578   1.00 13.61 ? 52  CYS A O   1 
ATOM   237 C CB  . CYS A 1 30  ? 4.410   3.911   3.823   1.00 13.18 ? 52  CYS A CB  1 
ATOM   238 S SG  . CYS A 1 30  ? 3.663   5.576   3.906   1.00 15.94 ? 52  CYS A SG  1 
ATOM   239 N N   . TRP A 1 31  ? 2.389   1.663   2.855   1.00 13.13 ? 53  TRP A N   1 
ATOM   240 C CA  . TRP A 1 31  ? 0.988   1.319   3.092   1.00 13.32 ? 53  TRP A CA  1 
ATOM   241 C C   . TRP A 1 31  ? 0.695   1.456   4.587   1.00 13.46 ? 53  TRP A C   1 
ATOM   242 O O   . TRP A 1 31  ? 1.485   0.987   5.422   1.00 13.58 ? 53  TRP A O   1 
ATOM   243 C CB  . TRP A 1 31  ? 0.708   -0.125  2.694   1.00 12.81 ? 53  TRP A CB  1 
ATOM   244 C CG  . TRP A 1 31  ? 0.466   -0.356  1.223   1.00 13.06 ? 53  TRP A CG  1 
ATOM   245 C CD1 . TRP A 1 31  ? 1.382   -0.782  0.300   1.00 13.03 ? 53  TRP A CD1 1 
ATOM   246 C CD2 . TRP A 1 31  ? -0.777  -0.206  0.516   1.00 13.40 ? 53  TRP A CD2 1 
ATOM   247 N NE1 . TRP A 1 31  ? 0.789   -0.902  -0.940  1.00 12.79 ? 53  TRP A NE1 1 
ATOM   248 C CE2 . TRP A 1 31  ? -0.532  -0.553  -0.840  1.00 12.94 ? 53  TRP A CE2 1 
ATOM   249 C CE3 . TRP A 1 31  ? -2.076  0.189   0.894   1.00 12.99 ? 53  TRP A CE3 1 
ATOM   250 C CZ2 . TRP A 1 31  ? -1.542  -0.537  -1.819  1.00 12.50 ? 53  TRP A CZ2 1 
ATOM   251 C CZ3 . TRP A 1 31  ? -3.075  0.224   -0.080  1.00 12.88 ? 53  TRP A CZ3 1 
ATOM   252 C CH2 . TRP A 1 31  ? -2.799  -0.132  -1.426  1.00 12.86 ? 53  TRP A CH2 1 
ATOM   253 N N   . GLY A 1 32  ? -0.440  2.079   4.909   1.00 13.05 ? 54  GLY A N   1 
ATOM   254 C CA  . GLY A 1 32  ? -0.923  2.155   6.279   1.00 13.61 ? 54  GLY A CA  1 
ATOM   255 C C   . GLY A 1 32  ? -2.405  1.856   6.375   1.00 14.03 ? 54  GLY A C   1 
ATOM   256 O O   . GLY A 1 32  ? -3.159  2.058   5.411   1.00 14.00 ? 54  GLY A O   1 
ATOM   257 N N   . LYS A 1 33  ? -2.831  1.335   7.521   1.00 13.93 ? 55  LYS A N   1 
ATOM   258 C CA  . LYS A 1 33  ? -4.252  1.143   7.750   1.00 14.81 ? 55  LYS A CA  1 
ATOM   259 C C   . LYS A 1 33  ? -4.810  2.414   8.399   1.00 15.26 ? 55  LYS A C   1 
ATOM   260 O O   . LYS A 1 33  ? -4.831  2.557   9.626   1.00 16.09 ? 55  LYS A O   1 
ATOM   261 C CB  . LYS A 1 33  ? -4.514  -0.086  8.620   1.00 14.46 ? 55  LYS A CB  1 
ATOM   262 C CG  . LYS A 1 33  ? -5.971  -0.582  8.536   1.00 15.75 ? 55  LYS A CG  1 
ATOM   263 C CD  . LYS A 1 33  ? -6.238  -1.725  9.500   1.00 15.54 ? 55  LYS A CD  1 
ATOM   264 C CE  . LYS A 1 33  ? -7.690  -2.182  9.404   1.00 18.73 ? 55  LYS A CE  1 
ATOM   265 N NZ  . LYS A 1 33  ? -8.611  -1.114  9.860   1.00 19.01 ? 55  LYS A NZ  1 
ATOM   266 N N   . GLY A 1 34  ? -5.232  3.345   7.559   1.00 15.24 ? 56  GLY A N   1 
ATOM   267 C CA  . GLY A 1 34  ? -5.882  4.565   8.000   1.00 15.19 ? 56  GLY A CA  1 
ATOM   268 C C   . GLY A 1 34  ? -5.963  5.523   6.836   1.00 15.11 ? 56  GLY A C   1 
ATOM   269 O O   . GLY A 1 34  ? -5.511  5.212   5.726   1.00 14.83 ? 56  GLY A O   1 
ATOM   270 N N   . PHE A 1 35  ? -6.558  6.684   7.073   1.00 14.84 ? 57  PHE A N   1 
ATOM   271 C CA  . PHE A 1 35  ? -6.481  7.766   6.099   1.00 15.14 ? 57  PHE A CA  1 
ATOM   272 C C   . PHE A 1 35  ? -5.014  8.173   5.995   1.00 15.26 ? 57  PHE A C   1 
ATOM   273 O O   . PHE A 1 35  ? -4.263  8.000   6.962   1.00 14.41 ? 57  PHE A O   1 
ATOM   274 C CB  . PHE A 1 35  ? -7.316  8.960   6.570   1.00 15.54 ? 57  PHE A CB  1 
ATOM   275 C CG  . PHE A 1 35  ? -8.801  8.754   6.430   1.00 16.22 ? 57  PHE A CG  1 
ATOM   276 C CD1 . PHE A 1 35  ? -9.491  9.303   5.358   1.00 16.48 ? 57  PHE A CD1 1 
ATOM   277 C CD2 . PHE A 1 35  ? -9.507  8.008   7.370   1.00 16.79 ? 57  PHE A CD2 1 
ATOM   278 C CE1 . PHE A 1 35  ? -10.860 9.104   5.223   1.00 18.85 ? 57  PHE A CE1 1 
ATOM   279 C CE2 . PHE A 1 35  ? -10.876 7.797   7.241   1.00 17.66 ? 57  PHE A CE2 1 
ATOM   280 C CZ  . PHE A 1 35  ? -11.559 8.359   6.173   1.00 19.15 ? 57  PHE A CZ  1 
ATOM   281 N N   . CYS A 1 36  ? -4.598  8.701   4.842   1.00 14.92 ? 58  CYS A N   1 
ATOM   282 C CA  . CYS A 1 36  ? -3.237  9.216   4.711   1.00 15.86 ? 58  CYS A CA  1 
ATOM   283 C C   . CYS A 1 36  ? -3.044  10.437  5.609   1.00 16.12 ? 58  CYS A C   1 
ATOM   284 O O   . CYS A 1 36  ? -3.846  11.386  5.544   1.00 17.02 ? 58  CYS A O   1 
ATOM   285 C CB  . CYS A 1 36  ? -2.910  9.562   3.257   1.00 15.83 ? 58  CYS A CB  1 
ATOM   286 S SG  . CYS A 1 36  ? -3.066  8.152   2.092   1.00 18.76 ? 58  CYS A SG  1 
ATOM   287 N N   . PRO A 1 37  ? -2.009  10.408  6.479   1.00 15.82 ? 59  PRO A N   1 
ATOM   288 C CA  . PRO A 1 37  ? -1.731  11.545  7.347   1.00 15.74 ? 59  PRO A CA  1 
ATOM   289 C C   . PRO A 1 37  ? -0.933  12.632  6.626   1.00 15.74 ? 59  PRO A C   1 
ATOM   290 O O   . PRO A 1 37  ? -0.699  12.534  5.418   1.00 15.42 ? 59  PRO A O   1 
ATOM   291 C CB  . PRO A 1 37  ? -0.872  10.923  8.444   1.00 15.25 ? 59  PRO A CB  1 
ATOM   292 C CG  . PRO A 1 37  ? -0.128  9.843   7.739   1.00 15.14 ? 59  PRO A CG  1 
ATOM   293 C CD  . PRO A 1 37  ? -1.066  9.296   6.720   1.00 15.61 ? 59  PRO A CD  1 
ATOM   294 N N   . TRP A 1 38  ? -0.501  13.645  7.378   1.00 16.33 ? 60  TRP A N   1 
ATOM   295 C CA  . TRP A 1 38  ? 0.286   14.748  6.818   1.00 16.30 ? 60  TRP A CA  1 
ATOM   296 C C   . TRP A 1 38  ? 1.660   14.229  6.368   1.00 16.63 ? 60  TRP A C   1 
ATOM   297 O O   . TRP A 1 38  ? 2.180   14.627  5.314   1.00 17.29 ? 60  TRP A O   1 
ATOM   298 C CB  . TRP A 1 38  ? 0.435   15.894  7.844   1.00 16.57 ? 60  TRP A CB  1 
ATOM   299 C CG  . TRP A 1 38  ? 1.410   16.981  7.408   1.00 15.91 ? 60  TRP A CG  1 
ATOM   300 C CD1 . TRP A 1 38  ? 2.577   17.342  8.027   1.00 15.95 ? 60  TRP A CD1 1 
ATOM   301 C CD2 . TRP A 1 38  ? 1.290   17.823  6.253   1.00 15.65 ? 60  TRP A CD2 1 
ATOM   302 N NE1 . TRP A 1 38  ? 3.193   18.362  7.321   1.00 15.13 ? 60  TRP A NE1 1 
ATOM   303 C CE2 . TRP A 1 38  ? 2.416   18.673  6.231   1.00 16.56 ? 60  TRP A CE2 1 
ATOM   304 C CE3 . TRP A 1 38  ? 0.332   17.942  5.231   1.00 16.58 ? 60  TRP A CE3 1 
ATOM   305 C CZ2 . TRP A 1 38  ? 2.618   19.617  5.223   1.00 16.59 ? 60  TRP A CZ2 1 
ATOM   306 C CZ3 . TRP A 1 38  ? 0.539   18.883  4.226   1.00 16.16 ? 60  TRP A CZ3 1 
ATOM   307 C CH2 . TRP A 1 38  ? 1.665   19.712  4.238   1.00 17.37 ? 60  TRP A CH2 1 
ATOM   308 N N   . SER A 1 39  ? 2.228   13.332  7.156   1.00 17.06 ? 61  SER A N   1 
ATOM   309 C CA  . SER A 1 39  ? 3.569   12.813  6.898   1.00 18.00 ? 61  SER A CA  1 
ATOM   310 C C   . SER A 1 39  ? 3.605   11.295  7.036   1.00 16.97 ? 61  SER A C   1 
ATOM   311 O O   . SER A 1 39  ? 3.075   10.749  8.000   1.00 16.89 ? 61  SER A O   1 
ATOM   312 C CB  . SER A 1 39  ? 4.587   13.455  7.851   1.00 18.26 ? 61  SER A CB  1 
ATOM   313 O OG  . SER A 1 39  ? 5.906   13.200  7.381   1.00 21.44 ? 61  SER A OG  1 
ATOM   314 N N   . GLN A 1 40  ? 4.222   10.639  6.050   1.00 16.94 ? 62  GLN A N   1 
ATOM   315 C CA  . GLN A 1 40  ? 4.365   9.176   5.988   1.00 16.78 ? 62  GLN A CA  1 
ATOM   316 C C   . GLN A 1 40  ? 2.989   8.500   6.089   1.00 15.96 ? 62  GLN A C   1 
ATOM   317 O O   . GLN A 1 40  ? 2.049   8.994   5.503   1.00 15.32 ? 62  GLN A O   1 
ATOM   318 C CB  . GLN A 1 40  ? 5.366   8.675   7.051   1.00 17.24 ? 62  GLN A CB  1 
ATOM   319 C CG  . GLN A 1 40  ? 6.472   7.742   6.476   1.00 20.10 ? 62  GLN A CG  1 
ATOM   320 C CD  . GLN A 1 40  ? 6.125   6.242   6.548   1.00 21.43 ? 62  GLN A CD  1 
ATOM   321 O OE1 . GLN A 1 40  ? 6.606   5.456   5.732   1.00 22.09 ? 62  GLN A OE1 1 
ATOM   322 N NE2 . GLN A 1 40  ? 5.298   5.846   7.528   1.00 21.91 ? 62  GLN A NE2 1 
ATOM   323 N N   . CYS A 1 41  ? 2.890   7.386   6.819   1.00 16.03 ? 63  CYS A N   1 
ATOM   324 C CA  . CYS A 1 41  ? 1.649   6.614   6.980   1.00 16.41 ? 63  CYS A CA  1 
ATOM   325 C C   . CYS A 1 41  ? 1.341   6.379   8.456   1.00 16.59 ? 63  CYS A C   1 
ATOM   326 O O   . CYS A 1 41  ? 2.250   6.329   9.286   1.00 17.25 ? 63  CYS A O   1 
ATOM   327 C CB  . CYS A 1 41  ? 1.748   5.243   6.290   1.00 16.54 ? 63  CYS A CB  1 
ATOM   328 S SG  . CYS A 1 41  ? 1.683   5.245   4.471   1.00 17.23 ? 63  CYS A SG  1 
ATOM   329 N N   . THR A 1 42  ? 0.066   6.217   8.787   1.00 16.52 ? 64  THR A N   1 
ATOM   330 C CA  . THR A 1 42  ? -0.294  5.741   10.130  1.00 16.38 ? 64  THR A CA  1 
ATOM   331 C C   . THR A 1 42  ? -0.525  4.242   10.066  1.00 16.17 ? 64  THR A C   1 
ATOM   332 O O   . THR A 1 42  ? -0.913  3.716   9.019   1.00 15.90 ? 64  THR A O   1 
ATOM   333 C CB  . THR A 1 42  ? -1.557  6.423   10.701  1.00 16.71 ? 64  THR A CB  1 
ATOM   334 O OG1 . THR A 1 42  ? -2.680  6.126   9.867   1.00 16.28 ? 64  THR A OG1 1 
ATOM   335 C CG2 . THR A 1 42  ? -1.362  7.956   10.825  1.00 16.55 ? 64  THR A CG2 1 
ATOM   336 N N   . ASN A 1 43  ? -0.289  3.546   11.178  1.00 16.01 ? 65  ASN A N   1 
ATOM   337 C CA  . ASN A 1 43  ? -0.550  2.103   11.235  1.00 15.56 ? 65  ASN A CA  1 
ATOM   338 C C   . ASN A 1 43  ? 0.104   1.383   10.062  1.00 15.90 ? 65  ASN A C   1 
ATOM   339 O O   . ASN A 1 43  ? -0.549  0.718   9.239   1.00 14.39 ? 65  ASN A O   1 
ATOM   340 C CB  . ASN A 1 43  ? -2.055  1.845   11.304  1.00 16.08 ? 65  ASN A CB  1 
ATOM   341 C CG  . ASN A 1 43  ? -2.690  2.546   12.478  1.00 16.82 ? 65  ASN A CG  1 
ATOM   342 O OD1 . ASN A 1 43  ? -2.116  2.569   13.561  1.00 17.07 ? 65  ASN A OD1 1 
ATOM   343 N ND2 . ASN A 1 43  ? -3.865  3.147   12.266  1.00 18.14 ? 65  ASN A ND2 1 
ATOM   344 N N   . GLU A 1 44  ? 1.420   1.570   10.002  1.00 15.85 ? 66  GLU A N   1 
ATOM   345 C CA  . GLU A 1 44  ? 2.271   1.075   8.934   1.00 16.52 ? 66  GLU A CA  1 
ATOM   346 C C   . GLU A 1 44  ? 2.154   -0.425  8.735   1.00 15.64 ? 66  GLU A C   1 
ATOM   347 O O   . GLU A 1 44  ? 2.202   -1.184  9.701   1.00 15.72 ? 66  GLU A O   1 
ATOM   348 C CB  . GLU A 1 44  ? 3.705   1.383   9.313   1.00 16.86 ? 66  GLU A CB  1 
ATOM   349 C CG  . GLU A 1 44  ? 4.632   1.373   8.163   1.00 20.23 ? 66  GLU A CG  1 
ATOM   350 C CD  . GLU A 1 44  ? 4.897   2.759   7.643   1.00 23.29 ? 66  GLU A CD  1 
ATOM   351 O OE1 . GLU A 1 44  ? 4.397   3.746   8.226   1.00 26.36 ? 66  GLU A OE1 1 
ATOM   352 O OE2 . GLU A 1 44  ? 5.625   2.853   6.658   1.00 24.15 ? 66  GLU A OE2 1 
ATOM   353 N N   . LEU A 1 45  ? 1.995   -0.835  7.482   1.00 14.62 ? 67  LEU A N   1 
ATOM   354 C CA  . LEU A 1 45  ? 1.920   -2.241  7.122   1.00 14.10 ? 67  LEU A CA  1 
ATOM   355 C C   . LEU A 1 45  ? 3.149   -2.635  6.330   1.00 14.47 ? 67  LEU A C   1 
ATOM   356 O O   . LEU A 1 45  ? 3.678   -3.741  6.476   1.00 14.13 ? 67  LEU A O   1 
ATOM   357 C CB  . LEU A 1 45  ? 0.673   -2.508  6.285   1.00 14.08 ? 67  LEU A CB  1 
ATOM   358 C CG  . LEU A 1 45  ? -0.635  -1.922  6.839   1.00 13.92 ? 67  LEU A CG  1 
ATOM   359 C CD1 . LEU A 1 45  ? -1.714  -2.019  5.786   1.00 11.17 ? 67  LEU A CD1 1 
ATOM   360 C CD2 . LEU A 1 45  ? -1.051  -2.625  8.126   1.00 12.28 ? 67  LEU A CD2 1 
ATOM   361 N N   . LEU A 1 46  ? 3.591   -1.720  5.473   1.00 13.89 ? 68  LEU A N   1 
ATOM   362 C CA  . LEU A 1 46  ? 4.717   -1.990  4.609   1.00 14.56 ? 68  LEU A CA  1 
ATOM   363 C C   . LEU A 1 46  ? 5.324   -0.673  4.191   1.00 14.14 ? 68  LEU A C   1 
ATOM   364 O O   . LEU A 1 46  ? 4.599   0.287   3.889   1.00 13.96 ? 68  LEU A O   1 
ATOM   365 C CB  . LEU A 1 46  ? 4.260   -2.789  3.385   1.00 15.12 ? 68  LEU A CB  1 
ATOM   366 C CG  . LEU A 1 46  ? 5.437   -3.457  2.686   1.00 17.55 ? 68  LEU A CG  1 
ATOM   367 C CD1 . LEU A 1 46  ? 5.142   -4.908  2.372   1.00 19.19 ? 68  LEU A CD1 1 
ATOM   368 C CD2 . LEU A 1 46  ? 5.831   -2.625  1.457   1.00 15.83 ? 68  LEU A CD2 1 
ATOM   369 N N   . ARG A 1 47  ? 6.649   -0.635  4.184   1.00 13.76 ? 69  ARG A N   1 
ATOM   370 C CA  . ARG A 1 47  ? 7.387   0.555   3.787   1.00 14.05 ? 69  ARG A CA  1 
ATOM   371 C C   . ARG A 1 47  ? 8.524   0.156   2.858   1.00 13.99 ? 69  ARG A C   1 
ATOM   372 O O   . ARG A 1 47  ? 9.109   -0.907  3.032   1.00 14.34 ? 69  ARG A O   1 
ATOM   373 C CB  . ARG A 1 47  ? 7.977   1.219   5.030   1.00 14.01 ? 69  ARG A CB  1 
ATOM   374 C CG  . ARG A 1 47  ? 8.651   2.541   4.749   1.00 14.69 ? 69  ARG A CG  1 
ATOM   375 C CD  . ARG A 1 47  ? 9.117   3.199   6.016   1.00 16.04 ? 69  ARG A CD  1 
ATOM   376 N NE  . ARG A 1 47  ? 9.551   4.566   5.726   1.00 17.73 ? 69  ARG A NE  1 
ATOM   377 C CZ  . ARG A 1 47  ? 9.697   5.515   6.641   1.00 18.01 ? 69  ARG A CZ  1 
ATOM   378 N NH1 . ARG A 1 47  ? 10.085  6.731   6.271   1.00 18.14 ? 69  ARG A NH1 1 
ATOM   379 N NH2 . ARG A 1 47  ? 9.445   5.245   7.915   1.00 15.91 ? 69  ARG A NH2 1 
ATOM   380 N N   . THR A 1 48  ? 8.844   1.023   1.897   1.00 14.27 ? 70  THR A N   1 
ATOM   381 C CA  . THR A 1 48  ? 10.005  0.830   1.026   1.00 14.13 ? 70  THR A CA  1 
ATOM   382 C C   . THR A 1 48  ? 10.830  2.116   1.001   1.00 14.57 ? 70  THR A C   1 
ATOM   383 O O   . THR A 1 48  ? 10.362  3.181   1.418   1.00 14.52 ? 70  THR A O   1 
ATOM   384 C CB  . THR A 1 48  ? 9.589   0.515   -0.453  1.00 14.39 ? 70  THR A CB  1 
ATOM   385 O OG1 . THR A 1 48  ? 9.048   1.697   -1.071  1.00 15.69 ? 70  THR A OG1 1 
ATOM   386 C CG2 . THR A 1 48  ? 8.574   -0.616  -0.530  1.00 14.27 ? 70  THR A CG2 1 
ATOM   387 N N   . ASP A 1 49  ? 12.061  2.021   0.503   1.00 14.65 ? 71  ASP A N   1 
ATOM   388 C CA  . ASP A 1 49  ? 12.852  3.211   0.232   1.00 15.26 ? 71  ASP A CA  1 
ATOM   389 C C   . ASP A 1 49  ? 13.243  3.206   -1.253  1.00 15.17 ? 71  ASP A C   1 
ATOM   390 O O   . ASP A 1 49  ? 12.561  2.594   -2.074  1.00 14.61 ? 71  ASP A O   1 
ATOM   391 C CB  . ASP A 1 49  ? 14.060  3.314   1.198   1.00 15.27 ? 71  ASP A CB  1 
ATOM   392 C CG  . ASP A 1 49  ? 15.067  2.143   1.068   1.00 16.59 ? 71  ASP A CG  1 
ATOM   393 O OD1 . ASP A 1 49  ? 14.969  1.287   0.160   1.00 16.84 ? 71  ASP A OD1 1 
ATOM   394 O OD2 . ASP A 1 49  ? 16.001  2.097   1.900   1.00 18.88 ? 71  ASP A OD2 1 
ATOM   395 N N   . GLU A 1 50  ? 14.346  3.864   -1.586  1.00 15.82 ? 72  GLU A N   1 
ATOM   396 C CA  . GLU A 1 50  ? 14.829  3.934   -2.953  1.00 16.68 ? 72  GLU A CA  1 
ATOM   397 C C   . GLU A 1 50  ? 15.371  2.597   -3.473  1.00 17.06 ? 72  GLU A C   1 
ATOM   398 O O   . GLU A 1 50  ? 15.601  2.452   -4.679  1.00 17.28 ? 72  GLU A O   1 
ATOM   399 C CB  . GLU A 1 50  ? 15.902  5.037   -3.076  1.00 17.35 ? 72  GLU A CB  1 
ATOM   400 C CG  . GLU A 1 50  ? 15.365  6.480   -2.839  1.00 19.02 ? 72  GLU A CG  1 
ATOM   401 C CD  . GLU A 1 50  ? 15.385  6.937   -1.365  1.00 22.88 ? 72  GLU A CD  1 
ATOM   402 O OE1 . GLU A 1 50  ? 15.592  6.099   -0.457  1.00 23.28 ? 72  GLU A OE1 1 
ATOM   403 O OE2 . GLU A 1 50  ? 15.203  8.158   -1.114  1.00 24.56 ? 72  GLU A OE2 1 
ATOM   404 N N   . ARG A 1 51  ? 15.592  1.627   -2.585  1.00 16.60 ? 73  ARG A N   1 
ATOM   405 C CA  . ARG A 1 51  ? 16.140  0.333   -3.014  1.00 16.87 ? 73  ARG A CA  1 
ATOM   406 C C   . ARG A 1 51  ? 15.212  -0.864  -2.896  1.00 16.03 ? 73  ARG A C   1 
ATOM   407 O O   . ARG A 1 51  ? 15.228  -1.732  -3.759  1.00 15.82 ? 73  ARG A O   1 
ATOM   408 C CB  . ARG A 1 51  ? 17.450  0.009   -2.280  1.00 17.12 ? 73  ARG A CB  1 
ATOM   409 C CG  . ARG A 1 51  ? 18.587  0.958   -2.616  1.00 21.19 ? 73  ARG A CG  1 
ATOM   410 C CD  . ARG A 1 51  ? 19.714  0.848   -1.594  1.00 28.52 ? 73  ARG A CD  1 
ATOM   411 N NE  . ARG A 1 51  ? 19.206  0.519   -0.256  1.00 33.47 ? 73  ARG A NE  1 
ATOM   412 C CZ  . ARG A 1 51  ? 18.692  1.392   0.610   1.00 34.45 ? 73  ARG A CZ  1 
ATOM   413 N NH1 . ARG A 1 51  ? 18.618  2.691   0.305   1.00 36.60 ? 73  ARG A NH1 1 
ATOM   414 N NH2 . ARG A 1 51  ? 18.260  0.957   1.791   1.00 34.66 ? 73  ARG A NH2 1 
ATOM   415 N N   . ASN A 1 52  ? 14.433  -0.924  -1.824  1.00 15.08 ? 74  ASN A N   1 
ATOM   416 C CA  . ASN A 1 52  ? 13.687  -2.121  -1.509  1.00 14.77 ? 74  ASN A CA  1 
ATOM   417 C C   . ASN A 1 52  ? 12.749  -1.870  -0.350  1.00 14.27 ? 74  ASN A C   1 
ATOM   418 O O   . ASN A 1 52  ? 12.695  -0.745  0.178   1.00 13.65 ? 74  ASN A O   1 
ATOM   419 C CB  . ASN A 1 52  ? 14.674  -3.249  -1.157  1.00 15.54 ? 74  ASN A CB  1 
ATOM   420 C CG  . ASN A 1 52  ? 14.164  -4.621  -1.546  1.00 16.12 ? 74  ASN A CG  1 
ATOM   421 O OD1 . ASN A 1 52  ? 12.958  -4.855  -1.656  1.00 16.49 ? 74  ASN A OD1 1 
ATOM   422 N ND2 . ASN A 1 52  ? 15.090  -5.547  -1.744  1.00 16.76 ? 74  ASN A ND2 1 
ATOM   423 N N   . VAL A 1 53  ? 12.016  -2.915  0.044   1.00 13.56 ? 75  VAL A N   1 
ATOM   424 C CA  . VAL A 1 53  ? 11.246  -2.920  1.289   1.00 13.97 ? 75  VAL A CA  1 
ATOM   425 C C   . VAL A 1 53  ? 12.185  -2.587  2.464   1.00 14.09 ? 75  VAL A C   1 
ATOM   426 O O   . VAL A 1 53  ? 13.339  -3.022  2.479   1.00 14.10 ? 75  VAL A O   1 
ATOM   427 C CB  . VAL A 1 53  ? 10.553  -4.296  1.515   1.00 13.42 ? 75  VAL A CB  1 
ATOM   428 C CG1 . VAL A 1 53  ? 9.850   -4.347  2.843   1.00 13.54 ? 75  VAL A CG1 1 
ATOM   429 C CG2 . VAL A 1 53  ? 9.554   -4.567  0.419   1.00 14.11 ? 75  VAL A CG2 1 
ATOM   430 N N   . THR A 1 54  ? 11.702  -1.782  3.408   1.00 13.78 ? 76  THR A N   1 
ATOM   431 C CA  . THR A 1 54  ? 12.447  -1.483  4.636   1.00 14.37 ? 76  THR A CA  1 
ATOM   432 C C   . THR A 1 54  ? 11.667  -1.894  5.889   1.00 14.38 ? 76  THR A C   1 
ATOM   433 O O   . THR A 1 54  ? 12.255  -2.042  6.958   1.00 14.14 ? 76  THR A O   1 
ATOM   434 C CB  . THR A 1 54  ? 12.785  -0.008  4.773   1.00 14.16 ? 76  THR A CB  1 
ATOM   435 O OG1 . THR A 1 54  ? 11.570  0.747   4.731   1.00 15.86 ? 76  THR A OG1 1 
ATOM   436 C CG2 . THR A 1 54  ? 13.739  0.470   3.628   1.00 14.03 ? 76  THR A CG2 1 
ATOM   437 N N   . TYR A 1 55  ? 10.350  -2.072  5.760   1.00 14.28 ? 77  TYR A N   1 
ATOM   438 C CA  . TYR A 1 55  ? 9.545   -2.509  6.893   1.00 15.24 ? 77  TYR A CA  1 
ATOM   439 C C   . TYR A 1 55  ? 8.374   -3.341  6.413   1.00 15.66 ? 77  TYR A C   1 
ATOM   440 O O   . TYR A 1 55  ? 7.738   -3.005  5.414   1.00 15.52 ? 77  TYR A O   1 
ATOM   441 C CB  . TYR A 1 55  ? 9.053   -1.318  7.741   1.00 15.61 ? 77  TYR A CB  1 
ATOM   442 C CG  . TYR A 1 55  ? 8.106   -1.728  8.869   1.00 17.08 ? 77  TYR A CG  1 
ATOM   443 C CD1 . TYR A 1 55  ? 8.602   -2.252  10.062  1.00 17.76 ? 77  TYR A CD1 1 
ATOM   444 C CD2 . TYR A 1 55  ? 6.713   -1.603  8.728   1.00 17.28 ? 77  TYR A CD2 1 
ATOM   445 C CE1 . TYR A 1 55  ? 7.737   -2.649  11.101  1.00 18.34 ? 77  TYR A CE1 1 
ATOM   446 C CE2 . TYR A 1 55  ? 5.841   -1.996  9.754   1.00 18.18 ? 77  TYR A CE2 1 
ATOM   447 C CZ  . TYR A 1 55  ? 6.367   -2.509  10.936  1.00 17.86 ? 77  TYR A CZ  1 
ATOM   448 O OH  . TYR A 1 55  ? 5.530   -2.892  11.947  1.00 18.30 ? 77  TYR A OH  1 
ATOM   449 N N   . GLN A 1 56  ? 8.091   -4.420  7.136   1.00 15.97 ? 78  GLN A N   1 
ATOM   450 C CA  . GLN A 1 56  ? 6.939   -5.267  6.831   1.00 17.02 ? 78  GLN A CA  1 
ATOM   451 C C   . GLN A 1 56  ? 6.300   -5.662  8.156   1.00 17.10 ? 78  GLN A C   1 
ATOM   452 O O   . GLN A 1 56  ? 6.968   -6.248  9.003   1.00 17.18 ? 78  GLN A O   1 
ATOM   453 C CB  . GLN A 1 56  ? 7.401   -6.497  6.031   1.00 16.92 ? 78  GLN A CB  1 
ATOM   454 C CG  . GLN A 1 56  ? 6.308   -7.514  5.667   1.00 17.53 ? 78  GLN A CG  1 
ATOM   455 C CD  . GLN A 1 56  ? 6.861   -8.688  4.857   1.00 18.98 ? 78  GLN A CD  1 
ATOM   456 O OE1 . GLN A 1 56  ? 8.067   -8.915  4.835   1.00 20.24 ? 78  GLN A OE1 1 
ATOM   457 N NE2 . GLN A 1 56  ? 5.975   -9.440  4.195   1.00 20.14 ? 78  GLN A NE2 1 
ATOM   458 N N   . LYS A 1 57  ? 5.021   -5.322  8.342   1.00 17.21 ? 79  LYS A N   1 
ATOM   459 C CA  . LYS A 1 57  ? 4.363   -5.484  9.651   1.00 17.71 ? 79  LYS A CA  1 
ATOM   460 C C   . LYS A 1 57  ? 4.363   -6.946  10.099  1.00 17.90 ? 79  LYS A C   1 
ATOM   461 O O   . LYS A 1 57  ? 4.705   -7.252  11.244  1.00 17.26 ? 79  LYS A O   1 
ATOM   462 C CB  . LYS A 1 57  ? 2.946   -4.900  9.645   1.00 17.16 ? 79  LYS A CB  1 
ATOM   463 C CG  . LYS A 1 57  ? 2.134   -5.204  10.889  1.00 19.31 ? 79  LYS A CG  1 
ATOM   464 C CD  . LYS A 1 57  ? 0.939   -4.289  11.008  1.00 21.34 ? 79  LYS A CD  1 
ATOM   465 C CE  . LYS A 1 57  ? 0.142   -4.577  12.293  1.00 25.34 ? 79  LYS A CE  1 
ATOM   466 N NZ  . LYS A 1 57  ? -0.945  -5.553  12.004  1.00 29.62 ? 79  LYS A NZ  1 
ATOM   467 N N   . SER A 1 58  ? 3.962   -7.824  9.185   1.00 17.59 ? 80  SER A N   1 
ATOM   468 C CA  . SER A 1 58  ? 4.005   -9.260  9.392   1.00 18.52 ? 80  SER A CA  1 
ATOM   469 C C   . SER A 1 58  ? 3.977   -9.931  8.016   1.00 18.43 ? 80  SER A C   1 
ATOM   470 O O   . SER A 1 58  ? 3.857   -9.256  6.982   1.00 18.18 ? 80  SER A O   1 
ATOM   471 C CB  . SER A 1 58  ? 2.820   -9.722  10.259  1.00 18.18 ? 80  SER A CB  1 
ATOM   472 O OG  . SER A 1 58  ? 1.629   -9.622  9.517   1.00 19.30 ? 80  SER A OG  1 
ATOM   473 N N   . SER A 1 59  ? 4.083   -11.256 8.008   1.00 19.23 ? 81  SER A N   1 
ATOM   474 C CA  . SER A 1 59  ? 4.161   -12.034 6.762   1.00 19.70 ? 81  SER A CA  1 
ATOM   475 C C   . SER A 1 59  ? 2.841   -12.009 5.977   1.00 19.23 ? 81  SER A C   1 
ATOM   476 O O   . SER A 1 59  ? 2.812   -12.332 4.786   1.00 18.85 ? 81  SER A O   1 
ATOM   477 C CB  . SER A 1 59  ? 4.580   -13.476 7.067   1.00 20.40 ? 81  SER A CB  1 
ATOM   478 O OG  . SER A 1 59  ? 3.621   -14.089 7.921   1.00 22.02 ? 81  SER A OG  1 
ATOM   479 N N   . ARG A 1 60  ? 1.761   -11.620 6.657   1.00 19.47 ? 82  ARG A N   1 
ATOM   480 C CA  . ARG A 1 60  ? 0.440   -11.407 6.049   1.00 19.89 ? 82  ARG A CA  1 
ATOM   481 C C   . ARG A 1 60  ? 0.379   -10.245 5.049   1.00 19.75 ? 82  ARG A C   1 
ATOM   482 O O   . ARG A 1 60  ? -0.511  -10.213 4.190   1.00 19.82 ? 82  ARG A O   1 
ATOM   483 C CB  . ARG A 1 60  ? -0.587  -11.127 7.141   1.00 20.16 ? 82  ARG A CB  1 
ATOM   484 C CG  . ARG A 1 60  ? -1.260  -12.337 7.716   1.00 22.25 ? 82  ARG A CG  1 
ATOM   485 C CD  . ARG A 1 60  ? -2.764  -12.083 7.904   1.00 23.31 ? 82  ARG A CD  1 
ATOM   486 N NE  . ARG A 1 60  ? -3.062  -10.887 8.694   1.00 22.36 ? 82  ARG A NE  1 
ATOM   487 C CZ  . ARG A 1 60  ? -4.158  -10.136 8.558   1.00 20.22 ? 82  ARG A CZ  1 
ATOM   488 N NH1 . ARG A 1 60  ? -4.312  -9.082  9.327   1.00 20.03 ? 82  ARG A NH1 1 
ATOM   489 N NH2 . ARG A 1 60  ? -5.103  -10.430 7.669   1.00 19.63 ? 82  ARG A NH2 1 
ATOM   490 N N   . TYR A 1 61  ? 1.284   -9.280  5.184   1.00 19.07 ? 83  TYR A N   1 
ATOM   491 C CA  . TYR A 1 61  ? 1.259   -8.073  4.353   1.00 19.06 ? 83  TYR A CA  1 
ATOM   492 C C   . TYR A 1 61  ? 2.415   -8.125  3.369   1.00 19.42 ? 83  TYR A C   1 
ATOM   493 O O   . TYR A 1 61  ? 3.575   -8.129  3.777   1.00 19.40 ? 83  TYR A O   1 
ATOM   494 C CB  . TYR A 1 61  ? 1.375   -6.806  5.198   1.00 18.93 ? 83  TYR A CB  1 
ATOM   495 C CG  . TYR A 1 61  ? 0.268   -6.623  6.191   1.00 18.97 ? 83  TYR A CG  1 
ATOM   496 C CD1 . TYR A 1 61  ? -0.925  -5.997  5.824   1.00 17.82 ? 83  TYR A CD1 1 
ATOM   497 C CD2 . TYR A 1 61  ? 0.406   -7.087  7.505   1.00 18.49 ? 83  TYR A CD2 1 
ATOM   498 C CE1 . TYR A 1 61  ? -1.964  -5.842  6.746   1.00 19.27 ? 83  TYR A CE1 1 
ATOM   499 C CE2 . TYR A 1 61  ? -0.620  -6.922  8.433   1.00 19.88 ? 83  TYR A CE2 1 
ATOM   500 C CZ  . TYR A 1 61  ? -1.802  -6.302  8.043   1.00 18.55 ? 83  TYR A CZ  1 
ATOM   501 O OH  . TYR A 1 61  ? -2.816  -6.136  8.960   1.00 19.67 ? 83  TYR A OH  1 
ATOM   502 N N   . GLN A 1 62  ? 2.094   -8.195  2.083   1.00 19.46 ? 84  GLN A N   1 
ATOM   503 C CA  . GLN A 1 62  ? 3.106   -8.393  1.063   1.00 20.23 ? 84  GLN A CA  1 
ATOM   504 C C   . GLN A 1 62  ? 2.884   -7.522  -0.157  1.00 19.86 ? 84  GLN A C   1 
ATOM   505 O O   . GLN A 1 62  ? 1.751   -7.317  -0.593  1.00 19.42 ? 84  GLN A O   1 
ATOM   506 C CB  . GLN A 1 62  ? 3.132   -9.853  0.608   1.00 20.74 ? 84  GLN A CB  1 
ATOM   507 C CG  . GLN A 1 62  ? 3.454   -10.848 1.698   1.00 24.39 ? 84  GLN A CG  1 
ATOM   508 C CD  . GLN A 1 62  ? 3.654   -12.248 1.158   1.00 30.16 ? 84  GLN A CD  1 
ATOM   509 O OE1 . GLN A 1 62  ? 3.338   -12.535 -0.007  1.00 32.76 ? 84  GLN A OE1 1 
ATOM   510 N NE2 . GLN A 1 62  ? 4.174   -13.137 2.005   1.00 31.41 ? 84  GLN A NE2 1 
ATOM   511 N N   . LEU A 1 63  ? 3.975   -7.041  -0.732  1.00 19.69 ? 85  LEU A N   1 
ATOM   512 C CA  . LEU A 1 63  ? 3.882   -6.420  -2.035  1.00 20.36 ? 85  LEU A CA  1 
ATOM   513 C C   . LEU A 1 63  ? 3.623   -7.537  -3.047  1.00 21.39 ? 85  LEU A C   1 
ATOM   514 O O   . LEU A 1 63  ? 4.424   -8.476  -3.174  1.00 21.93 ? 85  LEU A O   1 
ATOM   515 C CB  . LEU A 1 63  ? 5.137   -5.603  -2.363  1.00 19.79 ? 85  LEU A CB  1 
ATOM   516 C CG  . LEU A 1 63  ? 5.319   -4.269  -1.625  1.00 19.61 ? 85  LEU A CG  1 
ATOM   517 C CD1 . LEU A 1 63  ? 6.481   -3.459  -2.234  1.00 18.36 ? 85  LEU A CD1 1 
ATOM   518 C CD2 . LEU A 1 63  ? 4.037   -3.420  -1.627  1.00 16.01 ? 85  LEU A CD2 1 
ATOM   519 N N   . LYS A 1 64  ? 2.487   -7.449  -3.746  1.00 22.23 ? 86  LYS A N   1 
ATOM   520 C CA  . LYS A 1 64  ? 2.039   -8.525  -4.637  1.00 22.85 ? 86  LYS A CA  1 
ATOM   521 C C   . LYS A 1 64  ? 2.592   -8.388  -6.052  1.00 23.03 ? 86  LYS A C   1 
ATOM   522 O O   . LYS A 1 64  ? 2.780   -9.392  -6.753  1.00 23.31 ? 86  LYS A O   1 
ATOM   523 C CB  . LYS A 1 64  ? 0.513   -8.591  -4.666  1.00 23.60 ? 86  LYS A CB  1 
ATOM   524 C CG  . LYS A 1 64  ? -0.070  -9.905  -5.215  1.00 24.48 ? 86  LYS A CG  1 
ATOM   525 C CD  . LYS A 1 64  ? 0.598   -11.129 -4.594  1.00 28.78 ? 86  LYS A CD  1 
ATOM   526 C CE  . LYS A 1 64  ? -0.353  -12.327 -4.531  1.00 30.69 ? 86  LYS A CE  1 
ATOM   527 N NZ  . LYS A 1 64  ? 0.405   -13.546 -4.118  1.00 34.54 ? 86  LYS A NZ  1 
ATOM   528 N N   . GLY A 1 65  ? 2.849   -7.149  -6.467  1.00 22.35 ? 87  GLY A N   1 
ATOM   529 C CA  . GLY A 1 65  ? 3.466   -6.884  -7.763  1.00 21.63 ? 87  GLY A CA  1 
ATOM   530 C C   . GLY A 1 65  ? 4.949   -6.627  -7.589  1.00 20.94 ? 87  GLY A C   1 
ATOM   531 O O   . GLY A 1 65  ? 5.517   -6.916  -6.534  1.00 22.21 ? 87  GLY A O   1 
ATOM   532 N N   . ASP A 1 66  ? 5.580   -6.072  -8.609  1.00 19.32 ? 88  ASP A N   1 
ATOM   533 C CA  . ASP A 1 66  ? 7.011   -5.833  -8.562  1.00 17.58 ? 88  ASP A CA  1 
ATOM   534 C C   . ASP A 1 66  ? 7.300   -4.359  -8.310  1.00 16.70 ? 88  ASP A C   1 
ATOM   535 O O   . ASP A 1 66  ? 7.144   -3.530  -9.212  1.00 15.87 ? 88  ASP A O   1 
ATOM   536 C CB  . ASP A 1 66  ? 7.660   -6.304  -9.871  1.00 18.04 ? 88  ASP A CB  1 
ATOM   537 C CG  . ASP A 1 66  ? 9.183   -6.255  -9.823  1.00 17.42 ? 88  ASP A CG  1 
ATOM   538 O OD1 . ASP A 1 66  ? 9.749   -5.892  -8.768  1.00 15.18 ? 88  ASP A OD1 1 
ATOM   539 O OD2 . ASP A 1 66  ? 9.808   -6.618  -10.834 1.00 17.44 ? 88  ASP A OD2 1 
ATOM   540 N N   . LEU A 1 67  ? 7.742   -4.034  -7.089  1.00 15.97 ? 89  LEU A N   1 
ATOM   541 C CA  . LEU A 1 67  ? 8.096   -2.649  -6.743  1.00 15.43 ? 89  LEU A CA  1 
ATOM   542 C C   . LEU A 1 67  ? 9.158   -2.102  -7.706  1.00 15.57 ? 89  LEU A C   1 
ATOM   543 O O   . LEU A 1 67  ? 9.278   -0.892  -7.899  1.00 15.16 ? 89  LEU A O   1 
ATOM   544 C CB  . LEU A 1 67  ? 8.605   -2.548  -5.299  1.00 16.06 ? 89  LEU A CB  1 
ATOM   545 C CG  . LEU A 1 67  ? 10.078  -2.896  -4.997  1.00 17.07 ? 89  LEU A CG  1 
ATOM   546 C CD1 . LEU A 1 67  ? 10.506  -2.336  -3.637  1.00 19.18 ? 89  LEU A CD1 1 
ATOM   547 C CD2 . LEU A 1 67  ? 10.369  -4.409  -5.084  1.00 17.06 ? 89  LEU A CD2 1 
ATOM   548 N N   . ASN A 1 68  ? 9.909   -3.007  -8.330  1.00 15.17 ? 90  ASN A N   1 
ATOM   549 C CA  . ASN A 1 68  ? 10.991  -2.609  -9.242  1.00 15.47 ? 90  ASN A CA  1 
ATOM   550 C C   . ASN A 1 68  ? 10.470  -2.166  -10.595 1.00 15.71 ? 90  ASN A C   1 
ATOM   551 O O   . ASN A 1 68  ? 11.238  -1.695  -11.437 1.00 15.84 ? 90  ASN A O   1 
ATOM   552 C CB  . ASN A 1 68  ? 11.996  -3.749  -9.391  1.00 14.63 ? 90  ASN A CB  1 
ATOM   553 C CG  . ASN A 1 68  ? 12.667  -4.098  -8.077  1.00 15.16 ? 90  ASN A CG  1 
ATOM   554 O OD1 . ASN A 1 68  ? 13.207  -3.229  -7.382  1.00 14.87 ? 90  ASN A OD1 1 
ATOM   555 N ND2 . ASN A 1 68  ? 12.622  -5.367  -7.719  1.00 15.50 ? 90  ASN A ND2 1 
ATOM   556 N N   . LYS A 1 69  ? 9.166   -2.331  -10.797 1.00 15.72 ? 91  LYS A N   1 
ATOM   557 C CA  . LYS A 1 69  ? 8.472   -1.822  -11.992 1.00 16.53 ? 91  LYS A CA  1 
ATOM   558 C C   . LYS A 1 69  ? 7.444   -0.738  -11.619 1.00 15.68 ? 91  LYS A C   1 
ATOM   559 O O   . LYS A 1 69  ? 6.679   -0.279  -12.454 1.00 15.84 ? 91  LYS A O   1 
ATOM   560 C CB  . LYS A 1 69  ? 7.818   -2.976  -12.781 1.00 16.51 ? 91  LYS A CB  1 
ATOM   561 C CG  . LYS A 1 69  ? 8.831   -3.985  -13.317 1.00 19.14 ? 91  LYS A CG  1 
ATOM   562 C CD  . LYS A 1 69  ? 8.233   -4.870  -14.398 1.00 23.94 ? 91  LYS A CD  1 
ATOM   563 C CE  . LYS A 1 69  ? 9.321   -5.638  -15.150 1.00 26.61 ? 91  LYS A CE  1 
ATOM   564 N NZ  . LYS A 1 69  ? 10.082  -4.780  -16.135 1.00 29.69 ? 91  LYS A NZ  1 
ATOM   565 N N   . GLY A 1 70  ? 7.469   -0.306  -10.363 1.00 15.49 ? 92  GLY A N   1 
ATOM   566 C CA  . GLY A 1 70  ? 6.525   0.699   -9.880  1.00 14.09 ? 92  GLY A CA  1 
ATOM   567 C C   . GLY A 1 70  ? 5.151   0.138   -9.515  1.00 14.40 ? 92  GLY A C   1 
ATOM   568 O O   . GLY A 1 70  ? 4.226   0.905   -9.301  1.00 14.02 ? 92  GLY A O   1 
ATOM   569 N N   . ASP A 1 71  ? 5.017   -1.190  -9.433  1.00 14.17 ? 93  ASP A N   1 
ATOM   570 C CA  . ASP A 1 71  ? 3.764   -1.826  -8.983  1.00 14.24 ? 93  ASP A CA  1 
ATOM   571 C C   . ASP A 1 71  ? 3.919   -2.134  -7.508  1.00 13.76 ? 93  ASP A C   1 
ATOM   572 O O   . ASP A 1 71  ? 4.630   -3.069  -7.136  1.00 13.43 ? 93  ASP A O   1 
ATOM   573 C CB  . ASP A 1 71  ? 3.484   -3.100  -9.792  1.00 14.73 ? 93  ASP A CB  1 
ATOM   574 C CG  . ASP A 1 71  ? 2.190   -3.809  -9.389  1.00 16.21 ? 93  ASP A CG  1 
ATOM   575 O OD1 . ASP A 1 71  ? 1.469   -3.335  -8.468  1.00 15.26 ? 93  ASP A OD1 1 
ATOM   576 O OD2 . ASP A 1 71  ? 1.891   -4.859  -10.028 1.00 16.96 ? 93  ASP A OD2 1 
ATOM   577 N N   . VAL A 1 72  ? 3.278   -1.312  -6.677  1.00 13.09 ? 94  VAL A N   1 
ATOM   578 C CA  . VAL A 1 72  ? 3.366   -1.437  -5.221  1.00 13.45 ? 94  VAL A CA  1 
ATOM   579 C C   . VAL A 1 72  ? 2.016   -1.867  -4.608  1.00 13.74 ? 94  VAL A C   1 
ATOM   580 O O   . VAL A 1 72  ? 1.611   -1.429  -3.516  1.00 13.45 ? 94  VAL A O   1 
ATOM   581 C CB  . VAL A 1 72  ? 3.934   -0.150  -4.569  1.00 13.21 ? 94  VAL A CB  1 
ATOM   582 C CG1 . VAL A 1 72  ? 5.409   0.049   -4.997  1.00 12.62 ? 94  VAL A CG1 1 
ATOM   583 C CG2 . VAL A 1 72  ? 3.101   1.079   -4.935  1.00 12.91 ? 94  VAL A CG2 1 
ATOM   584 N N   . SER A 1 73  ? 1.320   -2.710  -5.358  1.00 13.87 ? 95  SER A N   1 
ATOM   585 C CA  . SER A 1 73  ? 0.044   -3.280  -4.939  1.00 14.35 ? 95  SER A CA  1 
ATOM   586 C C   . SER A 1 73  ? 0.219   -4.182  -3.712  1.00 14.55 ? 95  SER A C   1 
ATOM   587 O O   . SER A 1 73  ? 1.185   -4.934  -3.624  1.00 14.60 ? 95  SER A O   1 
ATOM   588 C CB  . SER A 1 73  ? -0.532  -4.104  -6.094  1.00 14.30 ? 95  SER A CB  1 
ATOM   589 O OG  . SER A 1 73  ? -0.874  -3.264  -7.167  1.00 14.70 ? 95  SER A OG  1 
ATOM   590 N N   . LEU A 1 74  ? -0.728  -4.105  -2.781  1.00 15.07 ? 96  LEU A N   1 
ATOM   591 C CA  . LEU A 1 74  ? -0.634  -4.843  -1.530  1.00 15.13 ? 96  LEU A CA  1 
ATOM   592 C C   . LEU A 1 74  ? -1.551  -6.055  -1.515  1.00 15.74 ? 96  LEU A C   1 
ATOM   593 O O   . LEU A 1 74  ? -2.709  -5.973  -1.916  1.00 15.53 ? 96  LEU A O   1 
ATOM   594 C CB  . LEU A 1 74  ? -1.004  -3.943  -0.342  1.00 15.29 ? 96  LEU A CB  1 
ATOM   595 C CG  . LEU A 1 74  ? -0.900  -4.563  1.066   1.00 14.63 ? 96  LEU A CG  1 
ATOM   596 C CD1 . LEU A 1 74  ? 0.564   -4.774  1.475   1.00 15.56 ? 96  LEU A CD1 1 
ATOM   597 C CD2 . LEU A 1 74  ? -1.632  -3.710  2.095   1.00 15.18 ? 96  LEU A CD2 1 
ATOM   598 N N   . ILE A 1 75  ? -1.028  -7.165  -1.012  1.00 15.96 ? 97  ILE A N   1 
ATOM   599 C CA  . ILE A 1 75  ? -1.871  -8.274  -0.630  1.00 16.80 ? 97  ILE A CA  1 
ATOM   600 C C   . ILE A 1 75  ? -1.940  -8.388  0.894   1.00 15.94 ? 97  ILE A C   1 
ATOM   601 O O   . ILE A 1 75  ? -0.935  -8.261  1.577   1.00 15.93 ? 97  ILE A O   1 
ATOM   602 C CB  . ILE A 1 75  ? -1.418  -9.605  -1.323  1.00 16.97 ? 97  ILE A CB  1 
ATOM   603 C CG1 . ILE A 1 75  ? -2.543  -10.637 -1.302  1.00 19.74 ? 97  ILE A CG1 1 
ATOM   604 C CG2 . ILE A 1 75  ? -0.140  -10.162 -0.721  1.00 17.88 ? 97  ILE A CG2 1 
ATOM   605 C CD1 . ILE A 1 75  ? -3.458  -10.539 -2.540  1.00 22.73 ? 97  ILE A CD1 1 
ATOM   606 N N   . ILE A 1 76  ? -3.141  -8.604  1.421   1.00 15.87 ? 98  ILE A N   1 
ATOM   607 C CA  . ILE A 1 76  ? -3.320  -8.902  2.839   1.00 16.10 ? 98  ILE A CA  1 
ATOM   608 C C   . ILE A 1 76  ? -3.899  -10.309 2.921   1.00 17.33 ? 98  ILE A C   1 
ATOM   609 O O   . ILE A 1 76  ? -5.033  -10.534 2.489   1.00 16.79 ? 98  ILE A O   1 
ATOM   610 C CB  . ILE A 1 76  ? -4.297  -7.911  3.528   1.00 16.13 ? 98  ILE A CB  1 
ATOM   611 C CG1 . ILE A 1 76  ? -3.866  -6.456  3.289   1.00 15.43 ? 98  ILE A CG1 1 
ATOM   612 C CG2 . ILE A 1 76  ? -4.418  -8.227  5.037   1.00 16.29 ? 98  ILE A CG2 1 
ATOM   613 C CD1 . ILE A 1 76  ? -4.940  -5.426  3.669   1.00 15.19 ? 98  ILE A CD1 1 
ATOM   614 N N   . LYS A 1 77  ? -3.128  -11.255 3.455   1.00 17.77 ? 99  LYS A N   1 
ATOM   615 C CA  . LYS A 1 77  ? -3.553  -12.648 3.427   1.00 19.48 ? 99  LYS A CA  1 
ATOM   616 C C   . LYS A 1 77  ? -4.570  -12.955 4.513   1.00 19.36 ? 99  LYS A C   1 
ATOM   617 O O   . LYS A 1 77  ? -4.554  -12.341 5.579   1.00 19.45 ? 99  LYS A O   1 
ATOM   618 C CB  . LYS A 1 77  ? -2.360  -13.589 3.608   1.00 20.16 ? 99  LYS A CB  1 
ATOM   619 C CG  . LYS A 1 77  ? -1.269  -13.472 2.568   1.00 23.37 ? 99  LYS A CG  1 
ATOM   620 C CD  . LYS A 1 77  ? -0.177  -14.453 2.953   1.00 27.32 ? 99  LYS A CD  1 
ATOM   621 C CE  . LYS A 1 77  ? 1.061   -14.262 2.139   1.00 30.87 ? 99  LYS A CE  1 
ATOM   622 N NZ  . LYS A 1 77  ? 2.023   -15.386 2.412   1.00 34.10 ? 99  LYS A NZ  1 
ATOM   623 N N   . ASN A 1 78  ? -5.453  -13.908 4.227   1.00 19.94 ? 100 ASN A N   1 
ATOM   624 C CA  . ASN A 1 78  ? -6.342  -14.495 5.239   1.00 20.49 ? 100 ASN A CA  1 
ATOM   625 C C   . ASN A 1 78  ? -7.101  -13.440 6.044   1.00 20.18 ? 100 ASN A C   1 
ATOM   626 O O   . ASN A 1 78  ? -6.905  -13.308 7.257   1.00 20.54 ? 100 ASN A O   1 
ATOM   627 C CB  . ASN A 1 78  ? -5.532  -15.415 6.165   1.00 20.98 ? 100 ASN A CB  1 
ATOM   628 C CG  . ASN A 1 78  ? -6.404  -16.245 7.082   1.00 23.17 ? 100 ASN A CG  1 
ATOM   629 O OD1 . ASN A 1 78  ? -7.567  -16.511 6.780   1.00 26.02 ? 100 ASN A OD1 1 
ATOM   630 N ND2 . ASN A 1 78  ? -5.846  -16.650 8.221   1.00 25.17 ? 100 ASN A ND2 1 
ATOM   631 N N   . VAL A 1 79  ? -7.957  -12.670 5.370   1.00 19.82 ? 101 VAL A N   1 
ATOM   632 C CA  . VAL A 1 79  ? -8.582  -11.533 6.042   1.00 19.00 ? 101 VAL A CA  1 
ATOM   633 C C   . VAL A 1 79  ? -9.635  -11.961 7.069   1.00 19.47 ? 101 VAL A C   1 
ATOM   634 O O   . VAL A 1 79  ? -10.275 -13.004 6.922   1.00 18.97 ? 101 VAL A O   1 
ATOM   635 C CB  . VAL A 1 79  ? -9.180  -10.487 5.067   1.00 19.02 ? 101 VAL A CB  1 
ATOM   636 C CG1 . VAL A 1 79  ? -8.085  -9.886  4.166   1.00 17.84 ? 101 VAL A CG1 1 
ATOM   637 C CG2 . VAL A 1 79  ? -10.328 -11.088 4.240   1.00 18.11 ? 101 VAL A CG2 1 
ATOM   638 N N   . THR A 1 80  ? -9.772  -11.152 8.113   1.00 19.30 ? 102 THR A N   1 
ATOM   639 C CA  . THR A 1 80  ? -10.887 -11.266 9.044   1.00 19.97 ? 102 THR A CA  1 
ATOM   640 C C   . THR A 1 80  ? -11.623 -9.939  9.010   1.00 20.01 ? 102 THR A C   1 
ATOM   641 O O   . THR A 1 80  ? -11.167 -8.974  8.365   1.00 19.78 ? 102 THR A O   1 
ATOM   642 C CB  . THR A 1 80  ? -10.439 -11.586 10.503  1.00 19.68 ? 102 THR A CB  1 
ATOM   643 O OG1 . THR A 1 80  ? -9.914  -10.410 11.129  1.00 20.78 ? 102 THR A OG1 1 
ATOM   644 C CG2 . THR A 1 80  ? -9.409  -12.683 10.531  1.00 20.50 ? 102 THR A CG2 1 
ATOM   645 N N   . LEU A 1 81  ? -12.768 -9.896  9.688   1.00 19.89 ? 103 LEU A N   1 
ATOM   646 C CA  . LEU A 1 81  ? -13.520 -8.659  9.866   1.00 20.52 ? 103 LEU A CA  1 
ATOM   647 C C   . LEU A 1 81  ? -12.694 -7.465  10.410  1.00 20.16 ? 103 LEU A C   1 
ATOM   648 O O   . LEU A 1 81  ? -12.941 -6.309  10.044  1.00 20.48 ? 103 LEU A O   1 
ATOM   649 C CB  . LEU A 1 81  ? -14.752 -8.934  10.739  1.00 20.45 ? 103 LEU A CB  1 
ATOM   650 C CG  . LEU A 1 81  ? -15.882 -7.914  10.721  1.00 21.37 ? 103 LEU A CG  1 
ATOM   651 C CD1 . LEU A 1 81  ? -16.418 -7.649  9.294   1.00 21.04 ? 103 LEU A CD1 1 
ATOM   652 C CD2 . LEU A 1 81  ? -17.008 -8.356  11.668  1.00 22.05 ? 103 LEU A CD2 1 
ATOM   653 N N   . ASP A 1 82  ? -11.704 -7.747  11.256  1.00 19.71 ? 104 ASP A N   1 
ATOM   654 C CA  . ASP A 1 82  ? -10.831 -6.715  11.809  1.00 19.82 ? 104 ASP A CA  1 
ATOM   655 C C   . ASP A 1 82  ? -10.009 -5.995  10.722  1.00 19.19 ? 104 ASP A C   1 
ATOM   656 O O   . ASP A 1 82  ? -9.538  -4.882  10.938  1.00 19.01 ? 104 ASP A O   1 
ATOM   657 C CB  . ASP A 1 82  ? -9.888  -7.313  12.864  1.00 20.39 ? 104 ASP A CB  1 
ATOM   658 C CG  . ASP A 1 82  ? -9.168  -6.249  13.687  1.00 23.32 ? 104 ASP A CG  1 
ATOM   659 O OD1 . ASP A 1 82  ? -9.837  -5.489  14.434  1.00 26.43 ? 104 ASP A OD1 1 
ATOM   660 O OD2 . ASP A 1 82  ? -7.922  -6.179  13.593  1.00 25.12 ? 104 ASP A OD2 1 
ATOM   661 N N   . ASP A 1 83  ? -9.849  -6.619  9.560   1.00 18.33 ? 105 ASP A N   1 
ATOM   662 C CA  . ASP A 1 83  ? -9.119  -5.973  8.459   1.00 18.85 ? 105 ASP A CA  1 
ATOM   663 C C   . ASP A 1 83  ? -9.929  -4.909  7.709   1.00 18.65 ? 105 ASP A C   1 
ATOM   664 O O   . ASP A 1 83  ? -9.387  -4.203  6.842   1.00 18.65 ? 105 ASP A O   1 
ATOM   665 C CB  . ASP A 1 83  ? -8.559  -7.029  7.504   1.00 18.68 ? 105 ASP A CB  1 
ATOM   666 C CG  . ASP A 1 83  ? -7.487  -7.880  8.161   1.00 19.76 ? 105 ASP A CG  1 
ATOM   667 O OD1 . ASP A 1 83  ? -6.592  -7.297  8.811   1.00 19.71 ? 105 ASP A OD1 1 
ATOM   668 O OD2 . ASP A 1 83  ? -7.537  -9.125  8.039   1.00 20.36 ? 105 ASP A OD2 1 
ATOM   669 N N   . HIS A 1 84  ? -11.212 -4.766  8.037   1.00 18.12 ? 106 HIS A N   1 
ATOM   670 C CA  . HIS A 1 84  ? -12.020 -3.747  7.352   1.00 19.22 ? 106 HIS A CA  1 
ATOM   671 C C   . HIS A 1 84  ? -11.562 -2.315  7.669   1.00 18.40 ? 106 HIS A C   1 
ATOM   672 O O   . HIS A 1 84  ? -11.002 -2.047  8.733   1.00 18.11 ? 106 HIS A O   1 
ATOM   673 C CB  . HIS A 1 84  ? -13.523 -3.915  7.640   1.00 20.32 ? 106 HIS A CB  1 
ATOM   674 C CG  . HIS A 1 84  ? -13.987 -3.195  8.865   1.00 24.56 ? 106 HIS A CG  1 
ATOM   675 N ND1 . HIS A 1 84  ? -13.962 -3.767  10.119  1.00 29.63 ? 106 HIS A ND1 1 
ATOM   676 C CD2 . HIS A 1 84  ? -14.482 -1.943  9.031   1.00 29.25 ? 106 HIS A CD2 1 
ATOM   677 C CE1 . HIS A 1 84  ? -14.426 -2.902  11.005  1.00 31.42 ? 106 HIS A CE1 1 
ATOM   678 N NE2 . HIS A 1 84  ? -14.745 -1.786  10.372  1.00 31.91 ? 106 HIS A NE2 1 
ATOM   679 N N   . GLY A 1 85  ? -11.807 -1.402  6.736   1.00 17.71 ? 107 GLY A N   1 
ATOM   680 C CA  . GLY A 1 85  ? -11.566 0.017   6.978   1.00 16.80 ? 107 GLY A CA  1 
ATOM   681 C C   . GLY A 1 85  ? -10.820 0.701   5.850   1.00 16.17 ? 107 GLY A C   1 
ATOM   682 O O   . GLY A 1 85  ? -10.711 0.160   4.741   1.00 15.46 ? 107 GLY A O   1 
ATOM   683 N N   . THR A 1 86  ? -10.306 1.890   6.155   1.00 15.55 ? 108 THR A N   1 
ATOM   684 C CA  . THR A 1 86  ? -9.562  2.722   5.217   1.00 15.41 ? 108 THR A CA  1 
ATOM   685 C C   . THR A 1 86  ? -8.083  2.349   5.201   1.00 15.25 ? 108 THR A C   1 
ATOM   686 O O   . THR A 1 86  ? -7.477  2.172   6.267   1.00 15.23 ? 108 THR A O   1 
ATOM   687 C CB  . THR A 1 86  ? -9.727  4.231   5.577   1.00 15.39 ? 108 THR A CB  1 
ATOM   688 O OG1 . THR A 1 86  ? -11.110 4.566   5.530   1.00 16.19 ? 108 THR A OG1 1 
ATOM   689 C CG2 . THR A 1 86  ? -9.003  5.136   4.601   1.00 14.68 ? 108 THR A CG2 1 
ATOM   690 N N   . TYR A 1 87  ? -7.527  2.251   3.988   1.00 14.47 ? 109 TYR A N   1 
ATOM   691 C CA  . TYR A 1 87  ? -6.113  1.962   3.741   1.00 14.31 ? 109 TYR A CA  1 
ATOM   692 C C   . TYR A 1 87  ? -5.503  3.091   2.924   1.00 14.72 ? 109 TYR A C   1 
ATOM   693 O O   . TYR A 1 87  ? -6.175  3.682   2.064   1.00 14.98 ? 109 TYR A O   1 
ATOM   694 C CB  . TYR A 1 87  ? -5.936  0.610   3.011   1.00 14.21 ? 109 TYR A CB  1 
ATOM   695 C CG  . TYR A 1 87  ? -6.204  -0.565  3.924   1.00 14.00 ? 109 TYR A CG  1 
ATOM   696 C CD1 . TYR A 1 87  ? -5.159  -1.232  4.551   1.00 13.47 ? 109 TYR A CD1 1 
ATOM   697 C CD2 . TYR A 1 87  ? -7.515  -0.972  4.198   1.00 11.54 ? 109 TYR A CD2 1 
ATOM   698 C CE1 . TYR A 1 87  ? -5.397  -2.295  5.411   1.00 13.04 ? 109 TYR A CE1 1 
ATOM   699 C CE2 . TYR A 1 87  ? -7.769  -2.017  5.070   1.00 12.92 ? 109 TYR A CE2 1 
ATOM   700 C CZ  . TYR A 1 87  ? -6.702  -2.682  5.666   1.00 13.34 ? 109 TYR A CZ  1 
ATOM   701 O OH  . TYR A 1 87  ? -6.944  -3.725  6.522   1.00 14.38 ? 109 TYR A OH  1 
ATOM   702 N N   . CYS A 1 88  ? -4.234  3.393   3.210   1.00 14.45 ? 110 CYS A N   1 
ATOM   703 C CA  . CYS A 1 88  ? -3.501  4.459   2.542   1.00 14.18 ? 110 CYS A CA  1 
ATOM   704 C C   . CYS A 1 88  ? -2.292  3.889   1.797   1.00 13.37 ? 110 CYS A C   1 
ATOM   705 O O   . CYS A 1 88  ? -1.472  3.210   2.394   1.00 13.40 ? 110 CYS A O   1 
ATOM   706 C CB  . CYS A 1 88  ? -3.017  5.504   3.580   1.00 14.14 ? 110 CYS A CB  1 
ATOM   707 S SG  . CYS A 1 88  ? -1.837  6.753   2.885   1.00 15.81 ? 110 CYS A SG  1 
ATOM   708 N N   . CYS A 1 89  ? -2.205  4.151   0.497   1.00 13.61 ? 111 CYS A N   1 
ATOM   709 C CA  . CYS A 1 89  ? -0.972  3.928   -0.254  1.00 13.47 ? 111 CYS A CA  1 
ATOM   710 C C   . CYS A 1 89  ? -0.383  5.284   -0.605  1.00 13.49 ? 111 CYS A C   1 
ATOM   711 O O   . CYS A 1 89  ? -0.998  6.073   -1.324  1.00 13.78 ? 111 CYS A O   1 
ATOM   712 C CB  . CYS A 1 89  ? -1.219  3.141   -1.548  1.00 13.35 ? 111 CYS A CB  1 
ATOM   713 S SG  . CYS A 1 89  ? 0.289   2.999   -2.570  1.00 14.36 ? 111 CYS A SG  1 
ATOM   714 N N   . ARG A 1 90  ? 0.817   5.544   -0.111  1.00 13.56 ? 112 ARG A N   1 
ATOM   715 C CA  . ARG A 1 90  ? 1.440   6.838   -0.281  1.00 13.52 ? 112 ARG A CA  1 
ATOM   716 C C   . ARG A 1 90  ? 2.771   6.676   -0.985  1.00 13.65 ? 112 ARG A C   1 
ATOM   717 O O   . ARG A 1 90  ? 3.670   5.986   -0.481  1.00 12.63 ? 112 ARG A O   1 
ATOM   718 C CB  . ARG A 1 90  ? 1.675   7.493   1.083   1.00 13.53 ? 112 ARG A CB  1 
ATOM   719 C CG  . ARG A 1 90  ? 2.205   8.921   1.007   1.00 13.68 ? 112 ARG A CG  1 
ATOM   720 C CD  . ARG A 1 90  ? 2.708   9.410   2.379   1.00 14.51 ? 112 ARG A CD  1 
ATOM   721 N NE  . ARG A 1 90  ? 2.839   10.867  2.365   1.00 17.54 ? 112 ARG A NE  1 
ATOM   722 C CZ  . ARG A 1 90  ? 2.208   11.712  3.178   1.00 18.19 ? 112 ARG A CZ  1 
ATOM   723 N NH1 . ARG A 1 90  ? 1.406   11.273  4.146   1.00 17.66 ? 112 ARG A NH1 1 
ATOM   724 N NH2 . ARG A 1 90  ? 2.397   13.017  3.020   1.00 18.96 ? 112 ARG A NH2 1 
ATOM   725 N N   . ILE A 1 91  ? 2.905   7.354   -2.116  1.00 13.42 ? 113 ILE A N   1 
ATOM   726 C CA  . ILE A 1 91  ? 4.137   7.297   -2.907  1.00 14.57 ? 113 ILE A CA  1 
ATOM   727 C C   . ILE A 1 91  ? 4.852   8.629   -2.708  1.00 15.30 ? 113 ILE A C   1 
ATOM   728 O O   . ILE A 1 91  ? 4.335   9.691   -3.069  1.00 14.92 ? 113 ILE A O   1 
ATOM   729 C CB  . ILE A 1 91  ? 3.854   6.958   -4.405  1.00 14.40 ? 113 ILE A CB  1 
ATOM   730 C CG1 . ILE A 1 91  ? 3.252   5.548   -4.512  1.00 15.29 ? 113 ILE A CG1 1 
ATOM   731 C CG2 . ILE A 1 91  ? 5.149   7.022   -5.242  1.00 13.90 ? 113 ILE A CG2 1 
ATOM   732 C CD1 . ILE A 1 91  ? 2.267   5.401   -5.649  1.00 17.84 ? 113 ILE A CD1 1 
ATOM   733 N N   . GLN A 1 92  ? 6.021   8.563   -2.082  1.00 16.03 ? 114 GLN A N   1 
ATOM   734 C CA  . GLN A 1 92  ? 6.675   9.755   -1.570  1.00 17.87 ? 114 GLN A CA  1 
ATOM   735 C C   . GLN A 1 92  ? 7.640   10.404  -2.560  1.00 18.24 ? 114 GLN A C   1 
ATOM   736 O O   . GLN A 1 92  ? 8.851   10.417  -2.350  1.00 18.34 ? 114 GLN A O   1 
ATOM   737 C CB  . GLN A 1 92  ? 7.356   9.456   -0.241  1.00 17.73 ? 114 GLN A CB  1 
ATOM   738 C CG  . GLN A 1 92  ? 6.378   9.013   0.837   1.00 19.89 ? 114 GLN A CG  1 
ATOM   739 C CD  . GLN A 1 92  ? 7.080   8.640   2.130   1.00 23.27 ? 114 GLN A CD  1 
ATOM   740 O OE1 . GLN A 1 92  ? 6.841   9.237   3.183   1.00 24.83 ? 114 GLN A OE1 1 
ATOM   741 N NE2 . GLN A 1 92  ? 7.968   7.669   2.050   1.00 23.20 ? 114 GLN A NE2 1 
ATOM   742 N N   . PHE A 1 93  ? 7.078   10.923  -3.642  1.00 19.44 ? 115 PHE A N   1 
ATOM   743 C CA  . PHE A 1 93  ? 7.818   11.738  -4.602  1.00 20.67 ? 115 PHE A CA  1 
ATOM   744 C C   . PHE A 1 93  ? 8.519   12.902  -3.898  1.00 21.91 ? 115 PHE A C   1 
ATOM   745 O O   . PHE A 1 93  ? 7.885   13.651  -3.149  1.00 22.23 ? 115 PHE A O   1 
ATOM   746 C CB  . PHE A 1 93  ? 6.880   12.269  -5.680  1.00 20.80 ? 115 PHE A CB  1 
ATOM   747 C CG  . PHE A 1 93  ? 6.361   11.211  -6.619  1.00 21.28 ? 115 PHE A CG  1 
ATOM   748 C CD1 . PHE A 1 93  ? 7.219   10.580  -7.521  1.00 20.25 ? 115 PHE A CD1 1 
ATOM   749 C CD2 . PHE A 1 93  ? 5.010   10.862  -6.619  1.00 22.16 ? 115 PHE A CD2 1 
ATOM   750 C CE1 . PHE A 1 93  ? 6.741   9.612   -8.392  1.00 21.34 ? 115 PHE A CE1 1 
ATOM   751 C CE2 . PHE A 1 93  ? 4.523   9.897   -7.495  1.00 21.94 ? 115 PHE A CE2 1 
ATOM   752 C CZ  . PHE A 1 93  ? 5.400   9.263   -8.376  1.00 20.33 ? 115 PHE A CZ  1 
ATOM   753 N N   . PRO A 1 94  ? 9.838   13.049  -4.116  1.00 22.80 ? 116 PRO A N   1 
ATOM   754 C CA  . PRO A 1 94  ? 10.601  14.151  -3.520  1.00 23.37 ? 116 PRO A CA  1 
ATOM   755 C C   . PRO A 1 94  ? 9.929   15.536  -3.638  1.00 24.18 ? 116 PRO A C   1 
ATOM   756 O O   . PRO A 1 94  ? 9.321   15.846  -4.668  1.00 24.35 ? 116 PRO A O   1 
ATOM   757 C CB  . PRO A 1 94  ? 11.913  14.121  -4.312  1.00 23.47 ? 116 PRO A CB  1 
ATOM   758 C CG  . PRO A 1 94  ? 12.105  12.691  -4.644  1.00 22.93 ? 116 PRO A CG  1 
ATOM   759 C CD  . PRO A 1 94  ? 10.709  12.142  -4.894  1.00 22.88 ? 116 PRO A CD  1 
ATOM   760 N N   . GLY A 1 95  ? 10.041  16.341  -2.581  1.00 24.83 ? 117 GLY A N   1 
ATOM   761 C CA  . GLY A 1 95  ? 9.587   17.735  -2.598  1.00 25.78 ? 117 GLY A CA  1 
ATOM   762 C C   . GLY A 1 95  ? 8.330   17.969  -1.780  1.00 26.32 ? 117 GLY A C   1 
ATOM   763 O O   . GLY A 1 95  ? 7.530   17.062  -1.588  1.00 26.66 ? 117 GLY A O   1 
ATOM   764 N N   . LEU A 1 96  ? 8.151   19.187  -1.285  1.00 26.92 ? 118 LEU A N   1 
ATOM   765 C CA  . LEU A 1 96  ? 7.006   19.481  -0.420  1.00 27.06 ? 118 LEU A CA  1 
ATOM   766 C C   . LEU A 1 96  ? 5.693   19.254  -1.164  1.00 26.62 ? 118 LEU A C   1 
ATOM   767 O O   . LEU A 1 96  ? 5.536   19.675  -2.308  1.00 26.91 ? 118 LEU A O   1 
ATOM   768 C CB  . LEU A 1 96  ? 7.093   20.895  0.156   1.00 27.14 ? 118 LEU A CB  1 
ATOM   769 C CG  . LEU A 1 96  ? 5.879   21.478  0.899   1.00 27.32 ? 118 LEU A CG  1 
ATOM   770 C CD1 . LEU A 1 96  ? 5.536   20.683  2.149   1.00 27.72 ? 118 LEU A CD1 1 
ATOM   771 C CD2 . LEU A 1 96  ? 6.144   22.938  1.247   1.00 27.35 ? 118 LEU A CD2 1 
ATOM   772 N N   . MET A 1 97  ? 4.775   18.551  -0.502  1.00 26.22 ? 119 MET A N   1 
ATOM   773 C CA  . MET A 1 97  ? 3.439   18.228  -1.035  1.00 26.01 ? 119 MET A CA  1 
ATOM   774 C C   . MET A 1 97  ? 3.413   17.560  -2.422  1.00 25.88 ? 119 MET A C   1 
ATOM   775 O O   . MET A 1 97  ? 2.461   17.734  -3.183  1.00 26.06 ? 119 MET A O   1 
ATOM   776 C CB  . MET A 1 97  ? 2.520   19.460  -0.990  1.00 25.84 ? 119 MET A CB  1 
ATOM   777 C CG  . MET A 1 97  ? 2.212   19.936  0.431   1.00 25.71 ? 119 MET A CG  1 
ATOM   778 S SD  . MET A 1 97  ? 0.831   21.100  0.497   1.00 25.42 ? 119 MET A SD  1 
ATOM   779 C CE  . MET A 1 97  ? -0.549  19.944  0.350   1.00 26.76 ? 119 MET A CE  1 
ATOM   780 N N   . ASN A 1 98  ? 4.454   16.789  -2.732  1.00 25.68 ? 120 ASN A N   1 
ATOM   781 C CA  . ASN A 1 98  ? 4.566   16.115  -4.024  1.00 25.78 ? 120 ASN A CA  1 
ATOM   782 C C   . ASN A 1 98  ? 4.073   14.676  -3.954  1.00 25.30 ? 120 ASN A C   1 
ATOM   783 O O   . ASN A 1 98  ? 3.864   14.030  -4.986  1.00 25.46 ? 120 ASN A O   1 
ATOM   784 C CB  . ASN A 1 98  ? 6.004   16.175  -4.555  1.00 26.01 ? 120 ASN A CB  1 
ATOM   785 C CG  . ASN A 1 98  ? 6.351   17.535  -5.186  1.00 28.04 ? 120 ASN A CG  1 
ATOM   786 O OD1 . ASN A 1 98  ? 7.521   17.921  -5.263  1.00 30.26 ? 120 ASN A OD1 1 
ATOM   787 N ND2 . ASN A 1 98  ? 5.332   18.260  -5.631  1.00 28.92 ? 120 ASN A ND2 1 
ATOM   788 N N   . ASP A 1 99  ? 3.864   14.194  -2.731  1.00 24.76 ? 121 ASP A N   1 
ATOM   789 C CA  . ASP A 1 99  ? 3.396   12.826  -2.499  1.00 24.42 ? 121 ASP A CA  1 
ATOM   790 C C   . ASP A 1 99  ? 2.090   12.522  -3.219  1.00 24.00 ? 121 ASP A C   1 
ATOM   791 O O   . ASP A 1 99  ? 1.176   13.348  -3.265  1.00 24.22 ? 121 ASP A O   1 
ATOM   792 C CB  . ASP A 1 99  ? 3.243   12.540  -1.002  1.00 24.49 ? 121 ASP A CB  1 
ATOM   793 C CG  . ASP A 1 99  ? 4.579   12.466  -0.271  1.00 25.86 ? 121 ASP A CG  1 
ATOM   794 O OD1 . ASP A 1 99  ? 4.576   12.114  0.921   1.00 26.79 ? 121 ASP A OD1 1 
ATOM   795 O OD2 . ASP A 1 99  ? 5.643   12.748  -0.872  1.00 30.34 ? 121 ASP A OD2 1 
ATOM   796 N N   . LYS A 1 100 ? 2.022   11.329  -3.793  1.00 23.11 ? 122 LYS A N   1 
ATOM   797 C CA  . LYS A 1 100 ? 0.803   10.819  -4.372  1.00 23.16 ? 122 LYS A CA  1 
ATOM   798 C C   . LYS A 1 100 ? 0.119   9.948   -3.310  1.00 22.22 ? 122 LYS A C   1 
ATOM   799 O O   . LYS A 1 100 ? 0.667   8.928   -2.884  1.00 21.88 ? 122 LYS A O   1 
ATOM   800 C CB  . LYS A 1 100 ? 1.139   10.030  -5.635  1.00 23.49 ? 122 LYS A CB  1 
ATOM   801 C CG  . LYS A 1 100 ? -0.036  9.419   -6.386  1.00 26.02 ? 122 LYS A CG  1 
ATOM   802 C CD  . LYS A 1 100 ? 0.511   8.829   -7.686  1.00 28.17 ? 122 LYS A CD  1 
ATOM   803 C CE  . LYS A 1 100 ? -0.412  7.803   -8.297  1.00 29.16 ? 122 LYS A CE  1 
ATOM   804 N NZ  . LYS A 1 100 ? 0.376   6.862   -9.122  1.00 26.84 ? 122 LYS A NZ  1 
ATOM   805 N N   . LYS A 1 101 ? -1.061  10.375  -2.878  1.00 21.32 ? 123 LYS A N   1 
ATOM   806 C CA  . LYS A 1 101 ? -1.771  9.755   -1.752  1.00 20.99 ? 123 LYS A CA  1 
ATOM   807 C C   . LYS A 1 101 ? -3.063  9.108   -2.210  1.00 20.57 ? 123 LYS A C   1 
ATOM   808 O O   . LYS A 1 101 ? -3.941  9.770   -2.785  1.00 21.43 ? 123 LYS A O   1 
ATOM   809 C CB  . LYS A 1 101 ? -2.085  10.783  -0.662  1.00 21.12 ? 123 LYS A CB  1 
ATOM   810 C CG  . LYS A 1 101 ? -0.870  11.433  -0.035  1.00 23.16 ? 123 LYS A CG  1 
ATOM   811 C CD  . LYS A 1 101 ? -1.216  12.153  1.261   1.00 27.47 ? 123 LYS A CD  1 
ATOM   812 C CE  . LYS A 1 101 ? -1.590  13.605  1.038   1.00 31.11 ? 123 LYS A CE  1 
ATOM   813 N NZ  . LYS A 1 101 ? -1.680  14.338  2.358   1.00 31.92 ? 123 LYS A NZ  1 
ATOM   814 N N   . LEU A 1 102 ? -3.189  7.815   -1.946  1.00 18.95 ? 124 LEU A N   1 
ATOM   815 C CA  . LEU A 1 102 ? -4.346  7.064   -2.400  1.00 18.01 ? 124 LEU A CA  1 
ATOM   816 C C   . LEU A 1 102 ? -4.998  6.437   -1.184  1.00 16.93 ? 124 LEU A C   1 
ATOM   817 O O   . LEU A 1 102 ? -4.305  5.830   -0.373  1.00 16.40 ? 124 LEU A O   1 
ATOM   818 C CB  . LEU A 1 102 ? -3.916  5.967   -3.381  1.00 18.45 ? 124 LEU A CB  1 
ATOM   819 C CG  . LEU A 1 102 ? -5.023  4.997   -3.822  1.00 18.95 ? 124 LEU A CG  1 
ATOM   820 C CD1 . LEU A 1 102 ? -5.974  5.682   -4.795  1.00 19.72 ? 124 LEU A CD1 1 
ATOM   821 C CD2 . LEU A 1 102 ? -4.432  3.743   -4.447  1.00 18.72 ? 124 LEU A CD2 1 
ATOM   822 N N   . GLU A 1 103 ? -6.309  6.605   -1.046  1.00 15.81 ? 125 GLU A N   1 
ATOM   823 C CA  . GLU A 1 103 ? -7.064  5.919   0.006   1.00 15.91 ? 125 GLU A CA  1 
ATOM   824 C C   . GLU A 1 103 ? -8.123  4.990   -0.606  1.00 15.77 ? 125 GLU A C   1 
ATOM   825 O O   . GLU A 1 103 ? -8.807  5.364   -1.562  1.00 15.70 ? 125 GLU A O   1 
ATOM   826 C CB  . GLU A 1 103 ? -7.720  6.936   0.941   1.00 15.60 ? 125 GLU A CB  1 
ATOM   827 C CG  . GLU A 1 103 ? -6.719  7.697   1.778   1.00 15.12 ? 125 GLU A CG  1 
ATOM   828 C CD  . GLU A 1 103 ? -7.248  9.014   2.315   1.00 15.37 ? 125 GLU A CD  1 
ATOM   829 O OE1 . GLU A 1 103 ? -8.338  9.475   1.891   1.00 13.89 ? 125 GLU A OE1 1 
ATOM   830 O OE2 . GLU A 1 103 ? -6.551  9.594   3.165   1.00 13.58 ? 125 GLU A OE2 1 
ATOM   831 N N   . LEU A 1 104 ? -8.236  3.779   -0.067  1.00 15.51 ? 126 LEU A N   1 
ATOM   832 C CA  . LEU A 1 104 ? -9.187  2.787   -0.574  1.00 15.14 ? 126 LEU A CA  1 
ATOM   833 C C   . LEU A 1 104 ? -9.943  2.252   0.627   1.00 15.41 ? 126 LEU A C   1 
ATOM   834 O O   . LEU A 1 104 ? -9.370  2.149   1.705   1.00 15.05 ? 126 LEU A O   1 
ATOM   835 C CB  . LEU A 1 104 ? -8.456  1.622   -1.277  1.00 15.14 ? 126 LEU A CB  1 
ATOM   836 C CG  . LEU A 1 104 ? -7.460  1.898   -2.428  1.00 16.15 ? 126 LEU A CG  1 
ATOM   837 C CD1 . LEU A 1 104 ? -6.625  0.653   -2.750  1.00 15.74 ? 126 LEU A CD1 1 
ATOM   838 C CD2 . LEU A 1 104 ? -8.163  2.389   -3.675  1.00 17.81 ? 126 LEU A CD2 1 
ATOM   839 N N   . LYS A 1 105 ? -11.221 1.914   0.441   1.00 15.62 ? 127 LYS A N   1 
ATOM   840 C CA  . LYS A 1 105 ? -12.001 1.272   1.498   1.00 16.38 ? 127 LYS A CA  1 
ATOM   841 C C   . LYS A 1 105 ? -11.995 -0.246  1.331   1.00 16.28 ? 127 LYS A C   1 
ATOM   842 O O   . LYS A 1 105 ? -12.240 -0.763  0.236   1.00 16.55 ? 127 LYS A O   1 
ATOM   843 C CB  . LYS A 1 105 ? -13.445 1.791   1.522   1.00 16.68 ? 127 LYS A CB  1 
ATOM   844 C CG  . LYS A 1 105 ? -14.269 1.240   2.718   1.00 18.57 ? 127 LYS A CG  1 
ATOM   845 C CD  . LYS A 1 105 ? -13.847 1.916   4.041   1.00 22.89 ? 127 LYS A CD  1 
ATOM   846 C CE  . LYS A 1 105 ? -14.446 3.325   4.142   1.00 24.17 ? 127 LYS A CE  1 
ATOM   847 N NZ  . LYS A 1 105 ? -13.876 4.142   5.247   1.00 28.19 ? 127 LYS A NZ  1 
ATOM   848 N N   . LEU A 1 106 ? -11.713 -0.966  2.410   1.00 16.16 ? 128 LEU A N   1 
ATOM   849 C CA  . LEU A 1 106 ? -11.802 -2.408  2.360   1.00 16.15 ? 128 LEU A CA  1 
ATOM   850 C C   . LEU A 1 106 ? -12.976 -2.849  3.222   1.00 16.86 ? 128 LEU A C   1 
ATOM   851 O O   . LEU A 1 106 ? -13.028 -2.524  4.404   1.00 16.58 ? 128 LEU A O   1 
ATOM   852 C CB  . LEU A 1 106 ? -10.498 -3.074  2.825   1.00 15.86 ? 128 LEU A CB  1 
ATOM   853 C CG  . LEU A 1 106 ? -10.516 -4.615  2.862   1.00 15.94 ? 128 LEU A CG  1 
ATOM   854 C CD1 . LEU A 1 106 ? -10.749 -5.211  1.485   1.00 15.99 ? 128 LEU A CD1 1 
ATOM   855 C CD2 . LEU A 1 106 ? -9.257  -5.211  3.491   1.00 15.78 ? 128 LEU A CD2 1 
ATOM   856 N N   . ASP A 1 107 ? -13.901 -3.586  2.616   1.00 17.40 ? 129 ASP A N   1 
ATOM   857 C CA  . ASP A 1 107 ? -15.009 -4.216  3.334   1.00 19.47 ? 129 ASP A CA  1 
ATOM   858 C C   . ASP A 1 107 ? -14.897 -5.732  3.313   1.00 19.59 ? 129 ASP A C   1 
ATOM   859 O O   . ASP A 1 107 ? -14.453 -6.330  2.328   1.00 19.81 ? 129 ASP A O   1 
ATOM   860 C CB  . ASP A 1 107 ? -16.379 -3.757  2.800   1.00 19.54 ? 129 ASP A CB  1 
ATOM   861 C CG  . ASP A 1 107 ? -16.770 -2.373  3.316   1.00 23.27 ? 129 ASP A CG  1 
ATOM   862 O OD1 . ASP A 1 107 ? -16.575 -2.095  4.525   1.00 25.44 ? 129 ASP A OD1 1 
ATOM   863 O OD2 . ASP A 1 107 ? -17.286 -1.561  2.518   1.00 26.55 ? 129 ASP A OD2 1 
ATOM   864 N N   . ILE A 1 108 ? -15.304 -6.349  4.415   1.00 20.59 ? 130 ILE A N   1 
ATOM   865 C CA  . ILE A 1 108 ? -15.160 -7.786  4.594   1.00 21.38 ? 130 ILE A CA  1 
ATOM   866 C C   . ILE A 1 108 ? -16.549 -8.402  4.538   1.00 23.00 ? 130 ILE A C   1 
ATOM   867 O O   . ILE A 1 108 ? -17.440 -8.004  5.301   1.00 22.91 ? 130 ILE A O   1 
ATOM   868 C CB  . ILE A 1 108 ? -14.434 -8.148  5.930   1.00 21.16 ? 130 ILE A CB  1 
ATOM   869 C CG1 . ILE A 1 108 ? -13.051 -7.472  6.038   1.00 20.71 ? 130 ILE A CG1 1 
ATOM   870 C CG2 . ILE A 1 108 ? -14.295 -9.661  6.085   1.00 20.52 ? 130 ILE A CG2 1 
ATOM   871 C CD1 . ILE A 1 108 ? -12.050 -7.792  4.903   1.00 19.95 ? 130 ILE A CD1 1 
ATOM   872 N N   . LYS A 1 109 ? -16.726 -9.356  3.622   1.00 23.88 ? 131 LYS A N   1 
ATOM   873 C CA  . LYS A 1 109 ? -18.026 -9.953  3.335   1.00 25.63 ? 131 LYS A CA  1 
ATOM   874 C C   . LYS A 1 109 ? -18.043 -11.469 3.610   1.00 26.32 ? 131 LYS A C   1 
ATOM   875 O O   . LYS A 1 109 ? -17.040 -12.090 3.981   1.00 26.42 ? 131 LYS A O   1 
ATOM   876 C CB  . LYS A 1 109 ? -18.423 -9.676  1.876   1.00 25.48 ? 131 LYS A CB  1 
ATOM   877 C CG  . LYS A 1 109 ? -17.622 -10.494 0.873   1.00 26.68 ? 131 LYS A CG  1 
ATOM   878 C CD  . LYS A 1 109 ? -18.037 -10.265 -0.575  1.00 26.30 ? 131 LYS A CD  1 
ATOM   879 C CE  . LYS A 1 109 ? -16.987 -10.851 -1.502  1.00 27.09 ? 131 LYS A CE  1 
ATOM   880 N NZ  . LYS A 1 109 ? -17.442 -10.928 -2.918  1.00 28.60 ? 131 LYS A NZ  1 
ATOM   881 O OXT . LYS A 1 109 ? -19.083 -12.123 3.442   1.00 27.38 ? 131 LYS A OXT 1 
HETATM 882 S S   . SO4 B 2 .   ? -0.805  -9.312  11.717  1.00 49.24 ? 500 SO4 A S   1 
HETATM 883 O O1  . SO4 B 2 .   ? 0.255   -8.305  11.768  1.00 48.17 ? 500 SO4 A O1  1 
HETATM 884 O O2  . SO4 B 2 .   ? -0.869  -10.008 13.002  1.00 49.28 ? 500 SO4 A O2  1 
HETATM 885 O O3  . SO4 B 2 .   ? -2.096  -8.655  11.468  1.00 49.04 ? 500 SO4 A O3  1 
HETATM 886 O O4  . SO4 B 2 .   ? -0.526  -10.274 10.653  1.00 48.43 ? 500 SO4 A O4  1 
HETATM 887 O O   . HOH C 3 .   ? -2.177  5.546   6.920   1.00 10.88 ? 501 HOH A O   1 
HETATM 888 O O   . HOH C 3 .   ? -10.129 5.625   -3.875  1.00 15.57 ? 502 HOH A O   1 
HETATM 889 O O   . HOH C 3 .   ? -5.126  -5.237  8.146   1.00 19.00 ? 503 HOH A O   1 
HETATM 890 O O   . HOH C 3 .   ? 8.851   1.125   -6.046  1.00 15.36 ? 504 HOH A O   1 
HETATM 891 O O   . HOH C 3 .   ? 9.964   1.997   -3.460  1.00 16.65 ? 505 HOH A O   1 
HETATM 892 O O   . HOH C 3 .   ? -0.493  6.630   -4.022  1.00 19.06 ? 506 HOH A O   1 
HETATM 893 O O   . HOH C 3 .   ? 2.800   8.304   -11.447 1.00 25.51 ? 507 HOH A O   1 
HETATM 894 O O   . HOH C 3 .   ? -12.855 -12.599 -2.037  1.00 13.97 ? 508 HOH A O   1 
HETATM 895 O O   . HOH C 3 .   ? -2.365  0.560   -9.714  1.00 23.41 ? 509 HOH A O   1 
HETATM 896 O O   . HOH C 3 .   ? 0.211   -6.379  -8.646  1.00 22.19 ? 510 HOH A O   1 
HETATM 897 O O   . HOH C 3 .   ? 13.629  -6.046  -4.942  1.00 24.10 ? 511 HOH A O   1 
HETATM 898 O O   . HOH C 3 .   ? 4.989   -12.518 10.704  1.00 24.22 ? 512 HOH A O   1 
HETATM 899 O O   . HOH C 3 .   ? 0.870   -5.094  -12.604 1.00 20.51 ? 513 HOH A O   1 
HETATM 900 O O   . HOH C 3 .   ? -16.698 -4.710  6.428   1.00 18.95 ? 514 HOH A O   1 
HETATM 901 O O   . HOH C 3 .   ? -11.526 -7.859  -3.766  1.00 23.47 ? 515 HOH A O   1 
HETATM 902 O O   . HOH C 3 .   ? 3.986   -6.167  -10.898 1.00 19.24 ? 516 HOH A O   1 
HETATM 903 O O   . HOH C 3 .   ? 11.321  4.898   3.250   1.00 18.82 ? 517 HOH A O   1 
HETATM 904 O O   . HOH C 3 .   ? 13.291  8.640   -5.181  1.00 20.62 ? 518 HOH A O   1 
HETATM 905 O O   . HOH C 3 .   ? 13.407  9.703   -2.573  1.00 23.75 ? 519 HOH A O   1 
HETATM 906 O O   . HOH C 3 .   ? -7.387  -9.767  10.669  1.00 28.64 ? 520 HOH A O   1 
HETATM 907 O O   . HOH C 3 .   ? -8.681  1.886   8.731   1.00 19.72 ? 521 HOH A O   1 
HETATM 908 O O   . HOH C 3 .   ? -9.131  -6.325  -5.290  1.00 17.76 ? 522 HOH A O   1 
HETATM 909 O O   . HOH C 3 .   ? 3.120   -1.711  12.127  1.00 19.45 ? 523 HOH A O   1 
HETATM 910 O O   . HOH C 3 .   ? 7.645   -6.310  -4.995  1.00 12.81 ? 524 HOH A O   1 
HETATM 911 O O   . HOH C 3 .   ? -7.475  8.916   -2.529  1.00 16.51 ? 525 HOH A O   1 
HETATM 912 O O   . HOH C 3 .   ? 11.222  10.447  -0.859  1.00 25.95 ? 526 HOH A O   1 
HETATM 913 O O   . HOH C 3 .   ? 10.474  15.339  0.159   1.00 28.37 ? 527 HOH A O   1 
HETATM 914 O O   . HOH C 3 .   ? -2.077  3.932   -8.052  1.00 21.86 ? 528 HOH A O   1 
HETATM 915 O O   . HOH C 3 .   ? -8.006  -0.986  12.788  1.00 33.87 ? 529 HOH A O   1 
HETATM 916 O O   . HOH C 3 .   ? -9.394  4.542   -6.558  1.00 34.63 ? 530 HOH A O   1 
HETATM 917 O O   . HOH C 3 .   ? -6.444  -7.532  11.857  1.00 29.71 ? 531 HOH A O   1 
HETATM 918 O O   . HOH C 3 .   ? 3.612   1.158   -12.641 1.00 32.87 ? 532 HOH A O   1 
HETATM 919 O O   . HOH C 3 .   ? -2.946  -16.105 8.772   1.00 33.83 ? 533 HOH A O   1 
HETATM 920 O O   . HOH C 3 .   ? 8.455   -8.157  1.857   1.00 39.93 ? 534 HOH A O   1 
HETATM 921 O O   . HOH C 3 .   ? -13.968 -12.251 10.542  1.00 23.51 ? 535 HOH A O   1 
HETATM 922 O O   . HOH C 3 .   ? 8.780   -8.309  -12.690 1.00 29.39 ? 536 HOH A O   1 
HETATM 923 O O   . HOH C 3 .   ? -16.942 -3.348  -3.926  1.00 31.34 ? 537 HOH A O   1 
HETATM 924 O O   . HOH C 3 .   ? -0.128  -1.326  11.806  1.00 27.76 ? 538 HOH A O   1 
HETATM 925 O O   . HOH C 3 .   ? -16.185 6.916   0.282   1.00 27.46 ? 539 HOH A O   1 
HETATM 926 O O   . HOH C 3 .   ? -1.401  6.120   -6.548  1.00 22.95 ? 540 HOH A O   1 
HETATM 927 O O   . HOH C 3 .   ? 3.551   -4.961  -5.298  1.00 28.16 ? 541 HOH A O   1 
HETATM 928 O O   . HOH C 3 .   ? -7.156  7.116   9.901   1.00 29.17 ? 542 HOH A O   1 
HETATM 929 O O   . HOH C 3 .   ? 15.677  -1.403  1.556   1.00 28.11 ? 543 HOH A O   1 
HETATM 930 O O   . HOH C 3 .   ? -15.706 2.237   -6.296  1.00 30.99 ? 544 HOH A O   1 
HETATM 931 O O   . HOH C 3 .   ? -15.766 -8.967  -4.205  1.00 27.63 ? 545 HOH A O   1 
HETATM 932 O O   . HOH C 3 .   ? 7.419   14.331  -0.308  1.00 31.73 ? 546 HOH A O   1 
HETATM 933 O O   . HOH C 3 .   ? 14.781  -8.614  -1.445  1.00 24.28 ? 547 HOH A O   1 
HETATM 934 O O   . HOH C 3 .   ? 0.906   -9.107  -8.621  1.00 26.58 ? 548 HOH A O   1 
HETATM 935 O O   . HOH C 3 .   ? 14.105  -1.339  -11.293 1.00 31.77 ? 549 HOH A O   1 
HETATM 936 O O   . HOH C 3 .   ? 14.855  -2.580  6.991   1.00 24.13 ? 550 HOH A O   1 
HETATM 937 O O   . HOH C 3 .   ? 17.602  10.242  -0.953  1.00 36.05 ? 551 HOH A O   1 
HETATM 938 O O   . HOH C 3 .   ? -2.145  12.727  -3.888  1.00 29.39 ? 552 HOH A O   1 
HETATM 939 O O   . HOH C 3 .   ? -15.852 -1.430  0.383   1.00 34.00 ? 553 HOH A O   1 
HETATM 940 O O   . HOH C 3 .   ? 5.459   -5.475  13.277  1.00 28.48 ? 554 HOH A O   1 
HETATM 941 O O   . HOH C 3 .   ? 5.210   19.546  9.353   1.00 33.43 ? 555 HOH A O   1 
HETATM 942 O O   . HOH C 3 .   ? 11.432  -7.077  -2.180  1.00 30.28 ? 556 HOH A O   1 
HETATM 943 O O   . HOH C 3 .   ? 6.841   -9.386  -2.579  1.00 31.43 ? 557 HOH A O   1 
HETATM 944 O O   . HOH C 3 .   ? -6.249  0.649   12.302  1.00 41.27 ? 558 HOH A O   1 
HETATM 945 O O   . HOH C 3 .   ? -15.061 5.598   -8.823  1.00 24.37 ? 559 HOH A O   1 
HETATM 946 O O   . HOH C 3 .   ? 6.747   -7.914  0.213   1.00 28.33 ? 560 HOH A O   1 
HETATM 947 O O   . HOH C 3 .   ? -7.637  -15.525 -1.718  1.00 31.74 ? 561 HOH A O   1 
HETATM 948 O O   . HOH C 3 .   ? -5.912  1.876   -6.918  1.00 26.38 ? 562 HOH A O   1 
HETATM 949 O O   . HOH C 3 .   ? 7.930   5.463   3.270   1.00 29.82 ? 563 HOH A O   1 
HETATM 950 O O   . HOH C 3 .   ? 9.224   14.742  -7.085  1.00 32.53 ? 564 HOH A O   1 
HETATM 951 O O   . HOH C 3 .   ? 6.813   21.206  -3.850  1.00 33.19 ? 565 HOH A O   1 
HETATM 952 O O   . HOH C 3 .   ? 11.856  7.912   -10.373 1.00 39.35 ? 566 HOH A O   1 
HETATM 953 O O   . HOH C 3 .   ? 16.252  3.883   3.854   1.00 31.61 ? 567 HOH A O   1 
HETATM 954 O O   . HOH C 3 .   ? 10.193  7.612   3.314   1.00 27.98 ? 568 HOH A O   1 
HETATM 955 O O   . HOH C 3 .   ? -2.818  -1.734  11.539  1.00 29.59 ? 569 HOH A O   1 
HETATM 956 O O   . HOH C 3 .   ? -11.410 0.133   11.036  1.00 41.00 ? 570 HOH A O   1 
HETATM 957 O O   . HOH C 3 .   ? 8.441   -6.895  -2.481  1.00 33.90 ? 571 HOH A O   1 
HETATM 958 O O   . HOH C 3 .   ? -4.052  9.276   -5.807  1.00 31.90 ? 572 HOH A O   1 
HETATM 959 O O   . HOH C 3 .   ? 11.545  9.469   1.828   1.00 34.34 ? 573 HOH A O   1 
HETATM 960 O O   . HOH C 3 .   ? -9.073  -8.844  -3.373  1.00 32.27 ? 574 HOH A O   1 
HETATM 961 O O   . HOH C 3 .   ? 0.599   15.664  2.799   1.00 34.61 ? 575 HOH A O   1 
HETATM 962 O O   . HOH C 3 .   ? 4.414   -8.646  -11.162 1.00 26.66 ? 576 HOH A O   1 
HETATM 963 O O   . HOH C 3 .   ? 3.140   10.386  10.674  1.00 28.16 ? 577 HOH A O   1 
HETATM 964 O O   . HOH C 3 .   ? -11.089 -2.498  11.860  1.00 30.75 ? 578 HOH A O   1 
HETATM 965 O O   . HOH C 3 .   ? -17.513 -15.032 4.298   1.00 30.26 ? 579 HOH A O   1 
HETATM 966 O O   . HOH C 3 .   ? 5.841   11.628  4.041   1.00 33.30 ? 580 HOH A O   1 
HETATM 967 O O   . HOH C 3 .   ? 11.776  1.013   -18.737 1.00 33.07 ? 581 HOH A O   1 
HETATM 968 O O   . HOH C 3 .   ? 9.469   -11.027 4.134   1.00 30.72 ? 582 HOH A O   1 
HETATM 969 O O   . HOH C 3 .   ? 7.500   11.123  9.599   1.00 44.01 ? 583 HOH A O   1 
HETATM 970 O O   . HOH C 3 .   ? 20.697  -0.764  1.461   1.00 32.62 ? 584 HOH A O   1 
HETATM 971 O O   . HOH C 3 .   ? -9.732  -15.428 8.284   1.00 31.84 ? 585 HOH A O   1 
HETATM 972 O O   . HOH C 3 .   ? -8.395  -13.479 -3.101  1.00 48.37 ? 586 HOH A O   1 
HETATM 973 O O   . HOH C 3 .   ? 4.711   16.356  4.632   1.00 32.34 ? 587 HOH A O   1 
HETATM 974 O O   . HOH C 3 .   ? -11.419 -17.776 8.200   1.00 43.57 ? 588 HOH A O   1 
HETATM 975 O O   . HOH C 3 .   ? -18.954 -14.521 2.134   1.00 47.37 ? 589 HOH A O   1 
HETATM 976 O O   . HOH C 3 .   ? 7.234   9.185   -12.005 1.00 37.24 ? 590 HOH A O   1 
HETATM 977 O O   . HOH C 3 .   ? -11.502 4.128   8.759   1.00 38.03 ? 591 HOH A O   1 
HETATM 978 O O   . HOH C 3 .   ? 10.455  -8.248  -7.068  1.00 42.18 ? 592 HOH A O   1 
HETATM 979 O O   . HOH C 3 .   ? 0.574   -15.227 6.869   1.00 42.58 ? 593 HOH A O   1 
HETATM 980 O O   . HOH C 3 .   ? 4.513   15.562  0.657   1.00 36.96 ? 594 HOH A O   1 
HETATM 981 O O   . HOH C 3 .   ? -9.186  5.344   9.886   1.00 46.10 ? 595 HOH A O   1 
HETATM 982 O O   . HOH C 3 .   ? 2.310   15.440  0.815   1.00 39.27 ? 596 HOH A O   1 
# 
